data_9DRD
#
_entry.id   9DRD
#
_cell.length_a   92.737
_cell.length_b   79.718
_cell.length_c   115.710
_cell.angle_alpha   90.00
_cell.angle_beta   90.35
_cell.angle_gamma   90.00
#
_symmetry.space_group_name_H-M   'P 1 21 1'
#
loop_
_entity.id
_entity.type
_entity.pdbx_description
1 polymer 'ADP-ribose pyrophosphatase'
2 non-polymer DI(HYDROXYETHYL)ETHER
3 water water
#
_entity_poly.entity_id   1
_entity_poly.type   'polypeptide(L)'
_entity_poly.pdbx_seq_one_letter_code
;MAHHHHHHMSKPTQQGITFSKNDVEIIARETLYRGFFSLDLYRFRHRLFNGGMSGEITREIFERGHAAVLLPFDPVRDEV
VLVEQIRIAAYDTSESPWLLEMVAGMIEAGETVEDVARREALEEAGLEVGRTKPILSYLASPGGTSERLSILVGEVDAST
AKGIHGLAEENEDIRVHVVSREQAYQWVEEGKIDNAASVIALQWLQLHYHNLRNEWTK
;
_entity_poly.pdbx_strand_id   A,B,C,D,E,F,G,H
#
loop_
_chem_comp.id
_chem_comp.type
_chem_comp.name
_chem_comp.formula
PEG non-polymer DI(HYDROXYETHYL)ETHER 'C4 H10 O3'
#
# COMPACT_ATOMS: atom_id res chain seq x y z
N HIS A 4 -29.50 -33.85 31.56
CA HIS A 4 -29.49 -34.33 30.15
C HIS A 4 -29.65 -33.15 29.18
N HIS A 5 -29.47 -33.43 27.89
CA HIS A 5 -29.78 -32.49 26.83
C HIS A 5 -30.55 -33.24 25.75
N HIS A 6 -31.15 -32.48 24.85
CA HIS A 6 -31.86 -33.04 23.71
C HIS A 6 -30.96 -32.90 22.50
N HIS A 7 -30.38 -34.01 22.06
CA HIS A 7 -29.57 -34.03 20.84
C HIS A 7 -30.52 -34.25 19.67
N HIS A 8 -30.32 -33.51 18.58
CA HIS A 8 -31.37 -33.56 17.58
C HIS A 8 -31.22 -34.72 16.61
N MET A 9 -30.25 -35.61 16.81
CA MET A 9 -30.23 -36.89 16.11
C MET A 9 -30.86 -38.02 16.91
N SER A 10 -31.48 -37.71 18.04
CA SER A 10 -32.17 -38.75 18.83
C SER A 10 -33.51 -39.11 18.20
N THR A 18 -42.65 -28.37 20.14
CA THR A 18 -42.97 -28.79 21.51
C THR A 18 -44.24 -28.06 21.96
N PHE A 19 -44.05 -26.90 22.57
CA PHE A 19 -45.15 -26.13 23.10
C PHE A 19 -45.73 -25.22 22.02
N SER A 20 -46.97 -24.82 22.23
CA SER A 20 -47.69 -23.92 21.33
C SER A 20 -48.26 -22.77 22.15
N LYS A 21 -48.94 -21.84 21.48
CA LYS A 21 -49.61 -20.78 22.21
C LYS A 21 -50.69 -21.31 23.17
N ASN A 22 -51.22 -22.51 22.93
CA ASN A 22 -52.19 -23.08 23.87
C ASN A 22 -51.56 -23.37 25.23
N ASP A 23 -50.23 -23.44 25.27
CA ASP A 23 -49.48 -23.66 26.50
C ASP A 23 -49.13 -22.38 27.24
N VAL A 24 -49.68 -21.23 26.81
CA VAL A 24 -49.49 -19.94 27.45
C VAL A 24 -50.84 -19.42 27.90
N GLU A 25 -50.89 -18.91 29.13
CA GLU A 25 -52.03 -18.19 29.70
C GLU A 25 -51.60 -16.72 29.80
N ILE A 26 -52.01 -15.89 28.84
CA ILE A 26 -51.75 -14.45 28.97
C ILE A 26 -52.88 -13.90 29.83
N ILE A 27 -52.56 -13.54 31.07
CA ILE A 27 -53.55 -13.06 32.02
C ILE A 27 -53.96 -11.63 31.69
N ALA A 28 -52.99 -10.79 31.38
CA ALA A 28 -53.21 -9.36 31.18
C ALA A 28 -52.06 -8.79 30.37
N ARG A 29 -52.36 -7.74 29.62
CA ARG A 29 -51.36 -6.82 29.10
C ARG A 29 -51.71 -5.45 29.61
N GLU A 30 -50.97 -4.98 30.60
CA GLU A 30 -51.31 -3.77 31.32
C GLU A 30 -50.48 -2.62 30.79
N THR A 31 -51.15 -1.53 30.42
CA THR A 31 -50.45 -0.35 29.94
C THR A 31 -49.62 0.28 31.06
N LEU A 32 -48.33 0.44 30.81
CA LEU A 32 -47.44 1.12 31.74
C LEU A 32 -47.14 2.53 31.27
N TYR A 33 -47.11 2.72 29.97
CA TYR A 33 -46.83 4.01 29.36
C TYR A 33 -47.39 4.03 27.95
N ARG A 34 -48.06 5.12 27.59
CA ARG A 34 -48.51 5.36 26.22
C ARG A 34 -48.00 6.72 25.77
N GLY A 35 -47.16 6.73 24.74
CA GLY A 35 -46.72 7.96 24.14
C GLY A 35 -46.53 7.76 22.66
N PHE A 36 -45.36 8.15 22.15
CA PHE A 36 -45.05 7.84 20.76
C PHE A 36 -45.05 6.34 20.55
N PHE A 37 -44.40 5.62 21.47
CA PHE A 37 -44.42 4.18 21.58
C PHE A 37 -45.21 3.80 22.83
N SER A 38 -45.29 2.51 23.12
CA SER A 38 -46.00 2.04 24.30
C SER A 38 -45.14 1.04 25.05
N LEU A 39 -45.30 1.02 26.37
CA LEU A 39 -44.71 0.00 27.22
C LEU A 39 -45.83 -0.75 27.93
N ASP A 40 -45.83 -2.08 27.80
CA ASP A 40 -46.88 -2.91 28.35
C ASP A 40 -46.29 -3.89 29.34
N LEU A 41 -47.05 -4.21 30.38
CA LEU A 41 -46.71 -5.28 31.30
C LEU A 41 -47.47 -6.53 30.84
N TYR A 42 -46.73 -7.53 30.36
CA TYR A 42 -47.32 -8.82 30.10
C TYR A 42 -47.34 -9.60 31.41
N ARG A 43 -48.49 -10.12 31.76
CA ARG A 43 -48.66 -10.97 32.93
C ARG A 43 -49.16 -12.32 32.43
N PHE A 44 -48.45 -13.38 32.76
CA PHE A 44 -48.77 -14.64 32.09
C PHE A 44 -48.28 -15.81 32.94
N ARG A 45 -48.83 -16.99 32.62
CA ARG A 45 -48.31 -18.27 33.09
C ARG A 45 -48.00 -19.11 31.86
N HIS A 46 -47.05 -20.04 31.98
CA HIS A 46 -46.71 -20.89 30.84
C HIS A 46 -46.40 -22.31 31.30
N ARG A 47 -46.58 -23.27 30.39
CA ARG A 47 -46.29 -24.65 30.73
C ARG A 47 -44.79 -24.86 30.87
N LEU A 48 -44.44 -25.74 31.81
CA LEU A 48 -43.09 -26.11 32.17
C LEU A 48 -42.69 -27.37 31.42
N PHE A 49 -41.40 -27.45 31.09
CA PHE A 49 -40.91 -28.63 30.37
C PHE A 49 -41.17 -29.93 31.12
N ASN A 50 -41.13 -29.91 32.45
CA ASN A 50 -41.38 -31.11 33.23
C ASN A 50 -42.84 -31.25 33.68
N GLY A 51 -43.73 -30.41 33.17
CA GLY A 51 -45.15 -30.56 33.42
C GLY A 51 -45.67 -29.49 34.37
N GLY A 52 -46.96 -29.17 34.22
CA GLY A 52 -47.59 -28.15 35.02
C GLY A 52 -47.35 -26.76 34.47
N MET A 53 -47.97 -25.78 35.12
CA MET A 53 -47.88 -24.38 34.76
C MET A 53 -47.00 -23.62 35.74
N SER A 54 -46.30 -22.63 35.20
CA SER A 54 -45.49 -21.75 36.02
C SER A 54 -46.36 -20.96 36.97
N GLY A 55 -45.70 -20.31 37.94
CA GLY A 55 -46.31 -19.22 38.66
C GLY A 55 -46.55 -18.03 37.73
N GLU A 56 -47.09 -16.96 38.30
CA GLU A 56 -47.32 -15.76 37.50
C GLU A 56 -46.00 -15.06 37.20
N ILE A 57 -45.76 -14.82 35.92
CA ILE A 57 -44.58 -14.12 35.43
C ILE A 57 -45.03 -12.77 34.90
N THR A 58 -44.21 -11.73 35.11
CA THR A 58 -44.47 -10.42 34.52
C THR A 58 -43.22 -9.93 33.81
N ARG A 59 -43.43 -9.29 32.66
CA ARG A 59 -42.37 -8.72 31.85
C ARG A 59 -42.78 -7.35 31.31
N GLU A 60 -41.85 -6.40 31.34
CA GLU A 60 -42.04 -5.06 30.78
C GLU A 60 -41.56 -5.11 29.34
N ILE A 61 -42.46 -4.89 28.39
CA ILE A 61 -42.18 -5.09 26.97
C ILE A 61 -42.44 -3.81 26.22
N PHE A 62 -41.45 -3.35 25.45
CA PHE A 62 -41.59 -2.14 24.66
C PHE A 62 -42.24 -2.48 23.32
N GLU A 63 -43.34 -1.80 23.02
CA GLU A 63 -44.17 -2.07 21.86
C GLU A 63 -44.01 -0.92 20.90
N ARG A 64 -43.36 -1.16 19.76
CA ARG A 64 -43.12 -0.08 18.82
C ARG A 64 -43.47 -0.49 17.40
N GLY A 65 -44.31 -1.51 17.25
CA GLY A 65 -44.60 -2.04 15.93
C GLY A 65 -43.41 -2.79 15.37
N HIS A 66 -43.48 -3.02 14.05
CA HIS A 66 -42.53 -3.87 13.36
C HIS A 66 -42.02 -3.14 12.12
N ALA A 67 -40.93 -3.65 11.56
CA ALA A 67 -40.18 -2.90 10.57
C ALA A 67 -39.89 -3.71 9.32
N ALA A 68 -39.75 -3.00 8.21
CA ALA A 68 -39.22 -3.54 6.97
C ALA A 68 -37.83 -2.99 6.75
N VAL A 69 -36.90 -3.86 6.34
CA VAL A 69 -35.51 -3.50 6.13
C VAL A 69 -35.10 -3.91 4.73
N LEU A 70 -34.40 -3.02 4.02
CA LEU A 70 -33.95 -3.29 2.66
C LEU A 70 -32.43 -3.19 2.59
N LEU A 71 -31.80 -4.27 2.11
CA LEU A 71 -30.39 -4.24 1.73
C LEU A 71 -30.33 -3.89 0.25
N PRO A 72 -29.90 -2.69 -0.12
CA PRO A 72 -29.86 -2.32 -1.54
C PRO A 72 -28.57 -2.81 -2.15
N PHE A 73 -28.67 -3.77 -3.05
CA PHE A 73 -27.53 -4.46 -3.63
C PHE A 73 -27.52 -4.26 -5.13
N ASP A 74 -26.40 -3.75 -5.66
CA ASP A 74 -26.16 -3.61 -7.08
C ASP A 74 -25.38 -4.83 -7.53
N PRO A 75 -26.01 -5.82 -8.17
CA PRO A 75 -25.29 -7.06 -8.49
C PRO A 75 -24.32 -6.92 -9.65
N VAL A 76 -24.51 -5.94 -10.50
CA VAL A 76 -23.55 -5.74 -11.59
C VAL A 76 -22.24 -5.19 -11.05
N ARG A 77 -22.33 -4.22 -10.15
CA ARG A 77 -21.15 -3.56 -9.62
C ARG A 77 -20.61 -4.20 -8.34
N ASP A 78 -21.37 -5.12 -7.71
CA ASP A 78 -21.02 -5.67 -6.40
C ASP A 78 -20.87 -4.56 -5.36
N GLU A 79 -21.90 -3.71 -5.30
CA GLU A 79 -21.92 -2.58 -4.39
C GLU A 79 -23.18 -2.62 -3.54
N VAL A 80 -23.10 -2.02 -2.35
CA VAL A 80 -24.26 -1.89 -1.46
C VAL A 80 -24.44 -0.42 -1.12
N VAL A 81 -25.69 -0.03 -0.87
CA VAL A 81 -26.01 1.34 -0.50
C VAL A 81 -26.32 1.37 0.99
N LEU A 82 -25.61 2.22 1.73
CA LEU A 82 -25.85 2.43 3.14
C LEU A 82 -26.40 3.84 3.36
N VAL A 83 -27.12 4.01 4.46
CA VAL A 83 -27.63 5.30 4.89
C VAL A 83 -27.08 5.61 6.27
N GLU A 84 -26.63 6.85 6.45
CA GLU A 84 -26.05 7.31 7.70
C GLU A 84 -26.99 8.31 8.37
N GLN A 85 -27.23 8.14 9.67
CA GLN A 85 -28.01 9.10 10.44
C GLN A 85 -27.80 8.85 11.93
N ILE A 86 -28.18 9.85 12.74
CA ILE A 86 -27.99 9.74 14.18
C ILE A 86 -29.07 8.83 14.75
N ARG A 87 -28.65 7.98 15.68
CA ARG A 87 -29.52 7.15 16.51
C ARG A 87 -29.11 7.45 17.95
N ILE A 88 -29.83 8.35 18.61
CA ILE A 88 -29.37 8.81 19.92
C ILE A 88 -29.23 7.66 20.91
N ALA A 89 -30.04 6.62 20.78
CA ALA A 89 -29.92 5.50 21.72
C ALA A 89 -28.54 4.85 21.69
N ALA A 90 -27.80 4.99 20.59
CA ALA A 90 -26.46 4.41 20.52
C ALA A 90 -25.43 5.17 21.33
N TYR A 91 -25.78 6.35 21.84
CA TYR A 91 -24.79 7.29 22.33
C TYR A 91 -23.96 6.70 23.46
N ASP A 92 -24.61 6.04 24.42
CA ASP A 92 -23.93 5.67 25.65
C ASP A 92 -22.91 4.55 25.47
N THR A 93 -22.99 3.76 24.39
CA THR A 93 -22.10 2.62 24.22
C THR A 93 -21.30 2.65 22.92
N SER A 94 -21.37 3.74 22.16
CA SER A 94 -20.76 3.79 20.83
C SER A 94 -19.76 4.94 20.74
N GLU A 95 -18.82 4.81 19.78
CA GLU A 95 -17.93 5.92 19.47
C GLU A 95 -18.71 7.12 18.98
N SER A 96 -19.75 6.89 18.19
CA SER A 96 -20.60 7.96 17.71
C SER A 96 -22.02 7.47 17.58
N PRO A 97 -23.01 8.35 17.80
CA PRO A 97 -24.40 7.93 17.58
C PRO A 97 -24.82 7.96 16.12
N TRP A 98 -23.98 8.48 15.22
CA TRP A 98 -24.25 8.36 13.79
C TRP A 98 -23.89 6.95 13.35
N LEU A 99 -24.87 6.22 12.79
CA LEU A 99 -24.71 4.85 12.36
C LEU A 99 -24.83 4.70 10.85
N LEU A 100 -24.08 3.73 10.31
CA LEU A 100 -24.25 3.26 8.94
C LEU A 100 -25.27 2.13 8.96
N GLU A 101 -26.37 2.27 8.23
CA GLU A 101 -27.49 1.35 8.35
C GLU A 101 -28.09 0.98 7.01
N MET A 102 -29.02 0.05 7.09
CA MET A 102 -29.88 -0.33 5.98
C MET A 102 -31.06 0.64 5.90
N VAL A 103 -31.60 0.77 4.69
CA VAL A 103 -32.90 1.41 4.51
C VAL A 103 -33.92 0.66 5.33
N ALA A 104 -34.79 1.40 6.05
CA ALA A 104 -35.77 0.72 6.89
C ALA A 104 -36.91 1.66 7.24
N GLY A 105 -38.07 1.09 7.54
CA GLY A 105 -39.17 1.88 8.08
C GLY A 105 -40.19 1.03 8.82
N MET A 106 -40.97 1.68 9.66
CA MET A 106 -42.04 0.98 10.38
C MET A 106 -43.19 0.67 9.43
N ILE A 107 -43.77 -0.50 9.64
CA ILE A 107 -44.91 -0.99 8.88
C ILE A 107 -46.18 -0.56 9.57
N GLU A 108 -47.09 0.06 8.82
CA GLU A 108 -48.41 0.39 9.34
C GLU A 108 -49.43 -0.68 8.92
N ALA A 109 -50.62 -0.59 9.53
CA ALA A 109 -51.64 -1.60 9.27
C ALA A 109 -52.06 -1.57 7.81
N GLY A 110 -52.16 -2.76 7.22
CA GLY A 110 -52.52 -2.89 5.82
C GLY A 110 -51.37 -2.73 4.84
N GLU A 111 -50.17 -2.44 5.32
CA GLU A 111 -49.01 -2.31 4.43
C GLU A 111 -48.28 -3.64 4.35
N THR A 112 -47.62 -3.87 3.23
CA THR A 112 -46.75 -5.04 3.09
C THR A 112 -45.32 -4.65 3.46
N VAL A 113 -44.54 -5.65 3.87
CA VAL A 113 -43.13 -5.42 4.13
C VAL A 113 -42.48 -4.78 2.91
N GLU A 114 -42.77 -5.34 1.74
CA GLU A 114 -42.07 -4.93 0.53
C GLU A 114 -42.47 -3.52 0.10
N ASP A 115 -43.71 -3.11 0.32
CA ASP A 115 -44.09 -1.74 -0.03
C ASP A 115 -43.38 -0.72 0.85
N VAL A 116 -43.24 -1.01 2.14
CA VAL A 116 -42.50 -0.11 3.02
C VAL A 116 -41.05 -0.04 2.60
N ALA A 117 -40.44 -1.19 2.31
CA ALA A 117 -39.05 -1.22 1.89
C ALA A 117 -38.83 -0.37 0.64
N ARG A 118 -39.72 -0.51 -0.35
CA ARG A 118 -39.57 0.26 -1.59
C ARG A 118 -39.78 1.75 -1.36
N ARG A 119 -40.77 2.10 -0.54
CA ARG A 119 -41.01 3.52 -0.28
C ARG A 119 -39.80 4.17 0.37
N GLU A 120 -39.28 3.54 1.42
CA GLU A 120 -38.14 4.09 2.16
C GLU A 120 -36.90 4.16 1.28
N ALA A 121 -36.68 3.17 0.42
CA ALA A 121 -35.52 3.22 -0.47
C ALA A 121 -35.61 4.45 -1.36
N LEU A 122 -36.81 4.75 -1.83
CA LEU A 122 -37.00 5.86 -2.75
C LEU A 122 -36.94 7.21 -2.03
N GLU A 123 -37.56 7.32 -0.86
CA GLU A 123 -37.56 8.56 -0.11
C GLU A 123 -36.20 8.80 0.55
N GLU A 124 -35.57 7.73 1.03
CA GLU A 124 -34.38 7.83 1.86
C GLU A 124 -33.12 7.99 1.01
N ALA A 125 -33.06 7.30 -0.12
CA ALA A 125 -31.84 7.27 -0.93
C ALA A 125 -32.12 7.40 -2.41
N GLY A 126 -33.34 7.78 -2.81
CA GLY A 126 -33.64 7.97 -4.21
C GLY A 126 -33.47 6.74 -5.07
N LEU A 127 -33.68 5.56 -4.50
CA LEU A 127 -33.45 4.31 -5.22
C LEU A 127 -34.77 3.70 -5.67
N GLU A 128 -34.88 3.43 -6.96
CA GLU A 128 -35.90 2.50 -7.43
C GLU A 128 -35.38 1.08 -7.24
N VAL A 129 -36.27 0.17 -6.83
CA VAL A 129 -35.92 -1.23 -6.58
C VAL A 129 -36.52 -2.10 -7.66
N GLY A 130 -35.74 -3.08 -8.11
CA GLY A 130 -36.20 -4.05 -9.09
C GLY A 130 -36.66 -5.32 -8.43
N ARG A 131 -35.98 -6.43 -8.69
CA ARG A 131 -36.33 -7.68 -8.04
C ARG A 131 -35.97 -7.63 -6.56
N THR A 132 -36.61 -8.50 -5.78
CA THR A 132 -36.31 -8.61 -4.36
C THR A 132 -36.30 -10.07 -3.95
N LYS A 133 -35.60 -10.36 -2.85
CA LYS A 133 -35.61 -11.68 -2.26
C LYS A 133 -35.66 -11.48 -0.75
N PRO A 134 -36.43 -12.28 -0.03
CA PRO A 134 -36.35 -12.23 1.44
C PRO A 134 -34.99 -12.70 1.92
N ILE A 135 -34.50 -12.05 2.96
CA ILE A 135 -33.28 -12.50 3.62
C ILE A 135 -33.75 -13.31 4.81
N LEU A 136 -34.25 -12.61 5.82
CA LEU A 136 -34.88 -13.29 6.95
C LEU A 136 -35.60 -12.25 7.80
N SER A 137 -36.39 -12.74 8.74
CA SER A 137 -37.18 -11.90 9.61
C SER A 137 -36.78 -12.26 11.04
N TYR A 138 -36.42 -11.27 11.85
CA TYR A 138 -35.86 -11.55 13.16
C TYR A 138 -36.47 -10.68 14.25
N LEU A 139 -36.44 -11.22 15.46
CA LEU A 139 -36.80 -10.48 16.67
C LEU A 139 -35.57 -9.75 17.20
N ALA A 140 -35.67 -8.42 17.28
CA ALA A 140 -34.54 -7.60 17.66
C ALA A 140 -34.00 -7.93 19.04
N SER A 141 -34.90 -8.09 20.01
CA SER A 141 -34.49 -8.32 21.39
C SER A 141 -35.67 -8.87 22.17
N PRO A 142 -35.95 -10.16 22.02
CA PRO A 142 -37.23 -10.69 22.51
C PRO A 142 -37.35 -10.72 24.02
N GLY A 143 -36.29 -10.46 24.78
CA GLY A 143 -36.44 -10.27 26.22
C GLY A 143 -37.07 -8.95 26.63
N GLY A 144 -37.13 -7.96 25.73
CA GLY A 144 -37.61 -6.65 26.13
C GLY A 144 -38.48 -5.89 25.14
N THR A 145 -38.61 -6.40 23.92
CA THR A 145 -39.44 -5.74 22.92
C THR A 145 -40.03 -6.77 22.00
N SER A 146 -41.24 -6.48 21.51
CA SER A 146 -41.87 -7.35 20.54
C SER A 146 -41.34 -7.15 19.13
N GLU A 147 -40.50 -6.15 18.90
CA GLU A 147 -40.19 -5.71 17.55
C GLU A 147 -39.59 -6.83 16.70
N ARG A 148 -40.23 -7.05 15.54
CA ARG A 148 -39.76 -7.93 14.49
C ARG A 148 -39.37 -7.06 13.30
N LEU A 149 -38.25 -7.38 12.67
CA LEU A 149 -37.80 -6.70 11.47
C LEU A 149 -37.65 -7.72 10.36
N SER A 150 -38.23 -7.42 9.21
CA SER A 150 -38.22 -8.32 8.06
C SER A 150 -37.31 -7.72 6.99
N ILE A 151 -36.23 -8.45 6.67
CA ILE A 151 -35.20 -7.95 5.78
C ILE A 151 -35.40 -8.54 4.39
N LEU A 152 -35.36 -7.66 3.36
CA LEU A 152 -35.28 -8.07 1.97
C LEU A 152 -33.98 -7.52 1.37
N VAL A 153 -33.45 -8.22 0.38
CA VAL A 153 -32.42 -7.66 -0.50
C VAL A 153 -33.13 -7.15 -1.75
N GLY A 154 -32.79 -5.95 -2.17
CA GLY A 154 -33.39 -5.35 -3.34
C GLY A 154 -32.35 -5.01 -4.40
N GLU A 155 -32.68 -5.31 -5.65
CA GLU A 155 -31.82 -5.04 -6.79
C GLU A 155 -31.87 -3.55 -7.12
N VAL A 156 -30.71 -2.88 -7.10
CA VAL A 156 -30.64 -1.45 -7.40
C VAL A 156 -29.50 -1.16 -8.36
N ASP A 157 -29.62 -0.01 -9.02
CA ASP A 157 -28.52 0.61 -9.74
C ASP A 157 -27.82 1.56 -8.77
N ALA A 158 -26.65 1.15 -8.27
CA ALA A 158 -25.99 1.97 -7.27
C ALA A 158 -25.55 3.34 -7.80
N SER A 159 -25.68 3.62 -9.09
CA SER A 159 -25.35 4.94 -9.61
C SER A 159 -26.42 5.97 -9.33
N THR A 160 -27.64 5.54 -9.03
CA THR A 160 -28.78 6.43 -8.88
C THR A 160 -29.00 6.89 -7.43
N ALA A 161 -28.13 6.48 -6.49
CA ALA A 161 -28.31 6.83 -5.09
C ALA A 161 -27.83 8.27 -4.83
N LYS A 162 -28.69 9.07 -4.19
CA LYS A 162 -28.45 10.51 -4.08
C LYS A 162 -28.71 11.01 -2.66
N GLU A 172 -35.73 14.08 9.24
CA GLU A 172 -34.65 13.10 9.30
C GLU A 172 -33.50 13.50 8.38
N ASP A 173 -32.29 13.52 8.93
CA ASP A 173 -31.10 14.01 8.24
C ASP A 173 -30.22 12.82 7.89
N ILE A 174 -30.12 12.53 6.60
CA ILE A 174 -29.58 11.26 6.12
C ILE A 174 -28.50 11.53 5.10
N ARG A 175 -27.44 10.72 5.13
CA ARG A 175 -26.39 10.75 4.12
C ARG A 175 -26.24 9.37 3.49
N VAL A 176 -26.05 9.36 2.17
CA VAL A 176 -26.03 8.14 1.39
C VAL A 176 -24.58 7.81 1.07
N HIS A 177 -24.18 6.58 1.36
CA HIS A 177 -22.88 6.06 0.97
C HIS A 177 -23.08 4.89 0.02
N VAL A 178 -22.21 4.80 -0.99
CA VAL A 178 -22.17 3.62 -1.86
C VAL A 178 -20.78 3.00 -1.72
N VAL A 179 -20.73 1.75 -1.29
CA VAL A 179 -19.47 1.10 -1.02
C VAL A 179 -19.49 -0.29 -1.66
N SER A 180 -18.30 -0.81 -1.90
CA SER A 180 -18.21 -2.18 -2.38
C SER A 180 -18.75 -3.13 -1.31
N ARG A 181 -19.32 -4.25 -1.75
CA ARG A 181 -19.73 -5.27 -0.80
C ARG A 181 -18.58 -5.66 0.12
N GLU A 182 -17.38 -5.82 -0.44
CA GLU A 182 -16.27 -6.26 0.40
C GLU A 182 -15.95 -5.22 1.47
N GLN A 183 -16.06 -3.93 1.15
CA GLN A 183 -15.82 -2.91 2.16
C GLN A 183 -16.87 -2.94 3.25
N ALA A 184 -18.14 -3.09 2.87
CA ALA A 184 -19.20 -3.07 3.86
C ALA A 184 -19.06 -4.26 4.81
N TYR A 185 -18.71 -5.43 4.26
CA TYR A 185 -18.51 -6.58 5.13
C TYR A 185 -17.30 -6.37 6.02
N GLN A 186 -16.21 -5.82 5.49
CA GLN A 186 -15.04 -5.55 6.31
C GLN A 186 -15.38 -4.62 7.48
N TRP A 187 -16.25 -3.64 7.24
CA TRP A 187 -16.69 -2.76 8.33
C TRP A 187 -17.52 -3.49 9.38
N VAL A 188 -18.26 -4.52 9.00
CA VAL A 188 -18.89 -5.37 10.01
C VAL A 188 -17.82 -6.05 10.86
N GLU A 189 -16.84 -6.65 10.20
CA GLU A 189 -15.77 -7.35 10.92
CA GLU A 189 -15.81 -7.35 10.96
C GLU A 189 -15.07 -6.42 11.91
N GLU A 190 -14.88 -5.16 11.51
CA GLU A 190 -14.14 -4.19 12.29
C GLU A 190 -14.98 -3.54 13.39
N GLY A 191 -16.30 -3.71 13.35
CA GLY A 191 -17.16 -3.06 14.30
C GLY A 191 -17.64 -1.70 13.89
N LYS A 192 -17.34 -1.28 12.67
CA LYS A 192 -17.79 0.02 12.19
C LYS A 192 -19.25 0.01 11.78
N ILE A 193 -19.76 -1.15 11.37
CA ILE A 193 -21.19 -1.39 11.21
C ILE A 193 -21.57 -2.39 12.29
N ASP A 194 -22.46 -1.99 13.19
CA ASP A 194 -22.72 -2.81 14.37
C ASP A 194 -24.15 -2.65 14.88
N ASN A 195 -25.10 -2.38 13.99
CA ASN A 195 -26.51 -2.49 14.31
C ASN A 195 -27.05 -3.80 13.74
N ALA A 196 -27.95 -4.44 14.48
CA ALA A 196 -28.37 -5.79 14.13
C ALA A 196 -28.81 -5.93 12.68
N ALA A 197 -29.66 -5.00 12.21
CA ALA A 197 -30.22 -5.16 10.88
C ALA A 197 -29.14 -5.24 9.82
N SER A 198 -28.14 -4.35 9.92
CA SER A 198 -27.09 -4.30 8.91
C SER A 198 -26.13 -5.46 9.04
N VAL A 199 -25.81 -5.88 10.26
CA VAL A 199 -24.94 -7.03 10.45
C VAL A 199 -25.57 -8.28 9.87
N ILE A 200 -26.85 -8.52 10.19
CA ILE A 200 -27.54 -9.68 9.65
C ILE A 200 -27.60 -9.62 8.12
N ALA A 201 -27.95 -8.46 7.57
CA ALA A 201 -28.10 -8.38 6.12
C ALA A 201 -26.76 -8.61 5.43
N LEU A 202 -25.68 -8.02 5.97
CA LEU A 202 -24.40 -8.10 5.30
C LEU A 202 -23.72 -9.46 5.51
N GLN A 203 -23.92 -10.10 6.66
CA GLN A 203 -23.45 -11.49 6.78
CA GLN A 203 -23.48 -11.49 6.81
C GLN A 203 -24.20 -12.38 5.81
N TRP A 204 -25.52 -12.19 5.65
CA TRP A 204 -26.25 -12.97 4.67
C TRP A 204 -25.67 -12.76 3.28
N LEU A 205 -25.46 -11.48 2.92
CA LEU A 205 -24.92 -11.17 1.60
C LEU A 205 -23.55 -11.81 1.40
N GLN A 206 -22.73 -11.84 2.45
CA GLN A 206 -21.43 -12.46 2.31
C GLN A 206 -21.55 -13.96 2.07
N LEU A 207 -22.63 -14.58 2.58
CA LEU A 207 -22.86 -16.00 2.39
C LEU A 207 -23.51 -16.31 1.05
N HIS A 208 -24.24 -15.37 0.44
CA HIS A 208 -25.07 -15.65 -0.73
C HIS A 208 -24.74 -14.84 -1.97
N TYR A 209 -23.73 -13.99 -1.93
CA TYR A 209 -23.56 -13.03 -3.02
C TYR A 209 -23.22 -13.73 -4.33
N HIS A 210 -22.44 -14.80 -4.29
CA HIS A 210 -22.03 -15.42 -5.56
C HIS A 210 -23.26 -15.90 -6.32
N ASN A 211 -24.16 -16.62 -5.65
CA ASN A 211 -25.36 -17.10 -6.32
C ASN A 211 -26.32 -15.95 -6.63
N LEU A 212 -26.41 -14.94 -5.74
CA LEU A 212 -27.33 -13.83 -6.01
C LEU A 212 -26.89 -13.05 -7.24
N ARG A 213 -25.59 -12.78 -7.38
CA ARG A 213 -25.11 -12.05 -8.54
C ARG A 213 -25.39 -12.82 -9.82
N ASN A 214 -25.16 -14.15 -9.79
CA ASN A 214 -25.43 -14.97 -10.96
C ASN A 214 -26.91 -14.94 -11.32
N GLU A 215 -27.78 -14.92 -10.31
CA GLU A 215 -29.22 -14.94 -10.59
C GLU A 215 -29.69 -13.62 -11.21
N TRP A 216 -29.15 -12.50 -10.75
CA TRP A 216 -29.61 -11.19 -11.19
C TRP A 216 -28.79 -10.61 -12.33
N THR A 217 -27.83 -11.36 -12.87
CA THR A 217 -27.14 -10.98 -14.10
C THR A 217 -27.25 -12.07 -15.16
N LYS A 218 -28.14 -13.04 -14.95
CA LYS A 218 -28.29 -14.18 -15.85
C LYS A 218 -28.86 -13.77 -17.21
N GLN B 15 -4.62 -1.18 -22.39
CA GLN B 15 -5.96 -1.41 -21.87
C GLN B 15 -6.77 -0.12 -21.80
N GLY B 16 -6.15 0.96 -21.32
CA GLY B 16 -6.77 2.28 -21.33
C GLY B 16 -7.45 2.62 -20.02
N ILE B 17 -8.29 3.65 -20.06
CA ILE B 17 -8.92 4.16 -18.85
C ILE B 17 -9.87 3.10 -18.29
N THR B 18 -10.38 3.35 -17.11
CA THR B 18 -11.10 2.36 -16.34
C THR B 18 -12.60 2.59 -16.24
N PHE B 19 -13.06 3.85 -16.33
CA PHE B 19 -14.44 4.20 -16.05
C PHE B 19 -15.01 5.10 -17.14
N SER B 20 -16.34 5.17 -17.18
CA SER B 20 -17.11 5.91 -18.19
C SER B 20 -18.08 6.91 -17.54
N LYS B 21 -18.96 7.50 -18.37
CA LYS B 21 -19.93 8.45 -17.84
C LYS B 21 -21.01 7.77 -16.99
N ASN B 22 -21.17 6.46 -17.12
CA ASN B 22 -22.06 5.75 -16.20
C ASN B 22 -21.52 5.74 -14.78
N ASP B 23 -20.26 6.15 -14.58
CA ASP B 23 -19.63 6.04 -13.29
C ASP B 23 -19.51 7.38 -12.58
N VAL B 24 -20.10 8.44 -13.14
CA VAL B 24 -20.14 9.76 -12.53
C VAL B 24 -21.57 10.24 -12.46
N GLU B 25 -21.90 10.94 -11.37
CA GLU B 25 -23.16 11.65 -11.21
C GLU B 25 -22.83 13.11 -10.93
N ILE B 26 -23.14 13.99 -11.88
CA ILE B 26 -23.04 15.43 -11.66
C ILE B 26 -24.33 15.84 -10.95
N ILE B 27 -24.18 16.31 -9.71
CA ILE B 27 -25.33 16.61 -8.87
C ILE B 27 -25.85 18.00 -9.14
N ALA B 28 -24.93 18.93 -9.35
CA ALA B 28 -25.30 20.31 -9.62
C ALA B 28 -24.11 21.04 -10.20
N ARG B 29 -24.40 22.17 -10.82
CA ARG B 29 -23.39 23.13 -11.25
C ARG B 29 -23.82 24.49 -10.76
N GLU B 30 -23.06 25.07 -9.84
CA GLU B 30 -23.45 26.30 -9.18
C GLU B 30 -22.64 27.44 -9.76
N THR B 31 -23.34 28.48 -10.20
CA THR B 31 -22.69 29.65 -10.72
C THR B 31 -21.87 30.34 -9.63
N LEU B 32 -20.59 30.55 -9.90
CA LEU B 32 -19.72 31.29 -9.01
C LEU B 32 -19.46 32.69 -9.53
N TYR B 33 -19.27 32.82 -10.83
CA TYR B 33 -19.02 34.09 -11.49
C TYR B 33 -19.63 34.06 -12.87
N ARG B 34 -20.33 35.13 -13.24
CA ARG B 34 -20.86 35.31 -14.58
C ARG B 34 -20.44 36.67 -15.09
N GLY B 35 -19.66 36.67 -16.17
CA GLY B 35 -19.20 37.88 -16.79
C GLY B 35 -19.05 37.62 -18.27
N PHE B 36 -17.93 38.02 -18.87
CA PHE B 36 -17.64 37.63 -20.24
C PHE B 36 -17.43 36.12 -20.30
N PHE B 37 -16.68 35.60 -19.36
CA PHE B 37 -16.53 34.19 -19.10
C PHE B 37 -17.34 33.81 -17.87
N SER B 38 -17.31 32.53 -17.51
CA SER B 38 -18.03 32.04 -16.34
CA SER B 38 -18.00 32.10 -16.30
C SER B 38 -17.14 31.12 -15.53
N LEU B 39 -17.43 31.04 -14.24
CA LEU B 39 -16.82 30.08 -13.33
C LEU B 39 -17.96 29.35 -12.64
N ASP B 40 -17.93 28.02 -12.71
CA ASP B 40 -18.96 27.18 -12.12
C ASP B 40 -18.35 26.27 -11.07
N LEU B 41 -19.13 25.93 -10.05
CA LEU B 41 -18.78 24.88 -9.11
C LEU B 41 -19.53 23.62 -9.54
N TYR B 42 -18.79 22.62 -10.02
CA TYR B 42 -19.38 21.31 -10.25
C TYR B 42 -19.42 20.53 -8.94
N ARG B 43 -20.57 19.95 -8.65
CA ARG B 43 -20.79 19.11 -7.48
C ARG B 43 -21.12 17.72 -8.01
N PHE B 44 -20.34 16.72 -7.63
CA PHE B 44 -20.48 15.42 -8.29
C PHE B 44 -19.99 14.31 -7.37
N ARG B 45 -20.35 13.08 -7.74
CA ARG B 45 -19.85 11.85 -7.14
C ARG B 45 -19.37 10.93 -8.26
N HIS B 46 -18.36 10.11 -7.97
CA HIS B 46 -17.78 9.29 -9.01
C HIS B 46 -17.28 7.98 -8.41
N ARG B 47 -17.22 6.96 -9.25
CA ARG B 47 -16.75 5.65 -8.81
C ARG B 47 -15.26 5.69 -8.51
N LEU B 48 -14.83 4.84 -7.59
CA LEU B 48 -13.46 4.78 -7.10
C LEU B 48 -12.79 3.53 -7.66
N PHE B 49 -11.47 3.61 -7.89
CA PHE B 49 -10.78 2.45 -8.46
C PHE B 49 -10.91 1.21 -7.58
N ASN B 50 -10.88 1.38 -6.26
CA ASN B 50 -10.90 0.21 -5.37
C ASN B 50 -12.30 -0.20 -4.95
N GLY B 51 -13.34 0.44 -5.50
CA GLY B 51 -14.71 0.08 -5.24
C GLY B 51 -15.54 1.19 -4.62
N GLY B 52 -16.83 1.24 -4.97
CA GLY B 52 -17.75 2.18 -4.36
C GLY B 52 -17.71 3.53 -5.05
N MET B 53 -18.46 4.48 -4.47
CA MET B 53 -18.54 5.85 -4.97
C MET B 53 -17.90 6.80 -3.96
N SER B 54 -17.31 7.87 -4.48
CA SER B 54 -16.89 8.98 -3.64
C SER B 54 -18.09 9.59 -2.93
N GLY B 55 -17.80 10.35 -1.89
CA GLY B 55 -18.76 11.30 -1.39
C GLY B 55 -18.87 12.44 -2.39
N GLU B 56 -19.67 13.45 -2.02
CA GLU B 56 -19.83 14.61 -2.87
C GLU B 56 -18.51 15.36 -2.94
N ILE B 57 -18.08 15.68 -4.16
CA ILE B 57 -16.85 16.41 -4.44
C ILE B 57 -17.27 17.68 -5.16
N THR B 58 -16.54 18.78 -4.91
CA THR B 58 -16.78 20.03 -5.63
C THR B 58 -15.48 20.50 -6.27
N ARG B 59 -15.62 21.06 -7.47
CA ARG B 59 -14.48 21.60 -8.19
C ARG B 59 -14.90 22.87 -8.90
N GLU B 60 -14.03 23.87 -8.88
CA GLU B 60 -14.24 25.11 -9.61
C GLU B 60 -13.76 24.91 -11.03
N ILE B 61 -14.60 25.28 -12.00
CA ILE B 61 -14.29 25.04 -13.41
C ILE B 61 -14.51 26.34 -14.19
N PHE B 62 -13.45 26.78 -14.90
CA PHE B 62 -13.48 27.94 -15.78
C PHE B 62 -14.15 27.56 -17.11
N GLU B 63 -15.24 28.27 -17.44
CA GLU B 63 -16.07 27.96 -18.60
C GLU B 63 -15.98 29.13 -19.56
N ARG B 64 -15.39 28.87 -20.74
CA ARG B 64 -15.21 29.91 -21.75
C ARG B 64 -15.51 29.40 -23.14
N GLY B 65 -16.31 28.35 -23.28
CA GLY B 65 -16.59 27.79 -24.59
C GLY B 65 -15.38 27.06 -25.13
N HIS B 66 -15.46 26.71 -26.42
CA HIS B 66 -14.46 25.86 -27.08
C HIS B 66 -14.02 26.52 -28.37
N ALA B 67 -12.87 26.08 -28.89
CA ALA B 67 -12.20 26.84 -29.95
C ALA B 67 -11.83 25.96 -31.12
N ALA B 68 -11.75 26.61 -32.27
CA ALA B 68 -11.19 26.07 -33.49
C ALA B 68 -9.85 26.74 -33.72
N VAL B 69 -8.86 25.94 -34.11
CA VAL B 69 -7.49 26.41 -34.32
C VAL B 69 -7.02 25.96 -35.69
N LEU B 70 -6.33 26.84 -36.42
CA LEU B 70 -5.86 26.54 -37.78
C LEU B 70 -4.36 26.77 -37.87
N LEU B 71 -3.63 25.72 -38.22
CA LEU B 71 -2.22 25.82 -38.61
C LEU B 71 -2.18 26.09 -40.11
N PRO B 72 -1.83 27.31 -40.55
CA PRO B 72 -1.80 27.57 -41.99
C PRO B 72 -0.46 27.16 -42.57
N PHE B 73 -0.46 26.15 -43.42
CA PHE B 73 0.76 25.53 -43.93
C PHE B 73 0.76 25.63 -45.45
N ASP B 74 1.84 26.16 -45.99
CA ASP B 74 2.04 26.22 -47.44
C ASP B 74 2.93 25.02 -47.82
N PRO B 75 2.38 23.97 -48.41
CA PRO B 75 3.22 22.77 -48.63
C PRO B 75 4.14 22.91 -49.82
N VAL B 76 3.89 23.85 -50.71
CA VAL B 76 4.79 24.07 -51.84
C VAL B 76 6.06 24.72 -51.34
N ARG B 77 5.93 25.76 -50.53
CA ARG B 77 7.05 26.52 -50.00
C ARG B 77 7.61 26.00 -48.69
N ASP B 78 6.93 25.06 -48.01
CA ASP B 78 7.33 24.60 -46.67
C ASP B 78 7.40 25.76 -45.68
N GLU B 79 6.31 26.53 -45.62
CA GLU B 79 6.23 27.73 -44.80
C GLU B 79 4.96 27.68 -43.97
N VAL B 80 5.00 28.39 -42.85
CA VAL B 80 3.90 28.49 -41.91
CA VAL B 80 3.86 28.49 -41.97
C VAL B 80 3.54 29.96 -41.74
N VAL B 81 2.24 30.25 -41.55
CA VAL B 81 1.77 31.60 -41.31
C VAL B 81 1.41 31.69 -39.83
N LEU B 82 2.04 32.62 -39.13
CA LEU B 82 1.80 32.88 -37.72
C LEU B 82 1.09 34.21 -37.60
N VAL B 83 0.32 34.39 -36.53
CA VAL B 83 -0.27 35.68 -36.22
C VAL B 83 0.22 36.16 -34.87
N GLU B 84 0.50 37.45 -34.76
CA GLU B 84 0.97 38.08 -33.55
C GLU B 84 -0.10 39.02 -32.99
N GLN B 85 -0.38 38.89 -31.70
CA GLN B 85 -1.27 39.83 -31.01
C GLN B 85 -1.02 39.73 -29.52
N ILE B 86 -1.44 40.77 -28.80
CA ILE B 86 -1.22 40.80 -27.37
C ILE B 86 -2.18 39.84 -26.68
N ARG B 87 -1.66 39.12 -25.69
CA ARG B 87 -2.45 38.23 -24.81
C ARG B 87 -2.06 38.63 -23.39
N ILE B 88 -2.85 39.52 -22.78
CA ILE B 88 -2.40 40.13 -21.52
C ILE B 88 -2.24 39.09 -20.42
N ALA B 89 -2.95 37.96 -20.52
CA ALA B 89 -2.79 36.91 -19.51
C ALA B 89 -1.38 36.36 -19.50
N ALA B 90 -0.64 36.49 -20.60
CA ALA B 90 0.74 36.00 -20.64
C ALA B 90 1.71 36.90 -19.88
N TYR B 91 1.28 38.11 -19.49
CA TYR B 91 2.19 39.16 -19.03
C TYR B 91 3.08 38.71 -17.88
N ASP B 92 2.49 38.10 -16.84
CA ASP B 92 3.23 37.86 -15.61
C ASP B 92 4.34 36.84 -15.74
N THR B 93 4.29 35.95 -16.75
CA THR B 93 5.26 34.86 -16.84
C THR B 93 6.05 34.87 -18.14
N SER B 94 5.91 35.91 -18.97
CA SER B 94 6.45 35.88 -20.32
C SER B 94 7.32 37.10 -20.58
N GLU B 95 8.23 36.94 -21.53
CA GLU B 95 9.10 38.06 -21.92
C GLU B 95 8.28 39.21 -22.44
N SER B 96 7.27 38.90 -23.24
CA SER B 96 6.37 39.88 -23.81
C SER B 96 4.97 39.28 -23.86
N PRO B 97 3.95 40.08 -23.66
CA PRO B 97 2.58 39.55 -23.81
C PRO B 97 2.15 39.45 -25.27
N TRP B 98 2.94 39.95 -26.23
CA TRP B 98 2.65 39.72 -27.64
C TRP B 98 3.15 38.33 -27.98
N LEU B 99 2.25 37.48 -28.46
CA LEU B 99 2.57 36.08 -28.73
C LEU B 99 2.48 35.79 -30.22
N LEU B 100 3.30 34.84 -30.68
CA LEU B 100 3.15 34.25 -32.01
C LEU B 100 2.26 33.02 -31.92
N GLU B 101 1.16 33.02 -32.67
CA GLU B 101 0.12 32.03 -32.48
C GLU B 101 -0.46 31.51 -33.79
N MET B 102 -1.26 30.47 -33.66
CA MET B 102 -2.13 29.98 -34.71
C MET B 102 -3.38 30.85 -34.81
N VAL B 103 -3.93 30.91 -36.01
CA VAL B 103 -5.29 31.40 -36.21
C VAL B 103 -6.24 30.59 -35.34
N ALA B 104 -7.18 31.28 -34.67
CA ALA B 104 -8.10 30.58 -33.77
C ALA B 104 -9.33 31.44 -33.49
N GLY B 105 -10.43 30.77 -33.18
CA GLY B 105 -11.60 31.46 -32.69
C GLY B 105 -12.57 30.56 -31.96
N MET B 106 -13.48 31.21 -31.25
CA MET B 106 -14.49 30.48 -30.49
C MET B 106 -15.51 29.87 -31.43
N ILE B 107 -16.00 28.68 -31.08
CA ILE B 107 -17.05 28.01 -31.85
C ILE B 107 -18.40 28.39 -31.25
N GLU B 108 -19.26 28.98 -32.07
CA GLU B 108 -20.59 29.37 -31.63
C GLU B 108 -21.57 28.22 -31.86
N ALA B 109 -22.76 28.39 -31.30
CA ALA B 109 -23.78 27.36 -31.37
C ALA B 109 -24.04 26.92 -32.81
N GLY B 110 -23.89 25.62 -33.04
CA GLY B 110 -24.20 25.04 -34.33
C GLY B 110 -23.15 25.22 -35.42
N GLU B 111 -22.03 25.89 -35.12
CA GLU B 111 -20.96 26.08 -36.09
C GLU B 111 -20.04 24.86 -36.14
N THR B 112 -19.39 24.65 -37.28
CA THR B 112 -18.37 23.62 -37.39
C THR B 112 -16.98 24.21 -37.12
N VAL B 113 -16.07 23.32 -36.76
CA VAL B 113 -14.67 23.71 -36.59
C VAL B 113 -14.15 24.35 -37.88
N GLU B 114 -14.51 23.78 -39.03
CA GLU B 114 -14.03 24.28 -40.31
C GLU B 114 -14.56 25.68 -40.61
N ASP B 115 -15.86 25.90 -40.38
CA ASP B 115 -16.47 27.22 -40.50
C ASP B 115 -15.63 28.27 -39.78
N VAL B 116 -15.38 28.03 -38.50
CA VAL B 116 -14.67 28.98 -37.66
C VAL B 116 -13.25 29.16 -38.15
N ALA B 117 -12.54 28.06 -38.44
CA ALA B 117 -11.17 28.17 -38.88
C ALA B 117 -11.07 29.00 -40.15
N ARG B 118 -11.99 28.78 -41.09
CA ARG B 118 -11.95 29.54 -42.33
C ARG B 118 -12.27 31.01 -42.10
N ARG B 119 -13.29 31.30 -41.28
CA ARG B 119 -13.62 32.69 -40.97
C ARG B 119 -12.47 33.40 -40.30
N GLU B 120 -11.86 32.76 -39.29
CA GLU B 120 -10.77 33.42 -38.57
C GLU B 120 -9.52 33.57 -39.44
N ALA B 121 -9.26 32.61 -40.33
CA ALA B 121 -8.12 32.78 -41.24
C ALA B 121 -8.30 34.04 -42.07
N LEU B 122 -9.53 34.32 -42.49
CA LEU B 122 -9.77 35.54 -43.26
C LEU B 122 -9.69 36.79 -42.37
N GLU B 123 -10.31 36.73 -41.19
CA GLU B 123 -10.41 37.92 -40.37
C GLU B 123 -9.08 38.27 -39.71
N GLU B 124 -8.29 37.26 -39.34
CA GLU B 124 -7.03 37.48 -38.63
C GLU B 124 -5.82 37.58 -39.53
N ALA B 125 -5.86 36.98 -40.72
CA ALA B 125 -4.67 36.86 -41.55
C ALA B 125 -4.94 37.16 -43.02
N GLY B 126 -6.18 37.45 -43.39
CA GLY B 126 -6.49 37.72 -44.77
C GLY B 126 -6.28 36.54 -45.69
N LEU B 127 -6.40 35.33 -45.17
CA LEU B 127 -6.03 34.10 -45.86
C LEU B 127 -7.25 33.32 -46.30
N GLU B 128 -7.26 32.90 -47.56
CA GLU B 128 -8.11 31.82 -48.03
C GLU B 128 -7.42 30.49 -47.76
N VAL B 129 -8.23 29.45 -47.52
CA VAL B 129 -7.72 28.14 -47.14
C VAL B 129 -8.18 27.13 -48.17
N GLY B 130 -7.28 26.22 -48.54
CA GLY B 130 -7.62 25.18 -49.48
C GLY B 130 -8.09 23.95 -48.75
N ARG B 131 -7.38 22.84 -48.92
CA ARG B 131 -7.73 21.60 -48.22
C ARG B 131 -7.46 21.74 -46.73
N THR B 132 -8.12 20.89 -45.94
CA THR B 132 -7.92 20.87 -44.49
C THR B 132 -7.92 19.43 -44.01
N LYS B 133 -7.17 19.18 -42.92
CA LYS B 133 -7.01 17.88 -42.27
C LYS B 133 -7.08 18.13 -40.77
N PRO B 134 -7.75 17.28 -40.01
CA PRO B 134 -7.62 17.37 -38.55
C PRO B 134 -6.19 17.08 -38.12
N ILE B 135 -5.74 17.80 -37.09
CA ILE B 135 -4.49 17.49 -36.40
C ILE B 135 -4.91 16.70 -35.16
N LEU B 136 -5.41 17.42 -34.16
CA LEU B 136 -5.95 16.78 -32.98
C LEU B 136 -6.73 17.81 -32.20
N SER B 137 -7.53 17.31 -31.26
CA SER B 137 -8.40 18.13 -30.44
C SER B 137 -8.02 17.88 -29.00
N TYR B 138 -7.75 18.95 -28.24
CA TYR B 138 -7.16 18.78 -26.91
C TYR B 138 -7.83 19.66 -25.87
N LEU B 139 -7.77 19.20 -24.62
CA LEU B 139 -8.21 19.96 -23.47
C LEU B 139 -7.05 20.81 -22.96
N ALA B 140 -7.26 22.13 -22.91
CA ALA B 140 -6.17 23.04 -22.59
C ALA B 140 -5.58 22.78 -21.22
N SER B 141 -6.42 22.54 -20.22
CA SER B 141 -5.95 22.39 -18.84
C SER B 141 -7.11 21.84 -18.01
N PRO B 142 -7.37 20.54 -18.14
CA PRO B 142 -8.64 19.98 -17.63
C PRO B 142 -8.76 19.90 -16.13
N GLY B 143 -7.71 20.23 -15.37
CA GLY B 143 -7.87 20.33 -13.93
C GLY B 143 -8.64 21.57 -13.50
N GLY B 144 -8.79 22.55 -14.39
CA GLY B 144 -9.48 23.75 -13.96
C GLY B 144 -10.34 24.44 -15.01
N THR B 145 -10.27 24.02 -16.27
CA THR B 145 -11.11 24.61 -17.31
C THR B 145 -11.63 23.51 -18.21
N SER B 146 -12.86 23.69 -18.71
CA SER B 146 -13.44 22.75 -19.66
C SER B 146 -12.95 22.95 -21.09
N GLU B 147 -12.18 24.00 -21.36
CA GLU B 147 -11.93 24.40 -22.74
C GLU B 147 -11.27 23.30 -23.55
N ARG B 148 -11.87 23.02 -24.70
CA ARG B 148 -11.33 22.13 -25.71
C ARG B 148 -11.02 22.95 -26.96
N LEU B 149 -9.87 22.68 -27.58
CA LEU B 149 -9.47 23.35 -28.82
C LEU B 149 -9.21 22.30 -29.88
N SER B 150 -9.82 22.46 -31.05
CA SER B 150 -9.74 21.48 -32.13
C SER B 150 -8.90 22.09 -33.23
N ILE B 151 -7.75 21.47 -33.51
CA ILE B 151 -6.78 22.00 -34.46
C ILE B 151 -6.94 21.31 -35.79
N LEU B 152 -6.96 22.11 -36.86
CA LEU B 152 -6.86 21.68 -38.24
C LEU B 152 -5.55 22.22 -38.82
N VAL B 153 -4.99 21.51 -39.80
CA VAL B 153 -4.00 22.10 -40.70
C VAL B 153 -4.71 22.50 -41.98
N GLY B 154 -4.41 23.69 -42.47
CA GLY B 154 -5.08 24.22 -43.66
C GLY B 154 -4.04 24.57 -44.71
N GLU B 155 -4.33 24.18 -45.95
CA GLU B 155 -3.46 24.47 -47.08
C GLU B 155 -3.58 25.93 -47.48
N VAL B 156 -2.47 26.66 -47.47
CA VAL B 156 -2.51 28.07 -47.86
C VAL B 156 -1.37 28.38 -48.81
N ASP B 157 -1.53 29.49 -49.52
CA ASP B 157 -0.50 30.08 -50.38
C ASP B 157 0.11 31.17 -49.53
N ALA B 158 1.32 30.94 -49.02
CA ALA B 158 1.89 31.87 -48.06
C ALA B 158 2.22 33.22 -48.67
N SER B 159 2.29 33.33 -49.99
CA SER B 159 2.56 34.61 -50.63
C SER B 159 1.34 35.54 -50.54
N THR B 160 0.20 35.03 -50.10
CA THR B 160 -1.02 35.84 -49.96
C THR B 160 -1.27 36.26 -48.52
N ALA B 161 -0.36 35.92 -47.61
CA ALA B 161 -0.47 36.23 -46.18
C ALA B 161 0.41 37.44 -45.86
N LYS B 162 -0.23 38.57 -45.60
CA LYS B 162 0.52 39.78 -45.30
C LYS B 162 -0.33 40.72 -44.48
N GLY B 163 0.34 41.70 -43.89
CA GLY B 163 -0.33 42.86 -43.36
C GLY B 163 -0.80 42.75 -41.93
N ILE B 164 -1.61 43.76 -41.59
CA ILE B 164 -2.22 43.95 -40.28
C ILE B 164 -3.72 43.71 -40.41
N HIS B 165 -4.27 42.91 -39.50
CA HIS B 165 -5.68 42.54 -39.56
C HIS B 165 -6.28 42.65 -38.17
N GLY B 166 -7.37 41.95 -37.94
CA GLY B 166 -8.07 42.00 -36.67
C GLY B 166 -9.20 43.01 -36.69
N LEU B 167 -10.23 42.74 -35.88
CA LEU B 167 -11.42 43.59 -35.81
C LEU B 167 -11.21 44.69 -34.78
N ALA B 168 -11.23 45.95 -35.24
CA ALA B 168 -11.25 47.06 -34.30
C ALA B 168 -12.55 47.09 -33.50
N GLU B 169 -13.61 46.46 -34.01
CA GLU B 169 -14.84 46.32 -33.22
C GLU B 169 -14.58 45.44 -32.00
N GLU B 170 -13.72 44.45 -32.13
CA GLU B 170 -13.24 43.67 -30.99
C GLU B 170 -11.95 44.23 -30.41
N ASN B 171 -11.49 45.38 -30.92
CA ASN B 171 -10.21 45.96 -30.53
C ASN B 171 -9.10 44.92 -30.62
N GLU B 172 -9.15 44.12 -31.69
CA GLU B 172 -8.15 43.09 -31.95
C GLU B 172 -7.22 43.61 -33.03
N ASP B 173 -5.93 43.62 -32.73
CA ASP B 173 -4.88 44.17 -33.58
C ASP B 173 -3.90 43.04 -33.82
N ILE B 174 -3.77 42.59 -35.07
CA ILE B 174 -3.09 41.34 -35.40
C ILE B 174 -2.11 41.57 -36.55
N ARG B 175 -0.91 41.05 -36.41
CA ARG B 175 0.13 41.14 -37.44
C ARG B 175 0.46 39.74 -37.97
N VAL B 176 0.53 39.61 -39.31
CA VAL B 176 0.88 38.34 -39.94
C VAL B 176 2.40 38.21 -40.07
N HIS B 177 2.92 37.01 -39.75
CA HIS B 177 4.31 36.62 -39.97
C HIS B 177 4.35 35.35 -40.79
N VAL B 178 5.17 35.33 -41.83
CA VAL B 178 5.39 34.13 -42.64
C VAL B 178 6.82 33.69 -42.40
N VAL B 179 7.00 32.45 -41.94
CA VAL B 179 8.33 31.90 -41.67
C VAL B 179 8.43 30.49 -42.23
N SER B 180 9.65 30.00 -42.39
CA SER B 180 9.81 28.61 -42.83
C SER B 180 9.27 27.70 -41.72
N ARG B 181 8.86 26.50 -42.11
CA ARG B 181 8.52 25.51 -41.08
C ARG B 181 9.69 25.29 -40.13
N GLU B 182 10.91 25.15 -40.67
CA GLU B 182 12.05 24.88 -39.79
C GLU B 182 12.24 26.02 -38.79
N GLN B 183 12.01 27.27 -39.21
CA GLN B 183 12.16 28.38 -38.28
C GLN B 183 11.08 28.38 -37.21
N ALA B 184 9.84 28.12 -37.60
CA ALA B 184 8.77 28.05 -36.60
C ALA B 184 9.07 26.99 -35.57
N TYR B 185 9.53 25.81 -36.03
CA TYR B 185 9.82 24.72 -35.08
C TYR B 185 11.01 25.07 -34.20
N GLN B 186 12.04 25.71 -34.77
CA GLN B 186 13.16 26.14 -33.95
C GLN B 186 12.70 27.11 -32.87
N TRP B 187 11.71 27.96 -33.20
CA TRP B 187 11.20 28.89 -32.19
C TRP B 187 10.43 28.15 -31.08
N VAL B 188 9.80 27.02 -31.40
CA VAL B 188 9.24 26.19 -30.34
C VAL B 188 10.36 25.66 -29.44
N GLU B 189 11.42 25.09 -30.05
CA GLU B 189 12.55 24.59 -29.28
CA GLU B 189 12.52 24.59 -29.25
C GLU B 189 13.13 25.67 -28.37
N GLU B 190 13.23 26.90 -28.87
CA GLU B 190 13.86 27.99 -28.14
C GLU B 190 12.92 28.64 -27.11
N GLY B 191 11.62 28.37 -27.17
CA GLY B 191 10.67 29.01 -26.28
C GLY B 191 10.11 30.32 -26.79
N LYS B 192 10.43 30.71 -28.01
CA LYS B 192 9.86 31.93 -28.58
C LYS B 192 8.43 31.72 -29.04
N ILE B 193 8.03 30.48 -29.28
CA ILE B 193 6.63 30.11 -29.46
C ILE B 193 6.35 29.14 -28.31
N ASP B 194 5.41 29.50 -27.41
CA ASP B 194 5.23 28.73 -26.19
C ASP B 194 3.79 28.78 -25.70
N ASN B 195 2.85 28.84 -26.62
CA ASN B 195 1.44 28.67 -26.28
C ASN B 195 1.01 27.29 -26.78
N ALA B 196 0.14 26.63 -26.00
CA ALA B 196 -0.18 25.23 -26.25
C ALA B 196 -0.62 24.96 -27.69
N ALA B 197 -1.55 25.77 -28.22
CA ALA B 197 -2.07 25.45 -29.54
C ALA B 197 -0.96 25.45 -30.59
N SER B 198 -0.06 26.42 -30.52
CA SER B 198 1.01 26.52 -31.50
C SER B 198 2.06 25.43 -31.30
N VAL B 199 2.39 25.13 -30.05
CA VAL B 199 3.38 24.07 -29.77
C VAL B 199 2.86 22.74 -30.28
N ILE B 200 1.59 22.42 -29.98
CA ILE B 200 1.02 21.16 -30.43
C ILE B 200 0.97 21.09 -31.95
N ALA B 201 0.51 22.16 -32.59
CA ALA B 201 0.36 22.15 -34.03
C ALA B 201 1.71 22.00 -34.72
N LEU B 202 2.73 22.71 -34.22
CA LEU B 202 4.03 22.69 -34.87
C LEU B 202 4.83 21.43 -34.54
N GLN B 203 4.67 20.85 -33.35
CA GLN B 203 5.27 19.54 -33.12
CA GLN B 203 5.25 19.53 -33.10
C GLN B 203 4.63 18.50 -34.03
N TRP B 204 3.30 18.57 -34.21
CA TRP B 204 2.63 17.66 -35.13
C TRP B 204 3.18 17.83 -36.54
N LEU B 205 3.33 19.09 -36.98
CA LEU B 205 3.85 19.32 -38.33
C LEU B 205 5.26 18.79 -38.47
N GLN B 206 6.07 18.88 -37.42
CA GLN B 206 7.44 18.39 -37.53
C GLN B 206 7.44 16.87 -37.67
N LEU B 207 6.43 16.21 -37.10
CA LEU B 207 6.32 14.77 -37.22
C LEU B 207 5.69 14.32 -38.53
N HIS B 208 4.85 15.14 -39.16
CA HIS B 208 4.04 14.72 -40.30
C HIS B 208 4.32 15.46 -41.61
N TYR B 209 5.24 16.42 -41.65
CA TYR B 209 5.30 17.28 -42.83
C TYR B 209 5.69 16.53 -44.09
N HIS B 210 6.53 15.50 -44.00
CA HIS B 210 6.95 14.82 -45.23
C HIS B 210 5.74 14.21 -45.93
N ASN B 211 4.90 13.49 -45.19
CA ASN B 211 3.72 12.89 -45.80
C ASN B 211 2.73 13.97 -46.23
N LEU B 212 2.61 15.02 -45.43
CA LEU B 212 1.62 16.05 -45.75
C LEU B 212 1.99 16.77 -47.03
N ARG B 213 3.26 17.15 -47.18
CA ARG B 213 3.69 17.81 -48.41
C ARG B 213 3.49 16.90 -49.61
N ASN B 214 3.79 15.60 -49.46
CA ASN B 214 3.56 14.70 -50.58
C ASN B 214 2.07 14.61 -50.92
N GLU B 215 1.21 14.56 -49.89
CA GLU B 215 -0.21 14.43 -50.15
C GLU B 215 -0.75 15.66 -50.87
N TRP B 216 -0.26 16.84 -50.51
CA TRP B 216 -0.80 18.10 -51.04
C TRP B 216 -0.02 18.67 -52.21
N THR B 217 1.08 18.05 -52.63
CA THR B 217 1.73 18.46 -53.87
C THR B 217 1.67 17.39 -54.94
N LYS B 218 1.28 16.17 -54.59
CA LYS B 218 1.05 15.11 -55.55
C LYS B 218 0.12 15.60 -56.66
N GLN C 15 -15.33 5.68 2.84
CA GLN C 15 -15.53 6.81 3.74
C GLN C 15 -16.79 6.59 4.57
N GLY C 16 -16.65 6.69 5.89
CA GLY C 16 -17.75 6.38 6.80
C GLY C 16 -18.32 7.60 7.51
N ILE C 17 -18.62 7.44 8.81
CA ILE C 17 -19.41 8.43 9.54
C ILE C 17 -18.72 9.79 9.51
N THR C 18 -19.53 10.85 9.64
CA THR C 18 -19.04 12.21 9.60
C THR C 18 -18.83 12.81 10.99
N PHE C 19 -19.74 12.54 11.93
CA PHE C 19 -19.79 13.27 13.18
C PHE C 19 -19.49 12.36 14.36
N SER C 20 -19.09 13.00 15.46
CA SER C 20 -18.73 12.37 16.72
C SER C 20 -19.70 12.82 17.82
N LYS C 21 -19.39 12.46 19.07
CA LYS C 21 -20.19 12.89 20.20
C LYS C 21 -20.16 14.40 20.40
N ASN C 22 -19.06 15.06 20.00
CA ASN C 22 -18.97 16.51 20.11
C ASN C 22 -19.98 17.22 19.23
N ASP C 23 -20.65 16.50 18.33
CA ASP C 23 -21.61 17.09 17.41
C ASP C 23 -23.06 16.89 17.86
N VAL C 24 -23.27 16.34 19.06
CA VAL C 24 -24.59 16.20 19.65
C VAL C 24 -24.60 16.92 20.98
N GLU C 25 -25.75 17.52 21.31
CA GLU C 25 -26.00 18.10 22.63
C GLU C 25 -27.20 17.37 23.21
N ILE C 26 -26.99 16.58 24.25
CA ILE C 26 -28.09 15.94 24.97
C ILE C 26 -28.55 16.92 26.05
N ILE C 27 -29.71 17.52 25.83
CA ILE C 27 -30.20 18.58 26.71
C ILE C 27 -30.63 18.01 28.05
N ALA C 28 -31.42 16.94 28.03
CA ALA C 28 -31.92 16.33 29.25
C ALA C 28 -32.40 14.92 28.94
N ARG C 29 -32.48 14.10 29.99
CA ARG C 29 -33.06 12.77 29.91
C ARG C 29 -34.12 12.63 30.98
N GLU C 30 -35.36 12.41 30.55
CA GLU C 30 -36.51 12.33 31.44
C GLU C 30 -36.90 10.87 31.58
N THR C 31 -36.98 10.38 32.82
CA THR C 31 -37.48 9.02 33.02
C THR C 31 -39.01 9.05 32.99
N LEU C 32 -39.58 8.44 31.95
CA LEU C 32 -41.02 8.38 31.76
C LEU C 32 -41.65 7.28 32.59
N TYR C 33 -40.91 6.21 32.81
CA TYR C 33 -41.39 5.04 33.54
C TYR C 33 -40.19 4.38 34.19
N ARG C 34 -40.35 3.94 35.45
CA ARG C 34 -39.33 3.14 36.10
C ARG C 34 -39.97 1.97 36.83
N GLY C 35 -39.54 0.75 36.48
CA GLY C 35 -39.96 -0.43 37.22
C GLY C 35 -38.81 -1.40 37.34
N PHE C 36 -38.90 -2.52 36.63
CA PHE C 36 -37.74 -3.39 36.46
C PHE C 36 -36.73 -2.71 35.55
N PHE C 37 -37.19 -2.20 34.41
CA PHE C 37 -36.42 -1.40 33.47
C PHE C 37 -36.96 0.02 33.46
N SER C 38 -36.40 0.86 32.59
CA SER C 38 -36.79 2.26 32.51
C SER C 38 -37.07 2.64 31.06
N LEU C 39 -37.99 3.57 30.90
CA LEU C 39 -38.24 4.22 29.63
C LEU C 39 -37.85 5.68 29.79
N ASP C 40 -36.85 6.10 29.03
CA ASP C 40 -36.33 7.45 29.13
C ASP C 40 -36.66 8.24 27.86
N LEU C 41 -36.91 9.52 28.04
CA LEU C 41 -37.05 10.48 26.95
C LEU C 41 -35.72 11.20 26.80
N TYR C 42 -35.04 10.99 25.68
CA TYR C 42 -33.86 11.77 25.35
C TYR C 42 -34.31 13.05 24.65
N ARG C 43 -33.74 14.18 25.06
CA ARG C 43 -33.99 15.47 24.45
C ARG C 43 -32.64 16.01 23.99
N PHE C 44 -32.50 16.28 22.69
CA PHE C 44 -31.17 16.54 22.17
C PHE C 44 -31.20 17.37 20.91
N ARG C 45 -30.04 17.96 20.60
CA ARG C 45 -29.77 18.71 19.39
C ARG C 45 -28.50 18.15 18.77
N HIS C 46 -28.44 18.14 17.43
CA HIS C 46 -27.29 17.56 16.75
C HIS C 46 -27.01 18.31 15.45
N ARG C 47 -25.78 18.15 14.97
CA ARG C 47 -25.35 18.82 13.76
C ARG C 47 -25.94 18.15 12.53
N LEU C 48 -26.12 18.94 11.48
CA LEU C 48 -26.71 18.50 10.22
C LEU C 48 -25.62 18.35 9.16
N PHE C 49 -25.87 17.45 8.21
CA PHE C 49 -24.88 17.17 7.17
C PHE C 49 -24.62 18.39 6.31
N ASN C 50 -25.65 19.19 6.05
CA ASN C 50 -25.50 20.44 5.30
C ASN C 50 -25.22 21.60 6.23
N GLY C 51 -24.38 21.39 7.24
CA GLY C 51 -24.08 22.41 8.21
C GLY C 51 -25.30 22.85 8.98
N GLY C 52 -25.08 23.43 10.16
CA GLY C 52 -26.15 23.90 10.99
C GLY C 52 -26.49 22.89 12.08
N MET C 53 -27.40 23.32 12.95
CA MET C 53 -27.83 22.52 14.08
C MET C 53 -29.30 22.20 13.92
N SER C 54 -29.67 20.98 14.28
CA SER C 54 -31.07 20.59 14.30
C SER C 54 -31.82 21.44 15.32
N GLY C 55 -33.14 21.39 15.22
CA GLY C 55 -33.97 21.79 16.35
C GLY C 55 -33.87 20.76 17.45
N GLU C 56 -34.70 20.95 18.47
CA GLU C 56 -34.76 20.05 19.61
C GLU C 56 -35.53 18.78 19.24
N ILE C 57 -34.92 17.61 19.50
CA ILE C 57 -35.46 16.30 19.14
C ILE C 57 -35.78 15.53 20.41
N THR C 58 -36.79 14.66 20.35
CA THR C 58 -37.09 13.76 21.46
C THR C 58 -37.27 12.33 20.96
N ARG C 59 -36.80 11.37 21.76
CA ARG C 59 -36.95 9.95 21.47
C ARG C 59 -37.24 9.20 22.75
N GLU C 60 -38.16 8.24 22.68
CA GLU C 60 -38.48 7.34 23.79
C GLU C 60 -37.62 6.09 23.69
N ILE C 61 -36.66 5.96 24.59
CA ILE C 61 -35.65 4.90 24.52
C ILE C 61 -35.80 3.96 25.70
N PHE C 62 -35.90 2.67 25.42
CA PHE C 62 -36.01 1.64 26.42
C PHE C 62 -34.62 1.32 26.94
N GLU C 63 -34.43 1.46 28.25
CA GLU C 63 -33.15 1.25 28.92
C GLU C 63 -33.24 -0.02 29.73
N ARG C 64 -32.50 -1.05 29.31
CA ARG C 64 -32.48 -2.31 30.03
C ARG C 64 -31.07 -2.81 30.27
N GLY C 65 -30.07 -1.94 30.17
CA GLY C 65 -28.72 -2.41 30.33
C GLY C 65 -28.26 -3.18 29.10
N HIS C 66 -27.15 -3.89 29.26
CA HIS C 66 -26.45 -4.53 28.15
C HIS C 66 -26.15 -5.97 28.50
N ALA C 67 -25.80 -6.76 27.49
CA ALA C 67 -25.74 -8.20 27.66
C ALA C 67 -24.46 -8.79 27.08
N ALA C 68 -24.11 -9.96 27.63
CA ALA C 68 -23.08 -10.83 27.11
C ALA C 68 -23.73 -12.09 26.56
N VAL C 69 -23.28 -12.53 25.40
CA VAL C 69 -23.86 -13.65 24.68
C VAL C 69 -22.74 -14.62 24.38
N LEU C 70 -22.99 -15.92 24.56
CA LEU C 70 -22.00 -16.94 24.24
C LEU C 70 -22.57 -17.91 23.23
N LEU C 71 -21.86 -18.10 22.12
CA LEU C 71 -22.16 -19.15 21.15
C LEU C 71 -21.34 -20.37 21.55
N PRO C 72 -21.95 -21.43 22.10
CA PRO C 72 -21.13 -22.58 22.48
C PRO C 72 -20.92 -23.50 21.31
N PHE C 73 -19.66 -23.66 20.92
CA PHE C 73 -19.29 -24.37 19.71
C PHE C 73 -18.28 -25.44 20.07
N ASP C 74 -18.57 -26.66 19.64
CA ASP C 74 -17.68 -27.80 19.82
C ASP C 74 -16.98 -28.01 18.47
N PRO C 75 -15.71 -27.59 18.32
CA PRO C 75 -15.06 -27.67 17.00
C PRO C 75 -14.73 -29.09 16.58
N VAL C 76 -14.59 -30.01 17.55
CA VAL C 76 -14.30 -31.40 17.24
C VAL C 76 -15.53 -32.08 16.67
N ARG C 77 -16.68 -31.85 17.29
CA ARG C 77 -17.94 -32.46 16.89
C ARG C 77 -18.69 -31.63 15.84
N ASP C 78 -18.26 -30.40 15.60
CA ASP C 78 -18.98 -29.48 14.71
C ASP C 78 -20.44 -29.34 15.15
N GLU C 79 -20.64 -29.15 16.45
CA GLU C 79 -21.96 -29.01 17.06
C GLU C 79 -22.05 -27.70 17.84
N VAL C 80 -23.29 -27.22 18.02
CA VAL C 80 -23.55 -26.08 18.88
C VAL C 80 -24.54 -26.50 19.96
N VAL C 81 -24.51 -25.76 21.06
CA VAL C 81 -25.45 -25.95 22.17
C VAL C 81 -26.39 -24.76 22.21
N LEU C 82 -27.68 -25.04 22.18
CA LEU C 82 -28.72 -24.01 22.19
C LEU C 82 -29.58 -24.18 23.44
N VAL C 83 -30.17 -23.07 23.90
CA VAL C 83 -31.06 -23.11 25.06
C VAL C 83 -32.44 -22.64 24.61
N GLU C 84 -33.46 -23.36 25.07
CA GLU C 84 -34.83 -23.09 24.68
C GLU C 84 -35.58 -22.56 25.91
N GLN C 85 -36.25 -21.43 25.76
CA GLN C 85 -37.10 -20.93 26.84
C GLN C 85 -38.11 -19.98 26.24
N ILE C 86 -39.16 -19.69 27.01
CA ILE C 86 -40.19 -18.80 26.51
C ILE C 86 -39.71 -17.35 26.58
N ARG C 87 -40.03 -16.58 25.52
CA ARG C 87 -39.84 -15.13 25.48
C ARG C 87 -41.20 -14.56 25.08
N ILE C 88 -41.96 -14.07 26.07
CA ILE C 88 -43.36 -13.76 25.79
C ILE C 88 -43.49 -12.66 24.73
N ALA C 89 -42.48 -11.81 24.59
CA ALA C 89 -42.61 -10.73 23.59
C ALA C 89 -42.63 -11.25 22.16
N ALA C 90 -42.20 -12.50 21.94
CA ALA C 90 -42.29 -13.11 20.63
C ALA C 90 -43.71 -13.49 20.26
N TYR C 91 -44.63 -13.52 21.22
CA TYR C 91 -45.94 -14.12 21.03
C TYR C 91 -46.67 -13.56 19.81
N ASP C 92 -46.72 -12.24 19.67
CA ASP C 92 -47.60 -11.66 18.66
C ASP C 92 -47.15 -11.90 17.22
N THR C 93 -45.87 -12.22 17.01
CA THR C 93 -45.35 -12.38 15.65
C THR C 93 -44.75 -13.74 15.38
N SER C 94 -44.91 -14.71 16.30
CA SER C 94 -44.31 -16.02 16.19
C SER C 94 -45.40 -17.07 16.40
N GLU C 95 -45.20 -18.23 15.80
CA GLU C 95 -46.13 -19.32 16.05
C GLU C 95 -46.00 -19.83 17.48
N SER C 96 -44.79 -19.82 18.02
CA SER C 96 -44.56 -20.20 19.42
C SER C 96 -43.63 -19.20 20.08
N PRO C 97 -43.89 -18.80 21.31
CA PRO C 97 -42.97 -17.89 22.00
C PRO C 97 -41.78 -18.59 22.65
N TRP C 98 -41.69 -19.92 22.57
CA TRP C 98 -40.49 -20.61 23.01
C TRP C 98 -39.44 -20.50 21.91
N LEU C 99 -38.30 -19.90 22.22
CA LEU C 99 -37.24 -19.64 21.26
C LEU C 99 -36.00 -20.47 21.54
N LEU C 100 -35.30 -20.84 20.47
CA LEU C 100 -33.96 -21.42 20.54
C LEU C 100 -32.94 -20.30 20.51
N GLU C 101 -32.13 -20.19 21.56
CA GLU C 101 -31.26 -19.04 21.72
C GLU C 101 -29.86 -19.40 22.17
N MET C 102 -28.99 -18.39 22.11
CA MET C 102 -27.67 -18.43 22.68
C MET C 102 -27.75 -18.22 24.19
N VAL C 103 -26.77 -18.80 24.90
CA VAL C 103 -26.54 -18.45 26.29
C VAL C 103 -26.32 -16.95 26.41
N ALA C 104 -26.95 -16.32 27.39
CA ALA C 104 -26.81 -14.88 27.52
C ALA C 104 -27.13 -14.45 28.94
N GLY C 105 -26.59 -13.29 29.32
CA GLY C 105 -26.90 -12.70 30.60
C GLY C 105 -26.61 -11.22 30.59
N MET C 106 -27.32 -10.49 31.46
CA MET C 106 -27.06 -9.06 31.60
C MET C 106 -25.76 -8.82 32.35
N ILE C 107 -25.08 -7.74 32.00
CA ILE C 107 -23.81 -7.38 32.60
C ILE C 107 -24.08 -6.38 33.69
N GLU C 108 -23.64 -6.69 34.91
CA GLU C 108 -23.74 -5.77 36.03
C GLU C 108 -22.43 -4.98 36.15
N ALA C 109 -22.49 -3.89 36.90
CA ALA C 109 -21.35 -2.98 36.95
C ALA C 109 -20.09 -3.72 37.39
N GLY C 110 -18.98 -3.47 36.68
CA GLY C 110 -17.70 -4.03 37.03
C GLY C 110 -17.43 -5.42 36.50
N GLU C 111 -18.43 -6.10 35.94
CA GLU C 111 -18.22 -7.39 35.31
C GLU C 111 -17.76 -7.20 33.87
N THR C 112 -17.04 -8.20 33.37
CA THR C 112 -16.63 -8.21 31.97
C THR C 112 -17.57 -9.10 31.15
N VAL C 113 -17.51 -8.93 29.84
CA VAL C 113 -18.29 -9.77 28.95
C VAL C 113 -17.90 -11.23 29.11
N GLU C 114 -16.59 -11.49 29.17
CA GLU C 114 -16.15 -12.89 29.23
C GLU C 114 -16.60 -13.55 30.53
N ASP C 115 -16.55 -12.81 31.63
CA ASP C 115 -16.95 -13.40 32.91
C ASP C 115 -18.41 -13.80 32.89
N VAL C 116 -19.27 -12.90 32.40
CA VAL C 116 -20.70 -13.21 32.32
C VAL C 116 -20.95 -14.36 31.35
N ALA C 117 -20.30 -14.31 30.19
CA ALA C 117 -20.51 -15.37 29.21
C ALA C 117 -20.17 -16.73 29.79
N ARG C 118 -19.01 -16.84 30.45
CA ARG C 118 -18.58 -18.13 30.99
C ARG C 118 -19.50 -18.58 32.11
N ARG C 119 -19.94 -17.66 32.97
CA ARG C 119 -20.82 -18.03 34.06
C ARG C 119 -22.14 -18.58 33.53
N GLU C 120 -22.76 -17.88 32.58
CA GLU C 120 -24.07 -18.30 32.11
C GLU C 120 -24.00 -19.62 31.36
N ALA C 121 -22.90 -19.87 30.64
CA ALA C 121 -22.75 -21.17 29.97
C ALA C 121 -22.80 -22.29 30.99
N LEU C 122 -22.18 -22.10 32.14
CA LEU C 122 -22.20 -23.12 33.18
C LEU C 122 -23.59 -23.24 33.81
N GLU C 123 -24.21 -22.11 34.16
CA GLU C 123 -25.48 -22.16 34.89
C GLU C 123 -26.64 -22.53 33.97
N GLU C 124 -26.62 -22.06 32.72
CA GLU C 124 -27.74 -22.27 31.81
C GLU C 124 -27.63 -23.59 31.05
N ALA C 125 -26.41 -24.02 30.71
CA ALA C 125 -26.24 -25.23 29.91
C ALA C 125 -25.26 -26.23 30.49
N GLY C 126 -24.77 -26.01 31.71
CA GLY C 126 -23.86 -26.95 32.36
C GLY C 126 -22.53 -27.10 31.66
N LEU C 127 -22.10 -26.08 30.90
CA LEU C 127 -20.95 -26.18 30.01
C LEU C 127 -19.74 -25.50 30.63
N GLU C 128 -18.65 -26.25 30.78
CA GLU C 128 -17.34 -25.67 31.00
C GLU C 128 -16.82 -25.14 29.67
N VAL C 129 -16.39 -23.88 29.66
CA VAL C 129 -15.87 -23.27 28.43
C VAL C 129 -14.35 -23.27 28.47
N GLY C 130 -13.74 -23.60 27.34
CA GLY C 130 -12.29 -23.51 27.21
C GLY C 130 -11.88 -22.16 26.67
N ARG C 131 -11.36 -22.13 25.46
CA ARG C 131 -11.00 -20.86 24.84
C ARG C 131 -12.25 -20.09 24.40
N THR C 132 -12.13 -18.77 24.39
CA THR C 132 -13.15 -17.91 23.79
C THR C 132 -12.49 -17.01 22.75
N LYS C 133 -13.33 -16.46 21.87
CA LYS C 133 -12.92 -15.44 20.92
C LYS C 133 -14.10 -14.49 20.76
N PRO C 134 -13.85 -13.20 20.59
CA PRO C 134 -14.97 -12.29 20.26
C PRO C 134 -15.52 -12.58 18.88
N ILE C 135 -16.83 -12.45 18.75
CA ILE C 135 -17.52 -12.52 17.46
C ILE C 135 -17.76 -11.07 17.04
N LEU C 136 -18.76 -10.43 17.66
CA LEU C 136 -19.17 -9.07 17.33
C LEU C 136 -19.95 -8.51 18.50
N SER C 137 -20.03 -7.18 18.57
CA SER C 137 -20.86 -6.47 19.54
C SER C 137 -21.83 -5.60 18.77
N TYR C 138 -23.14 -5.75 19.02
CA TYR C 138 -24.13 -5.07 18.18
C TYR C 138 -25.19 -4.38 19.03
N LEU C 139 -25.79 -3.36 18.42
CA LEU C 139 -26.98 -2.69 18.93
C LEU C 139 -28.22 -3.43 18.45
N ALA C 140 -29.05 -3.87 19.41
CA ALA C 140 -30.22 -4.68 19.06
C ALA C 140 -31.20 -3.92 18.19
N SER C 141 -31.52 -2.67 18.54
CA SER C 141 -32.51 -1.91 17.80
C SER C 141 -32.34 -0.44 18.13
N PRO C 142 -31.38 0.25 17.51
CA PRO C 142 -30.99 1.56 18.03
C PRO C 142 -32.03 2.64 17.83
N GLY C 143 -33.15 2.35 17.17
CA GLY C 143 -34.24 3.31 17.12
C GLY C 143 -35.11 3.37 18.36
N GLY C 144 -34.99 2.40 19.26
CA GLY C 144 -35.90 2.35 20.40
C GLY C 144 -35.29 1.81 21.68
N THR C 145 -34.06 1.31 21.62
CA THR C 145 -33.41 0.85 22.84
C THR C 145 -31.91 1.10 22.72
N SER C 146 -31.29 1.37 23.87
CA SER C 146 -29.84 1.47 23.98
C SER C 146 -29.13 0.13 24.00
N GLU C 147 -29.86 -0.98 24.05
CA GLU C 147 -29.27 -2.26 24.38
C GLU C 147 -28.19 -2.66 23.39
N ARG C 148 -27.01 -2.96 23.93
CA ARG C 148 -25.88 -3.53 23.22
C ARG C 148 -25.64 -4.95 23.73
N LEU C 149 -25.36 -5.87 22.82
CA LEU C 149 -25.08 -7.26 23.15
C LEU C 149 -23.71 -7.62 22.57
N SER C 150 -22.85 -8.19 23.39
CA SER C 150 -21.50 -8.53 22.97
C SER C 150 -21.37 -10.05 22.96
N ILE C 151 -21.10 -10.61 21.76
CA ILE C 151 -21.10 -12.05 21.53
C ILE C 151 -19.67 -12.56 21.52
N LEU C 152 -19.44 -13.67 22.23
CA LEU C 152 -18.23 -14.45 22.13
C LEU C 152 -18.58 -15.84 21.61
N VAL C 153 -17.63 -16.50 20.98
CA VAL C 153 -17.72 -17.94 20.71
C VAL C 153 -16.88 -18.65 21.76
N GLY C 154 -17.41 -19.74 22.29
CA GLY C 154 -16.75 -20.44 23.36
C GLY C 154 -16.58 -21.91 23.03
N GLU C 155 -15.39 -22.42 23.24
CA GLU C 155 -15.04 -23.81 22.98
C GLU C 155 -15.65 -24.73 24.05
N VAL C 156 -16.47 -25.69 23.63
CA VAL C 156 -17.15 -26.59 24.55
C VAL C 156 -17.08 -28.01 24.02
N ASP C 157 -17.28 -28.98 24.93
CA ASP C 157 -17.55 -30.37 24.60
C ASP C 157 -19.07 -30.52 24.62
N ALA C 158 -19.69 -30.57 23.45
CA ALA C 158 -21.15 -30.51 23.41
C ALA C 158 -21.79 -31.72 24.07
N SER C 159 -21.08 -32.85 24.15
CA SER C 159 -21.67 -34.04 24.77
C SER C 159 -21.85 -33.88 26.28
N THR C 160 -21.20 -32.88 26.89
CA THR C 160 -21.34 -32.62 28.32
C THR C 160 -22.49 -31.68 28.63
N ALA C 161 -23.18 -31.18 27.61
CA ALA C 161 -24.26 -30.21 27.83
C ALA C 161 -25.31 -30.80 28.76
N LYS C 162 -25.79 -29.99 29.71
CA LYS C 162 -26.73 -30.49 30.70
C LYS C 162 -27.63 -29.38 31.20
N GLY C 163 -28.94 -29.62 31.24
CA GLY C 163 -29.89 -28.68 31.80
C GLY C 163 -29.57 -28.29 33.24
N GLU C 172 -36.51 -19.47 35.97
CA GLU C 172 -36.75 -19.68 34.54
C GLU C 172 -36.60 -21.15 34.16
N ASP C 173 -37.23 -21.54 33.05
CA ASP C 173 -37.43 -22.94 32.69
C ASP C 173 -36.77 -23.17 31.34
N ILE C 174 -35.62 -23.85 31.33
CA ILE C 174 -34.75 -23.94 30.15
C ILE C 174 -34.63 -25.38 29.71
N ARG C 175 -34.61 -25.60 28.41
CA ARG C 175 -34.28 -26.91 27.84
C ARG C 175 -33.02 -26.75 26.99
N VAL C 176 -32.05 -27.64 27.18
CA VAL C 176 -30.77 -27.59 26.49
C VAL C 176 -30.80 -28.52 25.29
N HIS C 177 -30.37 -27.99 24.14
CA HIS C 177 -30.32 -28.72 22.87
C HIS C 177 -28.89 -28.80 22.36
N VAL C 178 -28.55 -29.94 21.78
CA VAL C 178 -27.30 -30.09 21.05
C VAL C 178 -27.64 -30.38 19.60
N VAL C 179 -27.09 -29.58 18.69
CA VAL C 179 -27.41 -29.72 17.27
C VAL C 179 -26.16 -29.47 16.43
N SER C 180 -26.09 -30.14 15.29
CA SER C 180 -24.98 -29.90 14.38
C SER C 180 -24.98 -28.44 13.95
N ARG C 181 -23.80 -27.91 13.65
CA ARG C 181 -23.72 -26.57 13.08
C ARG C 181 -24.57 -26.47 11.82
N GLU C 182 -24.45 -27.47 10.94
CA GLU C 182 -25.22 -27.46 9.69
C GLU C 182 -26.71 -27.31 9.94
N GLN C 183 -27.24 -28.08 10.88
CA GLN C 183 -28.68 -28.02 11.12
C GLN C 183 -29.08 -26.71 11.78
N ALA C 184 -28.25 -26.21 12.69
CA ALA C 184 -28.57 -24.95 13.33
C ALA C 184 -28.60 -23.83 12.30
N TYR C 185 -27.64 -23.81 11.39
CA TYR C 185 -27.65 -22.78 10.36
C TYR C 185 -28.84 -22.94 9.44
N GLN C 186 -29.18 -24.18 9.06
CA GLN C 186 -30.38 -24.42 8.28
C GLN C 186 -31.63 -23.87 8.98
N TRP C 187 -31.70 -24.02 10.31
CA TRP C 187 -32.83 -23.44 11.04
C TRP C 187 -32.85 -21.92 11.00
N VAL C 188 -31.67 -21.27 10.91
CA VAL C 188 -31.66 -19.83 10.64
C VAL C 188 -32.25 -19.54 9.27
N GLU C 189 -31.78 -20.28 8.25
CA GLU C 189 -32.31 -20.08 6.90
C GLU C 189 -33.82 -20.28 6.83
N GLU C 190 -34.35 -21.27 7.56
CA GLU C 190 -35.76 -21.61 7.53
C GLU C 190 -36.63 -20.73 8.43
N GLY C 191 -36.04 -19.89 9.27
CA GLY C 191 -36.78 -19.05 10.19
C GLY C 191 -37.08 -19.69 11.54
N LYS C 192 -36.62 -20.92 11.76
CA LYS C 192 -36.88 -21.58 13.04
C LYS C 192 -36.05 -20.97 14.16
N ILE C 193 -34.89 -20.43 13.83
CA ILE C 193 -34.08 -19.62 14.73
C ILE C 193 -34.11 -18.21 14.16
N ASP C 194 -34.66 -17.26 14.91
CA ASP C 194 -34.95 -15.95 14.34
C ASP C 194 -34.89 -14.84 15.39
N ASN C 195 -34.05 -14.99 16.39
CA ASN C 195 -33.72 -13.92 17.32
C ASN C 195 -32.34 -13.37 16.95
N ALA C 196 -32.17 -12.06 17.09
CA ALA C 196 -30.97 -11.41 16.54
C ALA C 196 -29.67 -12.05 17.01
N ALA C 197 -29.53 -12.34 18.32
CA ALA C 197 -28.24 -12.80 18.81
C ALA C 197 -27.86 -14.12 18.18
N SER C 198 -28.82 -15.03 18.04
CA SER C 198 -28.56 -16.35 17.51
C SER C 198 -28.30 -16.29 16.01
N VAL C 199 -29.07 -15.46 15.31
CA VAL C 199 -28.87 -15.29 13.87
C VAL C 199 -27.47 -14.75 13.59
N ILE C 200 -27.08 -13.71 14.31
CA ILE C 200 -25.77 -13.10 14.08
C ILE C 200 -24.66 -14.09 14.40
N ALA C 201 -24.80 -14.79 15.53
CA ALA C 201 -23.77 -15.73 15.94
C ALA C 201 -23.64 -16.89 14.96
N LEU C 202 -24.76 -17.45 14.51
CA LEU C 202 -24.69 -18.62 13.63
C LEU C 202 -24.28 -18.23 12.20
N GLN C 203 -24.69 -17.05 11.71
CA GLN C 203 -24.14 -16.60 10.44
CA GLN C 203 -24.14 -16.55 10.47
C GLN C 203 -22.63 -16.40 10.54
N TRP C 204 -22.16 -15.82 11.65
CA TRP C 204 -20.72 -15.67 11.85
C TRP C 204 -20.04 -17.03 11.83
N LEU C 205 -20.63 -18.00 12.50
CA LEU C 205 -20.02 -19.31 12.54
C LEU C 205 -19.97 -19.92 11.15
N GLN C 206 -21.03 -19.72 10.36
CA GLN C 206 -21.03 -20.27 9.01
C GLN C 206 -19.89 -19.66 8.17
N LEU C 207 -19.54 -18.40 8.45
CA LEU C 207 -18.47 -17.73 7.73
C LEU C 207 -17.08 -18.05 8.26
N HIS C 208 -16.96 -18.57 9.49
CA HIS C 208 -15.66 -18.69 10.13
C HIS C 208 -15.34 -20.07 10.68
N TYR C 209 -16.22 -21.06 10.56
CA TYR C 209 -15.96 -22.31 11.27
C TYR C 209 -14.76 -23.07 10.74
N HIS C 210 -14.42 -22.92 9.45
CA HIS C 210 -13.27 -23.64 8.91
C HIS C 210 -11.98 -23.21 9.62
N ASN C 211 -11.73 -21.91 9.67
CA ASN C 211 -10.55 -21.41 10.36
C ASN C 211 -10.63 -21.73 11.85
N LEU C 212 -11.82 -21.58 12.43
CA LEU C 212 -11.98 -21.82 13.86
C LEU C 212 -11.67 -23.27 14.21
N ARG C 213 -12.24 -24.21 13.46
CA ARG C 213 -12.01 -25.63 13.75
C ARG C 213 -10.52 -25.96 13.63
N ASN C 214 -9.81 -25.31 12.71
CA ASN C 214 -8.37 -25.52 12.62
C ASN C 214 -7.66 -24.94 13.84
N GLU C 215 -7.97 -23.69 14.18
CA GLU C 215 -7.29 -23.03 15.29
C GLU C 215 -7.49 -23.76 16.61
N TRP C 216 -8.65 -24.36 16.82
CA TRP C 216 -8.98 -24.96 18.11
C TRP C 216 -8.72 -26.46 18.17
N THR C 217 -8.50 -27.13 17.04
CA THR C 217 -8.07 -28.52 17.05
C THR C 217 -6.59 -28.66 16.73
N LYS C 218 -5.86 -27.55 16.61
CA LYS C 218 -4.42 -27.59 16.31
C LYS C 218 -3.60 -27.60 17.59
N THR D 13 13.88 45.09 -38.14
CA THR D 13 14.21 44.43 -39.39
C THR D 13 14.24 42.91 -39.26
N GLN D 14 14.42 42.41 -38.04
CA GLN D 14 14.50 40.98 -37.80
C GLN D 14 13.12 40.34 -37.86
N GLN D 15 13.12 39.01 -38.00
CA GLN D 15 11.90 38.23 -37.83
C GLN D 15 11.51 38.15 -36.34
N GLY D 16 10.22 37.98 -36.09
CA GLY D 16 9.73 37.72 -34.73
C GLY D 16 8.84 38.84 -34.22
N ILE D 17 8.51 38.76 -32.92
CA ILE D 17 7.49 39.65 -32.37
C ILE D 17 7.95 41.09 -32.43
N THR D 18 6.98 42.00 -32.30
CA THR D 18 7.15 43.41 -32.61
C THR D 18 7.35 44.26 -31.37
N PHE D 19 6.74 43.87 -30.26
CA PHE D 19 6.55 44.76 -29.13
C PHE D 19 6.93 44.05 -27.84
N SER D 20 7.33 44.85 -26.85
CA SER D 20 7.85 44.38 -25.57
C SER D 20 6.90 44.76 -24.43
N LYS D 21 7.28 44.36 -23.21
CA LYS D 21 6.56 44.82 -22.03
C LYS D 21 6.51 46.34 -21.94
N ASN D 22 7.49 47.04 -22.52
CA ASN D 22 7.46 48.49 -22.46
C ASN D 22 6.32 49.10 -23.28
N ASP D 23 5.65 48.31 -24.11
CA ASP D 23 4.66 48.83 -25.05
C ASP D 23 3.23 48.64 -24.56
N VAL D 24 3.06 48.18 -23.33
CA VAL D 24 1.73 47.97 -22.74
C VAL D 24 1.73 48.62 -21.36
N GLU D 25 0.58 49.19 -21.00
CA GLU D 25 0.38 49.83 -19.71
C GLU D 25 -0.80 49.13 -19.06
N ILE D 26 -0.56 48.47 -17.93
CA ILE D 26 -1.63 47.85 -17.17
C ILE D 26 -2.13 48.89 -16.18
N ILE D 27 -3.36 49.35 -16.39
CA ILE D 27 -3.91 50.44 -15.60
C ILE D 27 -4.37 49.94 -14.24
N ALA D 28 -5.05 48.80 -14.22
CA ALA D 28 -5.65 48.30 -12.99
C ALA D 28 -5.84 46.79 -13.08
N ARG D 29 -5.72 46.14 -11.93
CA ARG D 29 -6.03 44.74 -11.78
C ARG D 29 -7.01 44.57 -10.62
N GLU D 30 -8.04 43.76 -10.83
CA GLU D 30 -9.05 43.49 -9.81
C GLU D 30 -9.31 41.99 -9.73
N THR D 31 -9.52 41.46 -8.53
CA THR D 31 -9.96 40.07 -8.36
C THR D 31 -11.46 40.12 -8.09
N LEU D 32 -12.24 39.62 -9.05
CA LEU D 32 -13.69 39.63 -8.98
C LEU D 32 -14.24 38.38 -8.29
N TYR D 33 -13.46 37.30 -8.27
CA TYR D 33 -13.87 36.10 -7.57
C TYR D 33 -12.63 35.45 -6.98
N ARG D 34 -12.73 34.99 -5.74
CA ARG D 34 -11.65 34.26 -5.10
C ARG D 34 -12.22 33.09 -4.32
N GLY D 35 -11.87 31.88 -4.75
CA GLY D 35 -12.17 30.69 -3.98
C GLY D 35 -10.97 29.78 -3.99
N PHE D 36 -11.10 28.59 -4.56
CA PHE D 36 -9.92 27.78 -4.83
C PHE D 36 -9.05 28.45 -5.87
N PHE D 37 -9.66 28.98 -6.91
CA PHE D 37 -9.01 29.73 -7.97
C PHE D 37 -9.47 31.19 -7.91
N SER D 38 -8.97 31.99 -8.84
CA SER D 38 -9.34 33.40 -8.93
C SER D 38 -9.78 33.76 -10.34
N LEU D 39 -10.69 34.72 -10.43
CA LEU D 39 -11.04 35.36 -11.69
C LEU D 39 -10.70 36.83 -11.56
N ASP D 40 -9.73 37.28 -12.35
CA ASP D 40 -9.20 38.62 -12.29
C ASP D 40 -9.66 39.43 -13.49
N LEU D 41 -9.60 40.75 -13.35
CA LEU D 41 -9.93 41.68 -14.42
C LEU D 41 -8.73 42.59 -14.60
N TYR D 42 -8.18 42.60 -15.82
CA TYR D 42 -7.08 43.48 -16.18
C TYR D 42 -7.64 44.62 -17.04
N ARG D 43 -7.25 45.85 -16.73
CA ARG D 43 -7.56 47.04 -17.53
C ARG D 43 -6.23 47.55 -18.05
N PHE D 44 -6.11 47.75 -19.36
CA PHE D 44 -4.81 48.08 -19.91
C PHE D 44 -4.95 48.81 -21.26
N ARG D 45 -3.85 49.41 -21.69
CA ARG D 45 -3.73 49.97 -23.03
C ARG D 45 -2.39 49.53 -23.61
N HIS D 46 -2.31 49.44 -24.94
CA HIS D 46 -1.12 48.86 -25.56
C HIS D 46 -0.92 49.47 -26.93
N ARG D 47 0.33 49.45 -27.37
CA ARG D 47 0.70 49.94 -28.70
C ARG D 47 0.02 49.12 -29.80
N LEU D 48 -0.32 49.81 -30.89
CA LEU D 48 -0.94 49.24 -32.09
C LEU D 48 0.10 49.10 -33.20
N PHE D 49 -0.07 48.06 -34.03
CA PHE D 49 0.90 47.84 -35.09
C PHE D 49 0.96 49.02 -36.06
N ASN D 50 -0.17 49.67 -36.34
CA ASN D 50 -0.18 50.80 -37.26
C ASN D 50 0.29 52.10 -36.63
N GLY D 51 0.73 52.05 -35.37
CA GLY D 51 1.17 53.21 -34.64
C GLY D 51 0.13 53.68 -33.64
N GLY D 52 0.60 54.31 -32.59
CA GLY D 52 -0.30 54.85 -31.60
C GLY D 52 -0.68 53.82 -30.57
N MET D 53 -1.56 54.25 -29.67
CA MET D 53 -1.97 53.49 -28.50
C MET D 53 -3.43 53.09 -28.60
N SER D 54 -3.75 51.91 -28.09
CA SER D 54 -5.13 51.48 -27.99
C SER D 54 -5.87 52.34 -26.97
N GLY D 55 -7.19 52.25 -27.03
CA GLY D 55 -8.00 52.70 -25.93
C GLY D 55 -7.85 51.75 -24.76
N GLU D 56 -8.56 52.08 -23.68
CA GLU D 56 -8.55 51.21 -22.51
C GLU D 56 -9.30 49.93 -22.80
N ILE D 57 -8.64 48.80 -22.53
CA ILE D 57 -9.15 47.46 -22.80
C ILE D 57 -9.31 46.74 -21.47
N THR D 58 -10.38 45.97 -21.34
CA THR D 58 -10.58 45.13 -20.17
C THR D 58 -10.72 43.67 -20.58
N ARG D 59 -10.06 42.78 -19.84
CA ARG D 59 -10.11 41.34 -20.08
C ARG D 59 -10.23 40.59 -18.76
N GLU D 60 -11.07 39.57 -18.75
CA GLU D 60 -11.12 38.64 -17.63
C GLU D 60 -10.00 37.62 -17.77
N ILE D 61 -9.41 37.22 -16.65
CA ILE D 61 -8.27 36.30 -16.63
C ILE D 61 -8.52 35.25 -15.54
N PHE D 62 -8.53 33.98 -15.92
CA PHE D 62 -8.61 32.89 -14.96
C PHE D 62 -7.21 32.65 -14.39
N GLU D 63 -7.08 32.81 -13.08
CA GLU D 63 -5.81 32.83 -12.38
C GLU D 63 -5.77 31.67 -11.40
N ARG D 64 -4.87 30.74 -11.64
CA ARG D 64 -4.78 29.53 -10.82
C ARG D 64 -3.34 29.16 -10.51
N GLY D 65 -2.41 30.09 -10.61
CA GLY D 65 -1.03 29.76 -10.38
C GLY D 65 -0.48 29.00 -11.57
N HIS D 66 0.70 28.43 -11.36
CA HIS D 66 1.49 27.82 -12.43
C HIS D 66 2.00 26.47 -11.97
N ALA D 67 2.31 25.62 -12.94
CA ALA D 67 2.48 24.20 -12.66
C ALA D 67 3.81 23.67 -13.14
N ALA D 68 4.23 22.58 -12.51
CA ALA D 68 5.34 21.76 -12.92
C ALA D 68 4.76 20.43 -13.39
N VAL D 69 5.28 19.89 -14.50
CA VAL D 69 4.78 18.68 -15.12
C VAL D 69 5.96 17.74 -15.34
N LEU D 70 5.75 16.43 -15.13
CA LEU D 70 6.83 15.45 -15.32
C LEU D 70 6.34 14.35 -16.24
N LEU D 71 7.06 14.13 -17.33
CA LEU D 71 6.89 12.97 -18.19
C LEU D 71 7.80 11.87 -17.63
N PRO D 72 7.27 10.81 -17.05
CA PRO D 72 8.16 9.75 -16.55
C PRO D 72 8.52 8.80 -17.67
N PHE D 73 9.81 8.67 -17.96
CA PHE D 73 10.28 7.91 -19.12
C PHE D 73 11.36 6.94 -18.66
N ASP D 74 11.18 5.66 -19.02
CA ASP D 74 12.18 4.63 -18.77
C ASP D 74 12.96 4.41 -20.06
N PRO D 75 14.20 4.89 -20.16
CA PRO D 75 14.93 4.78 -21.42
C PRO D 75 15.36 3.37 -21.78
N VAL D 76 15.54 2.51 -20.79
CA VAL D 76 15.93 1.13 -21.07
C VAL D 76 14.76 0.36 -21.66
N ARG D 77 13.57 0.55 -21.10
CA ARG D 77 12.39 -0.18 -21.53
C ARG D 77 11.61 0.56 -22.60
N ASP D 78 11.94 1.82 -22.87
CA ASP D 78 11.21 2.64 -23.84
C ASP D 78 9.73 2.71 -23.45
N GLU D 79 9.48 2.98 -22.17
CA GLU D 79 8.14 3.03 -21.61
C GLU D 79 7.92 4.36 -20.90
N VAL D 80 6.63 4.73 -20.81
CA VAL D 80 6.21 5.91 -20.09
C VAL D 80 5.22 5.47 -19.01
N VAL D 81 5.16 6.27 -17.95
CA VAL D 81 4.21 6.05 -16.86
C VAL D 81 3.16 7.15 -16.93
N LEU D 82 1.90 6.75 -17.02
CA LEU D 82 0.76 7.65 -17.08
C LEU D 82 -0.06 7.48 -15.82
N VAL D 83 -0.75 8.55 -15.42
CA VAL D 83 -1.67 8.45 -14.29
C VAL D 83 -3.08 8.68 -14.79
N GLU D 84 -4.03 7.95 -14.23
CA GLU D 84 -5.42 8.06 -14.62
C GLU D 84 -6.21 8.58 -13.42
N GLN D 85 -6.99 9.63 -13.65
CA GLN D 85 -7.90 10.13 -12.63
C GLN D 85 -9.01 10.93 -13.27
N ILE D 86 -10.09 11.14 -12.52
CA ILE D 86 -11.20 11.92 -13.06
C ILE D 86 -10.84 13.39 -13.10
N ARG D 87 -11.20 14.04 -14.20
CA ARG D 87 -11.09 15.49 -14.37
C ARG D 87 -12.46 15.92 -14.85
N ILE D 88 -13.30 16.37 -13.92
CA ILE D 88 -14.71 16.58 -14.26
C ILE D 88 -14.89 17.64 -15.35
N ALA D 89 -13.97 18.59 -15.47
CA ALA D 89 -14.08 19.61 -16.53
C ALA D 89 -14.11 19.00 -17.93
N ALA D 90 -13.58 17.78 -18.09
CA ALA D 90 -13.56 17.11 -19.38
C ALA D 90 -14.93 16.55 -19.75
N TYR D 91 -15.88 16.53 -18.81
CA TYR D 91 -17.11 15.77 -18.98
C TYR D 91 -17.86 16.17 -20.24
N ASP D 92 -18.04 17.47 -20.46
CA ASP D 92 -18.98 17.90 -21.49
C ASP D 92 -18.48 17.64 -22.90
N THR D 93 -17.18 17.48 -23.12
CA THR D 93 -16.64 17.31 -24.47
C THR D 93 -15.89 16.01 -24.67
N SER D 94 -15.94 15.08 -23.73
CA SER D 94 -15.14 13.87 -23.77
C SER D 94 -16.04 12.65 -23.60
N GLU D 95 -15.57 11.53 -24.12
CA GLU D 95 -16.26 10.26 -23.93
C GLU D 95 -16.32 9.90 -22.46
N SER D 96 -15.22 10.13 -21.75
CA SER D 96 -15.13 9.88 -20.31
C SER D 96 -14.34 11.00 -19.66
N PRO D 97 -14.70 11.40 -18.43
CA PRO D 97 -13.86 12.38 -17.73
C PRO D 97 -12.64 11.79 -17.03
N TRP D 98 -12.45 10.47 -17.02
CA TRP D 98 -11.18 9.90 -16.56
C TRP D 98 -10.14 10.07 -17.66
N LEU D 99 -9.06 10.78 -17.34
CA LEU D 99 -8.03 11.10 -18.31
C LEU D 99 -6.74 10.38 -17.96
N LEU D 100 -5.95 10.10 -19.01
CA LEU D 100 -4.57 9.66 -18.87
C LEU D 100 -3.65 10.88 -18.98
N GLU D 101 -2.82 11.11 -17.96
CA GLU D 101 -2.09 12.36 -17.85
C GLU D 101 -0.67 12.15 -17.35
N MET D 102 0.11 13.21 -17.48
CA MET D 102 1.40 13.37 -16.83
C MET D 102 1.22 13.79 -15.38
N VAL D 103 2.19 13.40 -14.55
CA VAL D 103 2.28 13.91 -13.19
C VAL D 103 2.42 15.43 -13.21
N ALA D 104 1.73 16.12 -12.29
CA ALA D 104 1.78 17.58 -12.28
C ALA D 104 1.40 18.15 -10.92
N GLY D 105 1.89 19.36 -10.64
CA GLY D 105 1.52 20.03 -9.41
C GLY D 105 1.81 21.51 -9.44
N MET D 106 1.14 22.23 -8.54
CA MET D 106 1.33 23.68 -8.45
C MET D 106 2.71 24.00 -7.90
N ILE D 107 3.29 25.08 -8.41
CA ILE D 107 4.56 25.61 -7.93
C ILE D 107 4.25 26.67 -6.88
N GLU D 108 4.68 26.41 -5.65
CA GLU D 108 4.49 27.36 -4.56
C GLU D 108 5.65 28.34 -4.53
N ALA D 109 5.50 29.39 -3.73
CA ALA D 109 6.51 30.43 -3.65
C ALA D 109 7.87 29.84 -3.34
N GLY D 110 8.88 30.25 -4.11
CA GLY D 110 10.25 29.88 -3.87
C GLY D 110 10.65 28.51 -4.36
N GLU D 111 9.70 27.68 -4.77
CA GLU D 111 10.02 26.34 -5.24
C GLU D 111 10.49 26.36 -6.68
N THR D 112 11.31 25.39 -7.03
CA THR D 112 11.73 25.20 -8.40
C THR D 112 10.85 24.16 -9.09
N VAL D 113 10.79 24.25 -10.41
CA VAL D 113 10.04 23.28 -11.20
C VAL D 113 10.51 21.87 -10.88
N GLU D 114 11.82 21.67 -10.79
CA GLU D 114 12.35 20.34 -10.57
C GLU D 114 11.91 19.79 -9.21
N ASP D 115 11.98 20.62 -8.16
CA ASP D 115 11.58 20.15 -6.85
C ASP D 115 10.13 19.70 -6.85
N VAL D 116 9.25 20.49 -7.49
CA VAL D 116 7.83 20.14 -7.52
C VAL D 116 7.62 18.89 -8.36
N ALA D 117 8.25 18.82 -9.52
CA ALA D 117 8.07 17.66 -10.41
C ALA D 117 8.47 16.38 -9.70
N ARG D 118 9.58 16.39 -8.97
CA ARG D 118 10.01 15.18 -8.26
C ARG D 118 9.04 14.81 -7.15
N ARG D 119 8.57 15.80 -6.39
CA ARG D 119 7.63 15.53 -5.31
C ARG D 119 6.34 14.93 -5.86
N GLU D 120 5.80 15.52 -6.92
CA GLU D 120 4.55 15.02 -7.50
C GLU D 120 4.74 13.63 -8.10
N ALA D 121 5.90 13.38 -8.73
CA ALA D 121 6.18 12.03 -9.21
C ALA D 121 6.00 11.02 -8.09
N LEU D 122 6.43 11.38 -6.89
CA LEU D 122 6.34 10.46 -5.76
C LEU D 122 4.93 10.39 -5.18
N GLU D 123 4.26 11.54 -5.04
CA GLU D 123 2.96 11.56 -4.38
C GLU D 123 1.83 11.13 -5.32
N GLU D 124 1.94 11.46 -6.59
CA GLU D 124 0.88 11.16 -7.55
C GLU D 124 1.00 9.75 -8.12
N ALA D 125 2.22 9.21 -8.19
CA ALA D 125 2.45 7.95 -8.87
C ALA D 125 3.42 7.02 -8.14
N GLY D 126 3.89 7.40 -6.95
CA GLY D 126 4.83 6.58 -6.22
C GLY D 126 6.16 6.34 -6.89
N LEU D 127 6.64 7.30 -7.67
CA LEU D 127 7.80 7.11 -8.54
C LEU D 127 9.04 7.81 -8.00
N GLU D 128 10.14 7.08 -7.94
CA GLU D 128 11.45 7.65 -7.71
C GLU D 128 12.00 8.13 -9.05
N VAL D 129 12.55 9.34 -9.08
CA VAL D 129 13.03 9.93 -10.32
C VAL D 129 14.54 10.10 -10.25
N GLY D 130 15.23 9.71 -11.31
CA GLY D 130 16.66 9.90 -11.38
C GLY D 130 16.99 11.23 -12.01
N ARG D 131 17.56 11.19 -13.21
CA ARG D 131 17.89 12.43 -13.90
C ARG D 131 16.63 13.09 -14.46
N THR D 132 16.72 14.41 -14.65
CA THR D 132 15.69 15.18 -15.32
C THR D 132 16.30 16.08 -16.38
N LYS D 133 15.48 16.44 -17.36
CA LYS D 133 15.82 17.44 -18.37
C LYS D 133 14.57 18.25 -18.70
N PRO D 134 14.75 19.54 -19.03
CA PRO D 134 13.59 20.32 -19.47
C PRO D 134 13.09 19.85 -20.83
N ILE D 135 11.77 19.88 -21.00
CA ILE D 135 11.13 19.71 -22.29
C ILE D 135 10.80 21.11 -22.81
N LEU D 136 9.73 21.70 -22.28
CA LEU D 136 9.20 22.97 -22.76
C LEU D 136 8.37 23.56 -21.64
N SER D 137 8.20 24.87 -21.67
CA SER D 137 7.28 25.58 -20.78
C SER D 137 6.27 26.33 -21.63
N TYR D 138 4.99 26.10 -21.39
CA TYR D 138 3.96 26.63 -22.28
C TYR D 138 2.83 27.28 -21.47
N LEU D 139 2.13 28.19 -22.15
CA LEU D 139 0.90 28.83 -21.69
C LEU D 139 -0.28 27.98 -22.14
N ALA D 140 -1.09 27.53 -21.17
CA ALA D 140 -2.16 26.59 -21.50
C ALA D 140 -3.17 27.17 -22.47
N SER D 141 -3.57 28.42 -22.25
CA SER D 141 -4.59 29.03 -23.10
C SER D 141 -4.60 30.52 -22.81
N PRO D 142 -3.66 31.26 -23.38
CA PRO D 142 -3.41 32.63 -22.91
C PRO D 142 -4.44 33.67 -23.34
N GLY D 143 -5.47 33.32 -24.11
CA GLY D 143 -6.58 34.23 -24.32
C GLY D 143 -7.51 34.36 -23.13
N GLY D 144 -7.40 33.45 -22.16
CA GLY D 144 -8.30 33.49 -21.02
C GLY D 144 -7.73 33.09 -19.67
N THR D 145 -6.55 32.48 -19.63
CA THR D 145 -5.92 32.10 -18.38
C THR D 145 -4.44 32.42 -18.41
N SER D 146 -3.91 32.79 -17.25
CA SER D 146 -2.50 33.07 -17.13
C SER D 146 -1.66 31.80 -17.00
N GLU D 147 -2.28 30.63 -16.82
CA GLU D 147 -1.53 29.45 -16.42
C GLU D 147 -0.37 29.10 -17.35
N ARG D 148 0.80 28.96 -16.76
CA ARG D 148 1.99 28.44 -17.42
C ARG D 148 2.33 27.10 -16.79
N LEU D 149 2.67 26.12 -17.63
CA LEU D 149 3.08 24.79 -17.18
C LEU D 149 4.46 24.49 -17.73
N SER D 150 5.36 24.04 -16.85
CA SER D 150 6.74 23.78 -17.23
C SER D 150 6.97 22.28 -17.12
N ILE D 151 7.31 21.66 -18.26
CA ILE D 151 7.45 20.21 -18.37
C ILE D 151 8.91 19.81 -18.30
N LEU D 152 9.19 18.78 -17.50
CA LEU D 152 10.45 18.08 -17.49
C LEU D 152 10.19 16.64 -17.90
N VAL D 153 11.22 15.99 -18.44
CA VAL D 153 11.22 14.55 -18.61
C VAL D 153 12.07 13.98 -17.48
N GLY D 154 11.56 12.93 -16.84
CA GLY D 154 12.21 12.33 -15.70
C GLY D 154 12.52 10.87 -15.92
N GLU D 155 13.73 10.48 -15.57
CA GLU D 155 14.20 9.10 -15.71
C GLU D 155 13.60 8.22 -14.62
N VAL D 156 12.87 7.18 -15.02
CA VAL D 156 12.28 6.26 -14.04
C VAL D 156 12.56 4.82 -14.43
N ASP D 157 12.39 3.92 -13.45
CA ASP D 157 12.40 2.46 -13.66
C ASP D 157 10.93 2.07 -13.72
N ALA D 158 10.40 1.91 -14.94
CA ALA D 158 8.97 1.68 -15.11
C ALA D 158 8.53 0.33 -14.56
N SER D 159 9.47 -0.58 -14.30
CA SER D 159 9.09 -1.87 -13.75
C SER D 159 8.68 -1.75 -12.28
N THR D 160 8.94 -0.61 -11.63
CA THR D 160 8.50 -0.36 -10.25
C THR D 160 7.12 0.29 -10.18
N ALA D 161 6.57 0.77 -11.30
CA ALA D 161 5.46 1.70 -11.27
C ALA D 161 4.12 0.97 -11.21
N LYS D 162 3.38 1.17 -10.12
CA LYS D 162 2.15 0.42 -9.90
C LYS D 162 1.26 1.17 -8.93
N GLY D 163 0.01 0.73 -8.87
CA GLY D 163 -0.85 0.98 -7.73
C GLY D 163 -1.83 2.12 -7.91
N ILE D 164 -2.50 2.40 -6.80
CA ILE D 164 -3.48 3.47 -6.67
C ILE D 164 -2.91 4.49 -5.69
N HIS D 165 -2.96 5.76 -6.07
CA HIS D 165 -2.42 6.82 -5.22
C HIS D 165 -3.41 7.97 -5.04
N GLY D 166 -2.97 9.06 -4.44
CA GLY D 166 -3.83 10.21 -4.22
C GLY D 166 -4.06 10.46 -2.73
N LEU D 167 -4.05 11.74 -2.36
CA LEU D 167 -4.28 12.13 -0.98
C LEU D 167 -5.76 12.06 -0.64
N ALA D 168 -6.09 11.37 0.45
CA ALA D 168 -7.45 11.41 0.95
C ALA D 168 -7.82 12.80 1.43
N GLU D 169 -6.83 13.57 1.91
CA GLU D 169 -7.09 14.95 2.27
C GLU D 169 -7.63 15.74 1.08
N GLU D 170 -7.20 15.40 -0.13
CA GLU D 170 -7.65 16.05 -1.35
C GLU D 170 -8.71 15.26 -2.09
N ASN D 171 -9.10 14.08 -1.59
CA ASN D 171 -10.10 13.24 -2.23
C ASN D 171 -9.64 12.74 -3.59
N GLU D 172 -8.34 12.52 -3.75
CA GLU D 172 -7.77 12.09 -5.01
C GLU D 172 -7.75 10.58 -5.11
N ASP D 173 -8.10 10.07 -6.28
CA ASP D 173 -8.11 8.64 -6.58
C ASP D 173 -7.40 8.48 -7.91
N ILE D 174 -6.20 7.88 -7.89
CA ILE D 174 -5.28 7.93 -9.04
C ILE D 174 -4.76 6.52 -9.32
N ARG D 175 -4.85 6.09 -10.57
CA ARG D 175 -4.38 4.78 -11.03
C ARG D 175 -3.16 4.93 -11.94
N VAL D 176 -2.12 4.13 -11.70
CA VAL D 176 -0.87 4.21 -12.46
C VAL D 176 -0.91 3.19 -13.59
N HIS D 177 -0.51 3.63 -14.79
CA HIS D 177 -0.40 2.81 -15.99
C HIS D 177 1.00 2.88 -16.56
N VAL D 178 1.52 1.75 -17.01
CA VAL D 178 2.79 1.72 -17.75
C VAL D 178 2.48 1.25 -19.15
N VAL D 179 2.92 2.02 -20.15
CA VAL D 179 2.77 1.61 -21.54
C VAL D 179 4.04 1.95 -22.31
N SER D 180 4.20 1.31 -23.46
CA SER D 180 5.31 1.63 -24.33
C SER D 180 5.16 3.06 -24.84
N ARG D 181 6.30 3.68 -25.14
CA ARG D 181 6.27 4.99 -25.77
C ARG D 181 5.44 4.95 -27.04
N GLU D 182 5.65 3.94 -27.87
CA GLU D 182 4.93 3.88 -29.14
C GLU D 182 3.42 3.77 -28.93
N GLN D 183 2.99 3.01 -27.92
CA GLN D 183 1.56 2.95 -27.63
C GLN D 183 1.03 4.28 -27.10
N ALA D 184 1.77 4.94 -26.21
CA ALA D 184 1.31 6.23 -25.72
C ALA D 184 1.18 7.23 -26.87
N TYR D 185 2.15 7.24 -27.77
CA TYR D 185 2.07 8.18 -28.89
C TYR D 185 0.92 7.82 -29.83
N GLN D 186 0.70 6.52 -30.07
CA GLN D 186 -0.44 6.12 -30.87
C GLN D 186 -1.74 6.61 -30.24
N TRP D 187 -1.81 6.60 -28.91
CA TRP D 187 -3.00 7.08 -28.22
C TRP D 187 -3.17 8.58 -28.36
N VAL D 188 -2.07 9.35 -28.50
CA VAL D 188 -2.19 10.75 -28.85
C VAL D 188 -2.79 10.88 -30.24
N GLU D 189 -2.27 10.10 -31.19
CA GLU D 189 -2.76 10.18 -32.56
C GLU D 189 -4.24 9.84 -32.65
N GLU D 190 -4.68 8.88 -31.82
CA GLU D 190 -6.05 8.40 -31.85
C GLU D 190 -7.01 9.26 -31.04
N GLY D 191 -6.50 10.20 -30.25
CA GLY D 191 -7.32 11.01 -29.37
C GLY D 191 -7.62 10.41 -28.02
N LYS D 192 -7.03 9.28 -27.68
CA LYS D 192 -7.24 8.68 -26.36
C LYS D 192 -6.44 9.39 -25.27
N ILE D 193 -5.36 10.08 -25.65
CA ILE D 193 -4.67 11.03 -24.78
C ILE D 193 -4.85 12.37 -25.47
N ASP D 194 -5.54 13.30 -24.81
CA ASP D 194 -5.91 14.54 -25.47
C ASP D 194 -5.97 15.72 -24.50
N ASN D 195 -5.09 15.74 -23.51
CA ASN D 195 -4.88 16.91 -22.65
C ASN D 195 -3.53 17.53 -23.05
N ALA D 196 -3.46 18.86 -23.01
CA ALA D 196 -2.30 19.55 -23.57
C ALA D 196 -0.97 19.06 -23.00
N ALA D 197 -0.87 18.94 -21.66
CA ALA D 197 0.43 18.61 -21.07
C ALA D 197 0.96 17.30 -21.60
N SER D 198 0.07 16.29 -21.71
CA SER D 198 0.49 14.97 -22.18
C SER D 198 0.75 14.94 -23.66
N VAL D 199 -0.09 15.64 -24.45
CA VAL D 199 0.12 15.72 -25.89
C VAL D 199 1.49 16.37 -26.18
N ILE D 200 1.78 17.49 -25.52
CA ILE D 200 3.04 18.20 -25.77
C ILE D 200 4.22 17.34 -25.36
N ALA D 201 4.14 16.74 -24.17
CA ALA D 201 5.24 15.90 -23.69
C ALA D 201 5.47 14.70 -24.59
N LEU D 202 4.40 14.02 -25.02
CA LEU D 202 4.59 12.81 -25.82
C LEU D 202 4.98 13.13 -27.26
N GLN D 203 4.52 14.25 -27.82
CA GLN D 203 5.05 14.63 -29.12
CA GLN D 203 5.03 14.69 -29.12
C GLN D 203 6.52 14.98 -29.02
N TRP D 204 6.92 15.70 -27.98
CA TRP D 204 8.33 16.01 -27.78
C TRP D 204 9.13 14.72 -27.67
N LEU D 205 8.64 13.76 -26.90
CA LEU D 205 9.35 12.50 -26.75
C LEU D 205 9.48 11.78 -28.09
N GLN D 206 8.44 11.84 -28.93
CA GLN D 206 8.52 11.18 -30.22
C GLN D 206 9.58 11.81 -31.09
N LEU D 207 9.83 13.11 -30.90
CA LEU D 207 10.85 13.81 -31.67
C LEU D 207 12.24 13.67 -31.08
N HIS D 208 12.37 13.33 -29.79
CA HIS D 208 13.67 13.39 -29.12
C HIS D 208 14.09 12.09 -28.44
N TYR D 209 13.30 11.02 -28.52
CA TYR D 209 13.62 9.84 -27.70
C TYR D 209 14.94 9.18 -28.07
N HIS D 210 15.34 9.19 -29.36
CA HIS D 210 16.63 8.61 -29.71
C HIS D 210 17.75 9.32 -28.98
N ASN D 211 17.78 10.65 -29.04
CA ASN D 211 18.84 11.38 -28.35
C ASN D 211 18.75 11.17 -26.84
N LEU D 212 17.54 11.13 -26.30
CA LEU D 212 17.37 10.94 -24.87
C LEU D 212 17.83 9.56 -24.43
N ARG D 213 17.51 8.52 -25.22
CA ARG D 213 18.05 7.19 -24.90
C ARG D 213 19.58 7.16 -24.96
N ASN D 214 20.17 7.81 -25.97
CA ASN D 214 21.63 7.90 -26.03
C ASN D 214 22.21 8.52 -24.77
N GLU D 215 21.59 9.59 -24.26
CA GLU D 215 22.19 10.32 -23.15
C GLU D 215 22.03 9.56 -21.83
N TRP D 216 20.90 8.91 -21.63
CA TRP D 216 20.64 8.30 -20.33
C TRP D 216 21.09 6.85 -20.23
N THR D 217 21.60 6.26 -21.30
CA THR D 217 22.21 4.94 -21.19
C THR D 217 23.73 4.99 -21.37
N LYS D 218 24.28 6.13 -21.75
CA LYS D 218 25.73 6.30 -21.80
C LYS D 218 26.30 6.20 -20.39
N GLY E 16 37.40 -19.60 -11.20
CA GLY E 16 36.08 -19.00 -11.25
C GLY E 16 35.86 -18.17 -12.50
N ILE E 17 34.71 -17.50 -12.59
CA ILE E 17 34.37 -16.68 -13.76
C ILE E 17 35.39 -15.55 -13.94
N THR E 18 35.25 -14.75 -15.02
CA THR E 18 36.19 -13.66 -15.33
C THR E 18 35.55 -12.29 -15.47
N PHE E 19 34.33 -12.21 -16.00
CA PHE E 19 33.77 -10.94 -16.42
C PHE E 19 32.74 -10.43 -15.41
N SER E 20 32.53 -9.11 -15.43
CA SER E 20 31.61 -8.37 -14.56
C SER E 20 30.55 -7.64 -15.41
N LYS E 21 29.70 -6.85 -14.74
CA LYS E 21 28.61 -6.19 -15.45
C LYS E 21 29.09 -5.05 -16.34
N ASN E 22 30.25 -4.45 -16.06
CA ASN E 22 30.80 -3.48 -17.00
C ASN E 22 31.13 -4.12 -18.34
N ASP E 23 31.19 -5.45 -18.38
CA ASP E 23 31.47 -6.18 -19.61
C ASP E 23 30.20 -6.57 -20.35
N VAL E 24 29.05 -6.04 -19.93
CA VAL E 24 27.77 -6.23 -20.60
C VAL E 24 27.11 -4.87 -20.80
N GLU E 25 26.53 -4.69 -21.97
CA GLU E 25 25.71 -3.53 -22.28
C GLU E 25 24.29 -4.05 -22.53
N ILE E 26 23.36 -3.78 -21.62
CA ILE E 26 21.95 -4.01 -21.90
C ILE E 26 21.43 -2.77 -22.61
N ILE E 27 21.13 -2.93 -23.91
CA ILE E 27 20.72 -1.82 -24.77
C ILE E 27 19.26 -1.49 -24.56
N ALA E 28 18.44 -2.52 -24.36
CA ALA E 28 17.00 -2.37 -24.28
C ALA E 28 16.40 -3.57 -23.57
N ARG E 29 15.22 -3.35 -22.98
CA ARG E 29 14.34 -4.43 -22.52
C ARG E 29 12.97 -4.16 -23.10
N GLU E 30 12.58 -4.97 -24.07
CA GLU E 30 11.39 -4.71 -24.87
C GLU E 30 10.27 -5.63 -24.43
N THR E 31 9.18 -5.06 -23.92
CA THR E 31 8.03 -5.86 -23.55
C THR E 31 7.49 -6.66 -24.72
N LEU E 32 7.39 -7.97 -24.53
CA LEU E 32 6.78 -8.85 -25.52
C LEU E 32 5.37 -9.26 -25.13
N TYR E 33 5.17 -9.47 -23.83
CA TYR E 33 3.88 -9.85 -23.27
C TYR E 33 3.79 -9.32 -21.85
N ARG E 34 2.65 -8.70 -21.53
CA ARG E 34 2.32 -8.30 -20.16
C ARG E 34 0.99 -8.94 -19.78
N GLY E 35 1.00 -9.81 -18.81
CA GLY E 35 -0.22 -10.39 -18.25
C GLY E 35 -0.03 -10.64 -16.79
N PHE E 36 -0.47 -11.81 -16.32
CA PHE E 36 -0.13 -12.21 -14.97
C PHE E 36 1.37 -12.19 -14.79
N PHE E 37 2.09 -12.84 -15.71
CA PHE E 37 3.54 -12.76 -15.78
C PHE E 37 3.91 -11.84 -16.95
N SER E 38 5.21 -11.73 -17.21
CA SER E 38 5.75 -10.90 -18.29
C SER E 38 6.78 -11.67 -19.08
N LEU E 39 6.92 -11.31 -20.35
CA LEU E 39 7.99 -11.80 -21.19
C LEU E 39 8.64 -10.55 -21.79
N ASP E 40 9.94 -10.43 -21.59
CA ASP E 40 10.73 -9.31 -22.09
C ASP E 40 11.78 -9.81 -23.07
N LEU E 41 12.09 -8.97 -24.05
CA LEU E 41 13.22 -9.21 -24.93
C LEU E 41 14.38 -8.36 -24.42
N TYR E 42 15.43 -9.01 -23.92
CA TYR E 42 16.66 -8.32 -23.59
C TYR E 42 17.51 -8.18 -24.85
N ARG E 43 17.99 -6.97 -25.10
CA ARG E 43 18.90 -6.65 -26.20
C ARG E 43 20.20 -6.20 -25.56
N PHE E 44 21.30 -6.88 -25.87
CA PHE E 44 22.53 -6.63 -25.11
C PHE E 44 23.75 -7.01 -25.93
N ARG E 45 24.90 -6.50 -25.49
CA ARG E 45 26.20 -6.91 -26.00
C ARG E 45 27.07 -7.27 -24.80
N HIS E 46 28.01 -8.17 -25.02
CA HIS E 46 28.86 -8.61 -23.92
C HIS E 46 30.26 -8.95 -24.40
N ARG E 47 31.21 -8.83 -23.48
CA ARG E 47 32.58 -9.15 -23.80
CA ARG E 47 32.60 -9.16 -23.75
C ARG E 47 32.75 -10.63 -24.09
N LEU E 48 33.70 -10.92 -24.98
CA LEU E 48 34.04 -12.27 -25.44
C LEU E 48 35.31 -12.76 -24.75
N PHE E 49 35.37 -14.08 -24.56
CA PHE E 49 36.52 -14.64 -23.82
C PHE E 49 37.81 -14.37 -24.56
N ASN E 50 37.79 -14.41 -25.88
CA ASN E 50 38.99 -14.20 -26.69
C ASN E 50 39.20 -12.74 -27.06
N GLY E 51 38.47 -11.82 -26.46
CA GLY E 51 38.67 -10.40 -26.70
C GLY E 51 37.58 -9.82 -27.57
N GLY E 52 37.35 -8.51 -27.43
CA GLY E 52 36.28 -7.84 -28.14
C GLY E 52 34.92 -8.04 -27.49
N MET E 53 33.91 -7.50 -28.16
CA MET E 53 32.52 -7.55 -27.74
C MET E 53 31.70 -8.32 -28.77
N SER E 54 30.66 -8.98 -28.30
CA SER E 54 29.68 -9.54 -29.21
C SER E 54 28.98 -8.43 -29.98
N GLY E 55 28.31 -8.82 -31.06
CA GLY E 55 27.29 -7.98 -31.64
C GLY E 55 26.06 -7.95 -30.77
N GLU E 56 25.03 -7.28 -31.26
CA GLU E 56 23.76 -7.24 -30.54
C GLU E 56 23.13 -8.63 -30.49
N ILE E 57 22.82 -9.07 -29.27
CA ILE E 57 22.14 -10.33 -29.00
C ILE E 57 20.75 -9.99 -28.48
N THR E 58 19.76 -10.81 -28.83
CA THR E 58 18.45 -10.74 -28.17
C THR E 58 18.08 -12.08 -27.54
N ARG E 59 17.49 -12.00 -26.35
CA ARG E 59 16.99 -13.17 -25.65
C ARG E 59 15.61 -12.87 -25.08
N GLU E 60 14.70 -13.83 -25.22
CA GLU E 60 13.39 -13.78 -24.60
C GLU E 60 13.52 -14.28 -23.16
N ILE E 61 13.03 -13.49 -22.21
CA ILE E 61 13.22 -13.78 -20.79
C ILE E 61 11.87 -13.70 -20.08
N PHE E 62 11.50 -14.79 -19.42
CA PHE E 62 10.28 -14.87 -18.62
C PHE E 62 10.50 -14.21 -17.26
N GLU E 63 9.68 -13.21 -16.94
CA GLU E 63 9.80 -12.39 -15.75
C GLU E 63 8.58 -12.65 -14.87
N ARG E 64 8.81 -13.24 -13.70
CA ARG E 64 7.73 -13.56 -12.79
C ARG E 64 8.08 -13.23 -11.34
N GLY E 65 9.06 -12.35 -11.14
CA GLY E 65 9.50 -12.04 -9.79
C GLY E 65 10.29 -13.22 -9.23
N HIS E 66 10.50 -13.16 -7.93
CA HIS E 66 11.39 -14.08 -7.22
C HIS E 66 10.68 -14.60 -5.97
N ALA E 67 11.19 -15.71 -5.45
CA ALA E 67 10.45 -16.46 -4.44
C ALA E 67 11.31 -16.75 -3.22
N ALA E 68 10.62 -16.94 -2.09
CA ALA E 68 11.17 -17.45 -0.85
C ALA E 68 10.64 -18.86 -0.66
N VAL E 69 11.51 -19.78 -0.25
CA VAL E 69 11.19 -21.19 -0.10
C VAL E 69 11.58 -21.62 1.30
N LEU E 70 10.75 -22.45 1.93
CA LEU E 70 11.03 -22.93 3.28
C LEU E 70 10.89 -24.44 3.34
N LEU E 71 11.96 -25.11 3.72
CA LEU E 71 11.92 -26.53 4.07
C LEU E 71 11.55 -26.62 5.54
N PRO E 72 10.34 -27.09 5.88
CA PRO E 72 9.97 -27.19 7.28
C PRO E 72 10.46 -28.52 7.84
N PHE E 73 11.40 -28.46 8.77
CA PHE E 73 12.09 -29.63 9.30
C PHE E 73 11.90 -29.67 10.81
N ASP E 74 11.41 -30.81 11.30
CA ASP E 74 11.27 -31.08 12.73
C ASP E 74 12.50 -31.88 13.18
N PRO E 75 13.47 -31.27 13.86
CA PRO E 75 14.72 -31.99 14.17
C PRO E 75 14.58 -32.97 15.32
N VAL E 76 13.59 -32.76 16.19
CA VAL E 76 13.31 -33.73 17.25
C VAL E 76 12.83 -35.05 16.62
N ARG E 77 11.89 -34.94 15.69
CA ARG E 77 11.23 -36.09 15.12
C ARG E 77 11.85 -36.57 13.81
N ASP E 78 12.78 -35.80 13.24
CA ASP E 78 13.37 -36.13 11.94
C ASP E 78 12.28 -36.23 10.87
N GLU E 79 11.45 -35.21 10.80
CA GLU E 79 10.29 -35.18 9.93
C GLU E 79 10.31 -33.90 9.11
N VAL E 80 9.71 -33.99 7.92
CA VAL E 80 9.57 -32.89 6.97
CA VAL E 80 9.56 -32.85 7.03
C VAL E 80 8.09 -32.69 6.70
N VAL E 81 7.66 -31.44 6.51
CA VAL E 81 6.27 -31.13 6.16
C VAL E 81 6.25 -30.74 4.69
N LEU E 82 5.44 -31.44 3.90
CA LEU E 82 5.27 -31.17 2.48
C LEU E 82 3.89 -30.60 2.21
N VAL E 83 3.79 -29.81 1.13
CA VAL E 83 2.51 -29.26 0.71
C VAL E 83 2.20 -29.79 -0.69
N GLU E 84 0.97 -30.20 -0.91
CA GLU E 84 0.54 -30.78 -2.17
C GLU E 84 -0.49 -29.88 -2.82
N GLN E 85 -0.30 -29.59 -4.10
CA GLN E 85 -1.29 -28.83 -4.86
C GLN E 85 -1.00 -29.01 -6.34
N ILE E 86 -1.99 -28.69 -7.16
CA ILE E 86 -1.84 -28.88 -8.60
C ILE E 86 -0.99 -27.77 -9.19
N ARG E 87 -0.08 -28.17 -10.08
CA ARG E 87 0.75 -27.25 -10.87
C ARG E 87 0.56 -27.68 -12.32
N ILE E 88 -0.37 -27.03 -13.03
CA ILE E 88 -0.78 -27.54 -14.33
C ILE E 88 0.37 -27.53 -15.34
N ALA E 89 1.40 -26.70 -15.13
CA ALA E 89 2.52 -26.71 -16.09
C ALA E 89 3.26 -28.03 -16.08
N ALA E 90 3.13 -28.81 -14.99
CA ALA E 90 3.72 -30.14 -14.93
C ALA E 90 3.01 -31.16 -15.81
N TYR E 91 1.82 -30.85 -16.31
CA TYR E 91 0.96 -31.86 -16.91
C TYR E 91 1.65 -32.65 -18.02
N ASP E 92 2.30 -31.95 -18.96
CA ASP E 92 2.73 -32.61 -20.19
C ASP E 92 3.82 -33.65 -19.95
N THR E 93 4.62 -33.51 -18.90
CA THR E 93 5.78 -34.36 -18.72
C THR E 93 5.76 -35.19 -17.46
N SER E 94 4.68 -35.15 -16.68
CA SER E 94 4.66 -35.78 -15.37
C SER E 94 3.55 -36.81 -15.27
N GLU E 95 3.72 -37.74 -14.33
CA GLU E 95 2.66 -38.72 -14.07
C GLU E 95 1.40 -38.04 -13.58
N SER E 96 1.55 -36.98 -12.78
CA SER E 96 0.40 -36.22 -12.28
C SER E 96 0.80 -34.77 -12.11
N PRO E 97 -0.11 -33.83 -12.36
CA PRO E 97 0.20 -32.41 -12.10
C PRO E 97 0.10 -32.01 -10.65
N TRP E 98 -0.41 -32.89 -9.78
CA TRP E 98 -0.34 -32.64 -8.34
C TRP E 98 1.07 -32.95 -7.86
N LEU E 99 1.72 -31.97 -7.26
CA LEU E 99 3.10 -32.11 -6.83
C LEU E 99 3.23 -31.94 -5.33
N LEU E 100 4.24 -32.62 -4.77
CA LEU E 100 4.64 -32.44 -3.38
C LEU E 100 5.77 -31.41 -3.32
N GLU E 101 5.56 -30.33 -2.57
CA GLU E 101 6.46 -29.18 -2.65
C GLU E 101 6.81 -28.64 -1.27
N MET E 102 7.85 -27.80 -1.26
CA MET E 102 8.17 -26.94 -0.15
C MET E 102 7.19 -25.78 -0.06
N VAL E 103 7.06 -25.23 1.15
CA VAL E 103 6.37 -23.96 1.33
C VAL E 103 7.09 -22.89 0.51
N ALA E 104 6.32 -22.05 -0.20
CA ALA E 104 6.97 -21.01 -1.02
C ALA E 104 6.00 -19.87 -1.29
N GLY E 105 6.56 -18.69 -1.54
CA GLY E 105 5.77 -17.55 -1.95
C GLY E 105 6.60 -16.49 -2.63
N MET E 106 5.92 -15.63 -3.38
CA MET E 106 6.61 -14.54 -4.07
C MET E 106 7.03 -13.47 -3.08
N ILE E 107 8.18 -12.85 -3.35
CA ILE E 107 8.70 -11.74 -2.57
C ILE E 107 8.25 -10.43 -3.21
N GLU E 108 7.51 -9.62 -2.46
CA GLU E 108 7.15 -8.28 -2.93
C GLU E 108 8.29 -7.30 -2.68
N ALA E 109 8.16 -6.12 -3.28
CA ALA E 109 9.14 -5.05 -3.05
C ALA E 109 9.22 -4.74 -1.56
N GLY E 110 10.44 -4.64 -1.05
CA GLY E 110 10.65 -4.30 0.33
C GLY E 110 10.43 -5.43 1.32
N GLU E 111 10.20 -6.66 0.85
CA GLU E 111 10.06 -7.81 1.72
C GLU E 111 11.35 -8.62 1.75
N THR E 112 11.55 -9.33 2.85
CA THR E 112 12.72 -10.16 3.02
C THR E 112 12.37 -11.61 2.77
N VAL E 113 13.36 -12.39 2.35
CA VAL E 113 13.18 -13.83 2.23
C VAL E 113 12.61 -14.39 3.52
N GLU E 114 13.17 -13.96 4.64
CA GLU E 114 12.73 -14.54 5.91
C GLU E 114 11.27 -14.21 6.18
N ASP E 115 10.88 -12.95 5.96
CA ASP E 115 9.49 -12.58 6.23
C ASP E 115 8.52 -13.37 5.37
N VAL E 116 8.83 -13.54 4.08
CA VAL E 116 7.91 -14.25 3.20
C VAL E 116 7.84 -15.72 3.59
N ALA E 117 9.00 -16.34 3.81
CA ALA E 117 9.03 -17.76 4.11
C ALA E 117 8.21 -18.07 5.36
N ARG E 118 8.36 -17.26 6.41
CA ARG E 118 7.62 -17.50 7.63
C ARG E 118 6.13 -17.26 7.44
N ARG E 119 5.76 -16.22 6.69
CA ARG E 119 4.34 -15.95 6.46
C ARG E 119 3.68 -17.12 5.74
N GLU E 120 4.32 -17.61 4.68
CA GLU E 120 3.73 -18.71 3.91
C GLU E 120 3.69 -19.99 4.73
N ALA E 121 4.71 -20.24 5.56
CA ALA E 121 4.68 -21.42 6.42
C ALA E 121 3.47 -21.40 7.35
N LEU E 122 3.12 -20.23 7.86
CA LEU E 122 1.96 -20.14 8.73
C LEU E 122 0.67 -20.22 7.92
N GLU E 123 0.63 -19.56 6.76
CA GLU E 123 -0.59 -19.52 5.95
C GLU E 123 -0.83 -20.85 5.22
N GLU E 124 0.20 -21.37 4.54
CA GLU E 124 0.04 -22.55 3.71
C GLU E 124 -0.07 -23.82 4.55
N ALA E 125 0.60 -23.88 5.71
CA ALA E 125 0.67 -25.12 6.46
C ALA E 125 0.44 -24.97 7.96
N GLY E 126 0.08 -23.79 8.45
CA GLY E 126 -0.25 -23.63 9.85
C GLY E 126 0.93 -23.76 10.79
N LEU E 127 2.14 -23.57 10.28
CA LEU E 127 3.35 -23.83 11.04
C LEU E 127 3.96 -22.52 11.53
N GLU E 128 4.14 -22.42 12.83
CA GLU E 128 5.03 -21.40 13.39
C GLU E 128 6.46 -21.91 13.25
N VAL E 129 7.39 -21.01 13.01
CA VAL E 129 8.77 -21.40 12.71
C VAL E 129 9.67 -20.86 13.80
N GLY E 130 10.55 -21.72 14.30
CA GLY E 130 11.52 -21.35 15.32
C GLY E 130 12.74 -20.78 14.63
N ARG E 131 13.89 -21.45 14.78
CA ARG E 131 15.09 -20.99 14.09
C ARG E 131 15.00 -21.24 12.60
N THR E 132 15.86 -20.54 11.85
CA THR E 132 16.05 -20.82 10.43
C THR E 132 17.54 -20.81 10.12
N LYS E 133 17.91 -21.46 9.02
CA LYS E 133 19.23 -21.35 8.43
C LYS E 133 19.08 -21.26 6.92
N PRO E 134 19.93 -20.49 6.24
CA PRO E 134 19.90 -20.51 4.77
C PRO E 134 20.37 -21.87 4.25
N ILE E 135 19.70 -22.33 3.20
CA ILE E 135 20.18 -23.47 2.42
C ILE E 135 20.99 -22.89 1.26
N LEU E 136 20.31 -22.37 0.25
CA LEU E 136 20.99 -21.67 -0.83
C LEU E 136 19.94 -20.94 -1.64
N SER E 137 20.42 -20.07 -2.54
CA SER E 137 19.56 -19.31 -3.43
C SER E 137 19.98 -19.64 -4.85
N TYR E 138 19.02 -20.00 -5.70
CA TYR E 138 19.35 -20.52 -7.02
C TYR E 138 18.46 -19.90 -8.09
N LEU E 139 19.02 -19.79 -9.29
CA LEU E 139 18.25 -19.47 -10.48
C LEU E 139 17.59 -20.71 -11.05
N ALA E 140 16.26 -20.64 -11.23
CA ALA E 140 15.50 -21.81 -11.64
C ALA E 140 15.91 -22.32 -13.01
N SER E 141 16.10 -21.42 -13.99
CA SER E 141 16.41 -21.84 -15.34
C SER E 141 16.92 -20.62 -16.10
N PRO E 142 18.18 -20.25 -15.90
CA PRO E 142 18.62 -18.91 -16.31
C PRO E 142 18.79 -18.74 -17.81
N GLY E 143 18.62 -19.78 -18.61
CA GLY E 143 18.57 -19.59 -20.06
C GLY E 143 17.28 -18.97 -20.58
N GLY E 144 16.23 -18.91 -19.75
CA GLY E 144 14.95 -18.40 -20.19
C GLY E 144 14.11 -17.63 -19.18
N THR E 145 14.48 -17.64 -17.90
CA THR E 145 13.74 -16.89 -16.89
C THR E 145 14.72 -16.27 -15.91
N SER E 146 14.34 -15.13 -15.37
CA SER E 146 15.14 -14.44 -14.36
C SER E 146 14.91 -14.98 -12.96
N GLU E 147 13.97 -15.91 -12.79
CA GLU E 147 13.48 -16.24 -11.46
C GLU E 147 14.57 -16.81 -10.57
N ARG E 148 14.69 -16.25 -9.37
CA ARG E 148 15.60 -16.71 -8.33
C ARG E 148 14.73 -17.17 -7.17
N LEU E 149 15.12 -18.26 -6.55
CA LEU E 149 14.38 -18.77 -5.39
C LEU E 149 15.37 -18.95 -4.25
N SER E 150 15.06 -18.41 -3.08
CA SER E 150 15.96 -18.43 -1.95
C SER E 150 15.37 -19.35 -0.89
N ILE E 151 16.09 -20.44 -0.58
CA ILE E 151 15.60 -21.50 0.30
C ILE E 151 16.20 -21.34 1.69
N LEU E 152 15.35 -21.43 2.71
CA LEU E 152 15.73 -21.57 4.10
C LEU E 152 15.23 -22.91 4.62
N VAL E 153 15.92 -23.46 5.60
CA VAL E 153 15.38 -24.54 6.41
C VAL E 153 14.80 -23.92 7.66
N GLY E 154 13.60 -24.33 8.06
CA GLY E 154 12.97 -23.78 9.23
C GLY E 154 12.59 -24.84 10.26
N GLU E 155 12.94 -24.59 11.52
CA GLU E 155 12.65 -25.49 12.62
C GLU E 155 11.16 -25.47 12.94
N VAL E 156 10.49 -26.62 12.85
CA VAL E 156 9.06 -26.67 13.11
C VAL E 156 8.73 -27.84 14.02
N ASP E 157 7.56 -27.76 14.64
CA ASP E 157 6.97 -28.85 15.42
C ASP E 157 6.00 -29.57 14.47
N ALA E 158 6.45 -30.71 13.94
CA ALA E 158 5.68 -31.40 12.91
C ALA E 158 4.29 -31.78 13.38
N SER E 159 4.07 -31.90 14.70
CA SER E 159 2.77 -32.28 15.24
C SER E 159 1.80 -31.10 15.32
N THR E 160 2.13 -29.95 14.70
CA THR E 160 1.24 -28.81 14.61
C THR E 160 0.81 -28.50 13.18
N ALA E 161 1.12 -29.37 12.23
CA ALA E 161 0.83 -29.12 10.82
C ALA E 161 -0.57 -29.64 10.48
N LYS E 162 -1.40 -28.78 9.89
CA LYS E 162 -2.75 -29.15 9.48
C LYS E 162 -3.18 -28.37 8.24
N GLU E 172 -6.73 -21.54 -4.10
CA GLU E 172 -5.61 -22.47 -3.98
C GLU E 172 -5.98 -23.64 -3.06
N ASP E 173 -6.03 -24.83 -3.62
CA ASP E 173 -6.42 -26.03 -2.89
C ASP E 173 -5.15 -26.80 -2.51
N ILE E 174 -4.90 -26.94 -1.21
CA ILE E 174 -3.64 -27.46 -0.70
C ILE E 174 -3.89 -28.50 0.37
N ARG E 175 -3.10 -29.56 0.34
CA ARG E 175 -3.10 -30.61 1.36
C ARG E 175 -1.72 -30.67 1.98
N VAL E 176 -1.66 -30.93 3.28
CA VAL E 176 -0.40 -30.98 4.01
C VAL E 176 -0.08 -32.43 4.35
N HIS E 177 1.19 -32.79 4.20
CA HIS E 177 1.71 -34.13 4.45
C HIS E 177 2.87 -34.03 5.42
N VAL E 178 2.87 -34.89 6.44
CA VAL E 178 4.00 -34.99 7.36
C VAL E 178 4.62 -36.36 7.15
N VAL E 179 5.87 -36.38 6.70
CA VAL E 179 6.58 -37.63 6.43
C VAL E 179 7.95 -37.58 7.09
N SER E 180 8.54 -38.76 7.26
CA SER E 180 9.90 -38.81 7.77
C SER E 180 10.84 -38.18 6.76
N ARG E 181 11.97 -37.68 7.26
CA ARG E 181 13.00 -37.21 6.33
C ARG E 181 13.38 -38.32 5.36
N GLU E 182 13.58 -39.54 5.88
CA GLU E 182 14.01 -40.65 5.02
C GLU E 182 12.99 -40.91 3.92
N GLN E 183 11.70 -40.84 4.23
CA GLN E 183 10.67 -41.05 3.20
C GLN E 183 10.73 -39.95 2.14
N ALA E 184 10.90 -38.70 2.57
CA ALA E 184 10.92 -37.60 1.61
C ALA E 184 12.12 -37.72 0.69
N TYR E 185 13.28 -38.04 1.24
CA TYR E 185 14.45 -38.21 0.38
C TYR E 185 14.27 -39.40 -0.55
N GLN E 186 13.71 -40.50 -0.06
CA GLN E 186 13.46 -41.65 -0.93
C GLN E 186 12.57 -41.26 -2.10
N TRP E 187 11.58 -40.40 -1.86
CA TRP E 187 10.72 -39.94 -2.94
C TRP E 187 11.48 -39.06 -3.95
N VAL E 188 12.49 -38.30 -3.50
CA VAL E 188 13.37 -37.64 -4.46
C VAL E 188 14.09 -38.68 -5.31
N GLU E 189 14.67 -39.69 -4.66
CA GLU E 189 15.41 -40.71 -5.39
C GLU E 189 14.52 -41.40 -6.42
N GLU E 190 13.25 -41.62 -6.07
CA GLU E 190 12.33 -42.38 -6.89
C GLU E 190 11.66 -41.52 -7.95
N GLY E 191 11.80 -40.21 -7.88
CA GLY E 191 11.17 -39.32 -8.82
C GLY E 191 9.77 -38.88 -8.43
N LYS E 192 9.31 -39.23 -7.24
CA LYS E 192 7.99 -38.82 -6.78
C LYS E 192 7.99 -37.40 -6.26
N ILE E 193 9.16 -36.89 -5.89
CA ILE E 193 9.38 -35.47 -5.69
C ILE E 193 10.41 -35.06 -6.73
N ASP E 194 10.02 -34.15 -7.62
CA ASP E 194 10.88 -33.83 -8.74
C ASP E 194 10.70 -32.39 -9.20
N ASN E 195 10.39 -31.48 -8.28
CA ASN E 195 10.47 -30.06 -8.60
C ASN E 195 11.76 -29.51 -8.00
N ALA E 196 12.39 -28.56 -8.71
CA ALA E 196 13.73 -28.10 -8.36
C ALA E 196 13.84 -27.72 -6.89
N ALA E 197 12.89 -26.91 -6.38
CA ALA E 197 13.03 -26.38 -5.02
C ALA E 197 13.07 -27.51 -4.00
N SER E 198 12.21 -28.51 -4.17
CA SER E 198 12.14 -29.59 -3.19
C SER E 198 13.33 -30.53 -3.33
N VAL E 199 13.78 -30.81 -4.56
CA VAL E 199 14.97 -31.63 -4.76
C VAL E 199 16.18 -30.97 -4.10
N ILE E 200 16.40 -29.68 -4.38
CA ILE E 200 17.57 -29.00 -3.82
C ILE E 200 17.51 -29.00 -2.30
N ALA E 201 16.35 -28.67 -1.75
CA ALA E 201 16.20 -28.61 -0.29
C ALA E 201 16.42 -29.97 0.34
N LEU E 202 15.85 -31.02 -0.23
CA LEU E 202 15.94 -32.33 0.41
C LEU E 202 17.31 -32.97 0.20
N GLN E 203 17.98 -32.70 -0.94
CA GLN E 203 19.36 -33.15 -1.08
CA GLN E 203 19.37 -33.13 -1.10
C GLN E 203 20.26 -32.44 -0.07
N TRP E 204 20.03 -31.13 0.13
CA TRP E 204 20.80 -30.42 1.14
C TRP E 204 20.57 -31.04 2.51
N LEU E 205 19.30 -31.31 2.81
CA LEU E 205 18.97 -31.89 4.12
C LEU E 205 19.65 -33.24 4.29
N GLN E 206 19.72 -34.04 3.23
CA GLN E 206 20.37 -35.34 3.35
C GLN E 206 21.86 -35.19 3.61
N LEU E 207 22.47 -34.10 3.11
CA LEU E 207 23.87 -33.81 3.39
C LEU E 207 24.13 -33.21 4.77
N HIS E 208 23.13 -32.57 5.39
CA HIS E 208 23.37 -31.77 6.57
C HIS E 208 22.56 -32.16 7.79
N TYR E 209 21.69 -33.17 7.72
CA TYR E 209 20.73 -33.38 8.80
C TYR E 209 21.39 -33.78 10.10
N HIS E 210 22.49 -34.53 10.04
CA HIS E 210 23.14 -34.97 11.27
C HIS E 210 23.63 -33.78 12.09
N ASN E 211 24.30 -32.82 11.43
CA ASN E 211 24.79 -31.64 12.16
C ASN E 211 23.64 -30.73 12.55
N LEU E 212 22.66 -30.54 11.66
CA LEU E 212 21.50 -29.71 11.98
C LEU E 212 20.73 -30.25 13.17
N ARG E 213 20.51 -31.56 13.23
CA ARG E 213 19.76 -32.13 14.36
C ARG E 213 20.51 -31.94 15.67
N ASN E 214 21.84 -32.07 15.64
CA ASN E 214 22.61 -31.76 16.84
C ASN E 214 22.44 -30.30 17.23
N GLU E 215 22.56 -29.41 16.25
CA GLU E 215 22.54 -27.97 16.55
C GLU E 215 21.20 -27.53 17.11
N TRP E 216 20.09 -28.07 16.59
CA TRP E 216 18.77 -27.66 17.02
C TRP E 216 18.20 -28.52 18.14
N THR E 217 18.96 -29.51 18.64
CA THR E 217 18.58 -30.23 19.84
C THR E 217 19.71 -30.20 20.87
N LYS E 218 20.65 -29.27 20.70
CA LYS E 218 21.72 -29.04 21.66
C LYS E 218 21.17 -28.27 22.85
N GLY F 16 6.85 14.08 38.89
CA GLY F 16 7.41 13.27 37.82
C GLY F 16 7.02 11.80 37.89
N ILE F 17 7.95 10.92 37.55
CA ILE F 17 7.66 9.48 37.53
C ILE F 17 7.36 9.00 38.94
N THR F 18 6.92 7.74 39.03
CA THR F 18 6.29 7.19 40.22
C THR F 18 7.14 6.17 40.97
N PHE F 19 8.02 5.45 40.27
CA PHE F 19 8.75 4.30 40.79
C PHE F 19 10.23 4.42 40.47
N SER F 20 11.02 3.51 41.07
CA SER F 20 12.48 3.51 41.08
C SER F 20 12.97 2.09 40.85
N LYS F 21 14.29 1.91 40.91
CA LYS F 21 14.88 0.62 40.58
C LYS F 21 14.49 -0.46 41.57
N ASN F 22 14.20 -0.07 42.81
CA ASN F 22 13.79 -1.03 43.80
C ASN F 22 12.48 -1.70 43.41
N ASP F 23 11.69 -1.08 42.53
CA ASP F 23 10.37 -1.56 42.15
C ASP F 23 10.41 -2.50 40.96
N VAL F 24 11.60 -2.93 40.55
CA VAL F 24 11.78 -3.89 39.48
C VAL F 24 12.55 -5.09 39.99
N GLU F 25 12.12 -6.26 39.57
CA GLU F 25 12.74 -7.55 39.86
C GLU F 25 13.30 -8.04 38.52
N ILE F 26 14.60 -7.87 38.29
CA ILE F 26 15.21 -8.48 37.11
C ILE F 26 15.51 -9.95 37.46
N ILE F 27 14.73 -10.86 36.87
CA ILE F 27 14.87 -12.29 37.16
C ILE F 27 16.12 -12.83 36.48
N ALA F 28 16.30 -12.49 35.22
CA ALA F 28 17.36 -13.09 34.44
C ALA F 28 17.60 -12.23 33.21
N ARG F 29 18.79 -12.41 32.64
CA ARG F 29 19.10 -11.90 31.31
C ARG F 29 19.64 -13.08 30.54
N GLU F 30 18.85 -13.59 29.61
CA GLU F 30 19.22 -14.80 28.87
C GLU F 30 19.91 -14.38 27.59
N THR F 31 21.13 -14.89 27.39
CA THR F 31 21.86 -14.55 26.19
C THR F 31 21.14 -15.10 24.96
N LEU F 32 20.87 -14.24 23.99
CA LEU F 32 20.20 -14.63 22.75
C LEU F 32 21.15 -14.63 21.56
N TYR F 33 22.10 -13.72 21.53
CA TYR F 33 23.01 -13.59 20.40
C TYR F 33 24.27 -12.86 20.85
N ARG F 34 25.41 -13.36 20.43
CA ARG F 34 26.71 -12.75 20.72
C ARG F 34 27.49 -12.68 19.41
N GLY F 35 27.51 -11.50 18.82
CA GLY F 35 28.33 -11.25 17.66
C GLY F 35 29.05 -9.93 17.80
N PHE F 36 29.03 -9.12 16.74
CA PHE F 36 29.58 -7.77 16.85
C PHE F 36 28.77 -6.97 17.87
N PHE F 37 27.47 -7.15 17.84
CA PHE F 37 26.54 -6.66 18.84
C PHE F 37 26.03 -7.86 19.65
N SER F 38 25.17 -7.58 20.64
CA SER F 38 24.56 -8.61 21.48
C SER F 38 23.05 -8.39 21.56
N LEU F 39 22.34 -9.49 21.81
CA LEU F 39 20.94 -9.45 22.17
C LEU F 39 20.74 -10.30 23.42
N ASP F 40 19.97 -9.76 24.37
CA ASP F 40 19.65 -10.46 25.61
C ASP F 40 18.14 -10.45 25.81
N LEU F 41 17.63 -11.52 26.41
CA LEU F 41 16.23 -11.55 26.83
C LEU F 41 16.19 -11.12 28.30
N TYR F 42 15.66 -9.93 28.55
CA TYR F 42 15.41 -9.52 29.93
C TYR F 42 14.12 -10.16 30.40
N ARG F 43 14.19 -10.84 31.53
CA ARG F 43 13.04 -11.45 32.19
C ARG F 43 12.87 -10.73 33.53
N PHE F 44 11.69 -10.17 33.77
CA PHE F 44 11.57 -9.29 34.93
C PHE F 44 10.13 -9.20 35.38
N ARG F 45 9.95 -8.74 36.61
CA ARG F 45 8.66 -8.32 37.16
C ARG F 45 8.80 -6.89 37.64
N HIS F 46 7.68 -6.14 37.63
CA HIS F 46 7.75 -4.75 38.05
C HIS F 46 6.46 -4.37 38.76
N ARG F 47 6.56 -3.36 39.61
CA ARG F 47 5.41 -2.89 40.36
C ARG F 47 4.43 -2.22 39.42
N LEU F 48 3.14 -2.37 39.76
CA LEU F 48 2.02 -1.80 39.02
C LEU F 48 1.55 -0.50 39.67
N PHE F 49 1.08 0.44 38.83
CA PHE F 49 0.64 1.73 39.36
C PHE F 49 -0.46 1.58 40.41
N ASN F 50 -1.35 0.61 40.26
CA ASN F 50 -2.42 0.41 41.23
C ASN F 50 -2.06 -0.59 42.32
N GLY F 51 -0.78 -0.95 42.41
CA GLY F 51 -0.29 -1.76 43.51
C GLY F 51 -0.08 -3.20 43.09
N GLY F 52 0.83 -3.86 43.80
CA GLY F 52 1.18 -5.24 43.48
C GLY F 52 2.25 -5.31 42.40
N MET F 53 2.70 -6.52 42.12
CA MET F 53 3.73 -6.79 41.13
C MET F 53 3.11 -7.45 39.89
N SER F 54 3.72 -7.16 38.74
CA SER F 54 3.33 -7.75 37.47
C SER F 54 3.62 -9.24 37.45
N GLY F 55 3.06 -9.90 36.45
CA GLY F 55 3.54 -11.21 36.07
C GLY F 55 4.92 -11.09 35.46
N GLU F 56 5.46 -12.24 35.05
CA GLU F 56 6.76 -12.25 34.40
C GLU F 56 6.65 -11.68 32.98
N ILE F 57 7.51 -10.73 32.68
CA ILE F 57 7.58 -10.05 31.39
C ILE F 57 8.92 -10.42 30.78
N THR F 58 8.94 -10.60 29.45
CA THR F 58 10.20 -10.76 28.74
C THR F 58 10.28 -9.77 27.59
N ARG F 59 11.49 -9.26 27.36
CA ARG F 59 11.76 -8.27 26.32
C ARG F 59 13.11 -8.59 25.69
N GLU F 60 13.15 -8.63 24.35
CA GLU F 60 14.42 -8.74 23.65
C GLU F 60 15.08 -7.37 23.61
N ILE F 61 16.32 -7.29 24.06
CA ILE F 61 17.04 -6.03 24.18
C ILE F 61 18.34 -6.10 23.39
N PHE F 62 18.52 -5.15 22.48
CA PHE F 62 19.72 -4.96 21.69
C PHE F 62 20.75 -4.22 22.52
N GLU F 63 21.91 -4.86 22.71
CA GLU F 63 22.99 -4.36 23.56
C GLU F 63 24.19 -4.05 22.66
N ARG F 64 24.53 -2.76 22.55
CA ARG F 64 25.67 -2.39 21.71
C ARG F 64 26.59 -1.38 22.41
N GLY F 65 26.52 -1.30 23.72
CA GLY F 65 27.31 -0.30 24.41
C GLY F 65 26.67 1.06 24.27
N HIS F 66 27.43 2.07 24.69
CA HIS F 66 26.96 3.44 24.77
C HIS F 66 27.97 4.33 24.07
N ALA F 67 27.51 5.51 23.69
CA ALA F 67 28.26 6.34 22.77
C ALA F 67 28.48 7.75 23.29
N ALA F 68 29.56 8.34 22.83
CA ALA F 68 29.84 9.76 23.00
C ALA F 68 29.61 10.43 21.65
N VAL F 69 28.93 11.57 21.68
CA VAL F 69 28.60 12.34 20.48
C VAL F 69 29.11 13.76 20.65
N LEU F 70 29.74 14.30 19.60
CA LEU F 70 30.26 15.65 19.62
C LEU F 70 29.65 16.50 18.50
N LEU F 71 29.04 17.61 18.90
CA LEU F 71 28.66 18.69 17.99
C LEU F 71 29.84 19.63 17.92
N PRO F 72 30.61 19.65 16.84
CA PRO F 72 31.73 20.61 16.75
C PRO F 72 31.22 21.95 16.25
N PHE F 73 31.30 22.97 17.11
CA PHE F 73 30.73 24.28 16.82
C PHE F 73 31.84 25.33 16.87
N ASP F 74 31.93 26.12 15.82
CA ASP F 74 32.85 27.24 15.73
C ASP F 74 32.07 28.50 16.08
N PRO F 75 32.23 29.07 17.28
CA PRO F 75 31.37 30.19 17.68
C PRO F 75 31.72 31.50 17.01
N VAL F 76 32.95 31.61 16.49
CA VAL F 76 33.35 32.82 15.80
C VAL F 76 32.70 32.89 14.43
N ARG F 77 32.74 31.80 13.68
CA ARG F 77 32.19 31.75 12.33
C ARG F 77 30.74 31.29 12.28
N ASP F 78 30.20 30.77 13.39
CA ASP F 78 28.84 30.23 13.46
C ASP F 78 28.68 29.08 12.48
N GLU F 79 29.60 28.11 12.57
CA GLU F 79 29.67 26.96 11.68
C GLU F 79 29.71 25.69 12.50
N VAL F 80 29.28 24.59 11.87
CA VAL F 80 29.32 23.27 12.48
C VAL F 80 30.04 22.34 11.52
N VAL F 81 30.65 21.30 12.06
CA VAL F 81 31.36 20.29 11.27
C VAL F 81 30.52 19.02 11.32
N LEU F 82 30.23 18.45 10.16
CA LEU F 82 29.48 17.21 10.03
C LEU F 82 30.35 16.15 9.37
N VAL F 83 30.12 14.87 9.68
CA VAL F 83 30.81 13.77 9.00
C VAL F 83 29.78 12.91 8.27
N GLU F 84 30.10 12.59 7.03
CA GLU F 84 29.23 11.78 6.17
C GLU F 84 29.82 10.40 5.96
N GLN F 85 28.99 9.36 6.15
CA GLN F 85 29.39 8.01 5.80
C GLN F 85 28.14 7.17 5.62
N ILE F 86 28.32 6.01 4.98
CA ILE F 86 27.19 5.12 4.72
C ILE F 86 26.79 4.42 6.00
N ARG F 87 25.47 4.38 6.24
CA ARG F 87 24.86 3.67 7.36
C ARG F 87 23.84 2.74 6.73
N ILE F 88 24.24 1.49 6.44
CA ILE F 88 23.38 0.63 5.66
C ILE F 88 22.03 0.37 6.33
N ALA F 89 21.94 0.51 7.66
CA ALA F 89 20.65 0.29 8.32
C ALA F 89 19.60 1.29 7.89
N ALA F 90 20.03 2.45 7.37
CA ALA F 90 19.11 3.48 6.88
C ALA F 90 18.51 3.15 5.52
N TYR F 91 19.00 2.12 4.82
CA TYR F 91 18.66 1.90 3.42
C TYR F 91 17.16 1.74 3.19
N ASP F 92 16.49 0.93 4.01
CA ASP F 92 15.12 0.55 3.70
C ASP F 92 14.12 1.70 3.81
N THR F 93 14.45 2.77 4.55
CA THR F 93 13.48 3.84 4.80
C THR F 93 13.99 5.22 4.42
N SER F 94 15.12 5.32 3.73
CA SER F 94 15.76 6.61 3.48
C SER F 94 16.03 6.79 1.99
N GLU F 95 16.12 8.06 1.59
CA GLU F 95 16.48 8.38 0.21
C GLU F 95 17.85 7.79 -0.13
N SER F 96 18.80 7.87 0.80
CA SER F 96 20.15 7.41 0.61
C SER F 96 20.66 6.88 1.94
N PRO F 97 21.48 5.83 1.95
CA PRO F 97 22.06 5.36 3.22
C PRO F 97 23.28 6.16 3.65
N TRP F 98 23.77 7.09 2.83
CA TRP F 98 24.81 8.00 3.27
C TRP F 98 24.17 9.08 4.12
N LEU F 99 24.62 9.21 5.36
CA LEU F 99 24.02 10.16 6.31
C LEU F 99 25.02 11.24 6.71
N LEU F 100 24.49 12.45 6.96
CA LEU F 100 25.24 13.54 7.59
C LEU F 100 25.06 13.44 9.10
N GLU F 101 26.16 13.25 9.84
CA GLU F 101 26.08 12.95 11.26
C GLU F 101 27.04 13.78 12.07
N MET F 102 26.83 13.73 13.38
CA MET F 102 27.79 14.18 14.35
C MET F 102 28.97 13.22 14.45
N VAL F 103 30.11 13.75 14.88
CA VAL F 103 31.22 12.90 15.31
C VAL F 103 30.76 12.07 16.50
N ALA F 104 31.12 10.78 16.51
CA ALA F 104 30.67 9.92 17.60
C ALA F 104 31.55 8.67 17.70
N GLY F 105 31.55 8.06 18.88
CA GLY F 105 32.24 6.80 19.05
C GLY F 105 31.76 6.07 20.28
N MET F 106 32.07 4.77 20.33
CA MET F 106 31.74 3.96 21.48
C MET F 106 32.60 4.33 22.68
N ILE F 107 32.02 4.25 23.87
CA ILE F 107 32.74 4.44 25.11
C ILE F 107 33.13 3.07 25.67
N GLU F 108 34.43 2.84 25.81
CA GLU F 108 34.92 1.60 26.39
C GLU F 108 35.07 1.76 27.91
N ALA F 109 35.19 0.63 28.59
CA ALA F 109 35.29 0.63 30.04
C ALA F 109 36.36 1.62 30.50
N GLY F 110 35.99 2.46 31.47
CA GLY F 110 36.92 3.39 32.07
C GLY F 110 37.06 4.71 31.35
N GLU F 111 36.63 4.80 30.10
CA GLU F 111 36.75 6.03 29.33
C GLU F 111 35.67 7.03 29.72
N THR F 112 35.97 8.30 29.51
CA THR F 112 34.98 9.36 29.69
C THR F 112 34.37 9.74 28.35
N VAL F 113 33.17 10.31 28.42
CA VAL F 113 32.52 10.85 27.23
C VAL F 113 33.46 11.79 26.50
N GLU F 114 34.08 12.71 27.25
CA GLU F 114 34.94 13.71 26.62
C GLU F 114 36.15 13.07 25.95
N ASP F 115 36.79 12.10 26.63
CA ASP F 115 37.93 11.40 26.05
C ASP F 115 37.59 10.88 24.65
N VAL F 116 36.45 10.22 24.54
CA VAL F 116 36.05 9.63 23.26
C VAL F 116 35.73 10.71 22.26
N ALA F 117 35.02 11.75 22.69
CA ALA F 117 34.62 12.79 21.75
C ALA F 117 35.85 13.47 21.17
N ARG F 118 36.84 13.77 22.01
CA ARG F 118 38.05 14.42 21.52
C ARG F 118 38.82 13.51 20.56
N ARG F 119 38.96 12.23 20.91
CA ARG F 119 39.70 11.31 20.07
C ARG F 119 39.03 11.20 18.70
N GLU F 120 37.72 11.02 18.69
CA GLU F 120 37.02 10.85 17.43
C GLU F 120 37.10 12.12 16.58
N ALA F 121 37.04 13.29 17.22
CA ALA F 121 37.09 14.53 16.45
C ALA F 121 38.44 14.67 15.75
N LEU F 122 39.51 14.25 16.43
CA LEU F 122 40.84 14.36 15.83
C LEU F 122 41.04 13.32 14.76
N GLU F 123 40.51 12.10 14.99
CA GLU F 123 40.74 11.00 14.06
C GLU F 123 39.87 11.10 12.81
N GLU F 124 38.70 11.75 12.90
CA GLU F 124 37.82 11.82 11.75
C GLU F 124 37.86 13.14 11.01
N ALA F 125 38.18 14.25 11.69
CA ALA F 125 38.18 15.55 11.02
C ALA F 125 39.36 16.42 11.41
N GLY F 126 40.38 15.86 12.05
CA GLY F 126 41.58 16.62 12.41
C GLY F 126 41.31 17.77 13.34
N LEU F 127 40.25 17.68 14.14
CA LEU F 127 39.77 18.80 14.96
C LEU F 127 40.31 18.70 16.38
N GLU F 128 41.05 19.73 16.79
CA GLU F 128 41.28 19.96 18.20
C GLU F 128 40.06 20.63 18.79
N VAL F 129 39.72 20.26 20.01
CA VAL F 129 38.55 20.80 20.69
C VAL F 129 39.03 21.65 21.86
N GLY F 130 38.37 22.79 22.04
CA GLY F 130 38.69 23.67 23.14
C GLY F 130 37.77 23.37 24.31
N ARG F 131 36.94 24.34 24.67
CA ARG F 131 35.98 24.13 25.73
C ARG F 131 34.90 23.16 25.28
N THR F 132 34.26 22.50 26.25
CA THR F 132 33.15 21.63 25.97
C THR F 132 32.03 21.87 26.98
N LYS F 133 30.80 21.59 26.55
CA LYS F 133 29.65 21.70 27.41
C LYS F 133 28.75 20.51 27.14
N PRO F 134 28.15 19.91 28.16
CA PRO F 134 27.15 18.87 27.90
C PRO F 134 25.93 19.49 27.22
N ILE F 135 25.36 18.75 26.29
CA ILE F 135 24.07 19.11 25.71
C ILE F 135 23.01 18.30 26.44
N LEU F 136 22.94 17.01 26.13
CA LEU F 136 21.94 16.11 26.69
C LEU F 136 22.50 14.70 26.53
N SER F 137 21.99 13.78 27.33
CA SER F 137 22.30 12.37 27.20
C SER F 137 20.97 11.67 27.07
N TYR F 138 20.79 10.88 26.01
CA TYR F 138 19.49 10.33 25.70
C TYR F 138 19.56 8.85 25.37
N LEU F 139 18.42 8.18 25.59
CA LEU F 139 18.25 6.80 25.19
C LEU F 139 17.71 6.76 23.77
N ALA F 140 18.41 6.05 22.88
CA ALA F 140 18.07 6.05 21.46
C ALA F 140 16.68 5.50 21.20
N SER F 141 16.33 4.40 21.84
CA SER F 141 15.03 3.76 21.60
C SER F 141 14.81 2.72 22.70
N PRO F 142 14.40 3.17 23.88
CA PRO F 142 14.47 2.30 25.08
C PRO F 142 13.44 1.20 25.15
N GLY F 143 12.52 1.09 24.19
CA GLY F 143 11.67 -0.10 24.10
C GLY F 143 12.39 -1.33 23.56
N GLY F 144 13.56 -1.17 22.95
CA GLY F 144 14.23 -2.27 22.29
C GLY F 144 15.75 -2.28 22.38
N THR F 145 16.38 -1.19 22.82
CA THR F 145 17.83 -1.17 22.95
C THR F 145 18.21 -0.39 24.20
N SER F 146 19.30 -0.81 24.83
CA SER F 146 19.78 -0.10 26.02
C SER F 146 20.60 1.13 25.68
N GLU F 147 20.86 1.38 24.41
CA GLU F 147 21.86 2.37 24.02
C GLU F 147 21.54 3.76 24.53
N ARG F 148 22.52 4.35 25.21
CA ARG F 148 22.54 5.73 25.63
C ARG F 148 23.62 6.46 24.84
N LEU F 149 23.32 7.68 24.41
CA LEU F 149 24.29 8.52 23.70
C LEU F 149 24.38 9.84 24.44
N SER F 150 25.59 10.24 24.75
CA SER F 150 25.83 11.45 25.54
C SER F 150 26.46 12.48 24.62
N ILE F 151 25.77 13.59 24.42
CA ILE F 151 26.16 14.63 23.46
C ILE F 151 26.87 15.76 24.19
N LEU F 152 28.02 16.20 23.66
CA LEU F 152 28.74 17.39 24.08
C LEU F 152 28.75 18.36 22.90
N VAL F 153 28.75 19.64 23.20
CA VAL F 153 29.16 20.62 22.20
C VAL F 153 30.60 21.00 22.49
N GLY F 154 31.40 21.07 21.43
CA GLY F 154 32.82 21.36 21.56
C GLY F 154 33.23 22.52 20.72
N GLU F 155 34.02 23.41 21.31
CA GLU F 155 34.53 24.60 20.65
C GLU F 155 35.59 24.24 19.62
N VAL F 156 35.40 24.59 18.35
CA VAL F 156 36.41 24.30 17.34
C VAL F 156 36.62 25.51 16.44
N ASP F 157 37.78 25.50 15.79
CA ASP F 157 38.11 26.40 14.68
C ASP F 157 37.80 25.63 13.41
N ALA F 158 36.69 25.98 12.77
CA ALA F 158 36.20 25.17 11.66
C ALA F 158 37.11 25.26 10.45
N SER F 159 37.99 26.27 10.37
CA SER F 159 38.97 26.35 9.28
C SER F 159 40.05 25.31 9.40
N THR F 160 40.03 24.51 10.46
CA THR F 160 41.00 23.44 10.66
C THR F 160 40.38 22.06 10.43
N ALA F 161 39.08 21.98 10.13
CA ALA F 161 38.49 20.70 9.81
C ALA F 161 38.97 20.21 8.45
N LYS F 162 39.31 18.94 8.37
CA LYS F 162 39.90 18.42 7.15
C LYS F 162 39.71 16.91 7.11
N GLY F 163 39.60 16.39 5.89
CA GLY F 163 39.66 14.96 5.71
C GLY F 163 41.00 14.39 6.15
N ILE F 164 40.95 13.25 6.83
CA ILE F 164 42.13 12.60 7.37
C ILE F 164 42.49 11.44 6.44
N HIS F 165 43.72 11.47 5.89
CA HIS F 165 44.12 10.46 4.94
C HIS F 165 44.33 9.11 5.64
N GLY F 166 44.00 8.04 4.92
CA GLY F 166 44.14 6.69 5.44
C GLY F 166 44.08 5.64 4.35
N GLU F 172 36.23 2.33 7.14
CA GLU F 172 35.31 3.46 7.33
C GLU F 172 35.66 4.59 6.38
N ASP F 173 34.74 4.91 5.47
CA ASP F 173 34.98 5.89 4.41
C ASP F 173 34.15 7.13 4.75
N ILE F 174 34.84 8.21 5.13
CA ILE F 174 34.22 9.38 5.72
C ILE F 174 34.50 10.59 4.85
N ARG F 175 33.55 11.53 4.84
CA ARG F 175 33.70 12.81 4.19
C ARG F 175 33.33 13.89 5.18
N VAL F 176 34.17 14.92 5.29
CA VAL F 176 34.00 15.98 6.27
C VAL F 176 33.30 17.16 5.59
N HIS F 177 32.25 17.64 6.22
CA HIS F 177 31.50 18.81 5.76
C HIS F 177 31.64 19.94 6.78
N VAL F 178 31.79 21.17 6.29
CA VAL F 178 31.72 22.33 7.16
C VAL F 178 30.63 23.23 6.60
N VAL F 179 29.61 23.50 7.41
CA VAL F 179 28.45 24.28 6.97
C VAL F 179 28.09 25.31 8.02
N SER F 180 27.39 26.35 7.58
CA SER F 180 26.87 27.29 8.56
C SER F 180 25.87 26.58 9.48
N ARG F 181 25.76 27.10 10.71
CA ARG F 181 24.72 26.62 11.62
C ARG F 181 23.34 26.74 10.97
N GLU F 182 23.08 27.88 10.32
CA GLU F 182 21.77 28.08 9.70
C GLU F 182 21.48 27.00 8.66
N GLN F 183 22.49 26.65 7.85
CA GLN F 183 22.30 25.62 6.84
C GLN F 183 22.05 24.26 7.47
N ALA F 184 22.85 23.88 8.47
CA ALA F 184 22.65 22.60 9.13
C ALA F 184 21.25 22.50 9.72
N TYR F 185 20.76 23.57 10.32
CA TYR F 185 19.45 23.50 10.94
C TYR F 185 18.36 23.44 9.88
N GLN F 186 18.53 24.18 8.78
CA GLN F 186 17.58 24.09 7.68
C GLN F 186 17.52 22.66 7.15
N TRP F 187 18.66 21.97 7.10
CA TRP F 187 18.66 20.56 6.69
C TRP F 187 17.88 19.67 7.67
N VAL F 188 17.90 19.97 8.96
CA VAL F 188 17.02 19.25 9.88
C VAL F 188 15.56 19.49 9.52
N GLU F 189 15.18 20.76 9.36
CA GLU F 189 13.80 21.08 9.02
C GLU F 189 13.36 20.40 7.73
N GLU F 190 14.27 20.32 6.74
CA GLU F 190 13.96 19.74 5.44
C GLU F 190 14.02 18.22 5.43
N GLY F 191 14.54 17.59 6.47
CA GLY F 191 14.68 16.16 6.50
C GLY F 191 15.98 15.63 5.93
N LYS F 192 16.88 16.50 5.50
CA LYS F 192 18.16 16.07 4.97
C LYS F 192 19.13 15.62 6.05
N ILE F 193 18.96 16.08 7.27
CA ILE F 193 19.59 15.50 8.45
C ILE F 193 18.46 14.92 9.28
N ASP F 194 18.47 13.59 9.50
CA ASP F 194 17.35 12.96 10.19
C ASP F 194 17.77 11.76 11.01
N ASN F 195 18.96 11.81 11.59
CA ASN F 195 19.37 10.82 12.59
C ASN F 195 19.29 11.48 13.96
N ALA F 196 18.89 10.71 14.98
CA ALA F 196 18.54 11.28 16.28
C ALA F 196 19.64 12.15 16.86
N ALA F 197 20.90 11.67 16.84
CA ALA F 197 21.97 12.42 17.50
C ALA F 197 22.14 13.80 16.88
N SER F 198 22.07 13.89 15.57
CA SER F 198 22.26 15.17 14.91
C SER F 198 21.06 16.08 15.06
N VAL F 199 19.85 15.51 14.95
CA VAL F 199 18.64 16.30 15.16
C VAL F 199 18.63 16.90 16.56
N ILE F 200 18.91 16.09 17.57
CA ILE F 200 18.91 16.58 18.95
C ILE F 200 19.98 17.65 19.14
N ALA F 201 21.19 17.38 18.66
CA ALA F 201 22.28 18.35 18.82
C ALA F 201 21.96 19.68 18.14
N LEU F 202 21.46 19.64 16.91
CA LEU F 202 21.22 20.86 16.14
C LEU F 202 19.98 21.60 16.61
N GLN F 203 18.93 20.90 17.07
CA GLN F 203 17.83 21.62 17.71
CA GLN F 203 17.82 21.60 17.73
C GLN F 203 18.30 22.30 18.99
N TRP F 204 19.13 21.62 19.78
CA TRP F 204 19.67 22.26 20.97
C TRP F 204 20.45 23.51 20.59
N LEU F 205 21.26 23.40 19.56
CA LEU F 205 22.07 24.55 19.15
C LEU F 205 21.20 25.70 18.68
N GLN F 206 20.09 25.40 18.00
CA GLN F 206 19.21 26.45 17.54
C GLN F 206 18.59 27.19 18.72
N LEU F 207 18.34 26.47 19.82
CA LEU F 207 17.79 27.07 21.03
C LEU F 207 18.83 27.79 21.87
N HIS F 208 20.12 27.49 21.73
CA HIS F 208 21.14 27.95 22.66
C HIS F 208 22.28 28.75 22.03
N TYR F 209 22.29 28.94 20.71
CA TYR F 209 23.52 29.45 20.09
C TYR F 209 23.80 30.90 20.47
N HIS F 210 22.77 31.72 20.69
CA HIS F 210 23.04 33.12 21.01
C HIS F 210 23.85 33.23 22.29
N ASN F 211 23.44 32.49 23.33
CA ASN F 211 24.17 32.54 24.59
C ASN F 211 25.51 31.83 24.48
N LEU F 212 25.57 30.76 23.69
CA LEU F 212 26.82 30.01 23.57
C LEU F 212 27.87 30.83 22.85
N ARG F 213 27.49 31.49 21.76
CA ARG F 213 28.45 32.34 21.07
C ARG F 213 28.95 33.46 21.97
N ASN F 214 28.06 34.04 22.78
CA ASN F 214 28.49 35.06 23.72
C ASN F 214 29.45 34.50 24.76
N GLU F 215 29.14 33.31 25.29
CA GLU F 215 29.99 32.71 26.32
C GLU F 215 31.39 32.39 25.79
N TRP F 216 31.48 31.93 24.54
CA TRP F 216 32.74 31.50 23.97
C TRP F 216 33.46 32.56 23.12
N THR F 217 32.91 33.77 23.00
CA THR F 217 33.65 34.85 22.36
C THR F 217 33.91 36.03 23.28
N LYS F 218 33.40 35.98 24.51
CA LYS F 218 33.74 36.98 25.52
C LYS F 218 35.25 36.98 25.71
N GLN G 15 0.18 -43.01 1.58
CA GLN G 15 1.05 -41.83 1.58
C GLN G 15 1.42 -41.42 0.15
N GLY G 16 1.45 -40.13 -0.09
CA GLY G 16 1.79 -39.57 -1.38
C GLY G 16 0.63 -38.78 -1.96
N ILE G 17 0.82 -38.33 -3.21
CA ILE G 17 -0.16 -37.46 -3.85
C ILE G 17 -1.51 -38.15 -3.86
N THR G 18 -2.54 -37.40 -4.22
CA THR G 18 -3.91 -37.83 -4.04
C THR G 18 -4.67 -38.00 -5.34
N PHE G 19 -4.27 -37.28 -6.40
CA PHE G 19 -5.00 -37.22 -7.67
C PHE G 19 -4.03 -37.46 -8.83
N SER G 20 -4.60 -37.82 -9.98
CA SER G 20 -3.85 -38.14 -11.18
C SER G 20 -4.36 -37.29 -12.34
N LYS G 21 -3.77 -37.49 -13.52
CA LYS G 21 -4.25 -36.79 -14.72
C LYS G 21 -5.75 -36.94 -14.89
N ASN G 22 -6.26 -38.16 -14.66
CA ASN G 22 -7.70 -38.40 -14.81
C ASN G 22 -8.53 -37.43 -14.00
N ASP G 23 -7.93 -36.75 -13.02
CA ASP G 23 -8.65 -35.84 -12.15
C ASP G 23 -8.59 -34.39 -12.60
N VAL G 24 -7.97 -34.12 -13.75
CA VAL G 24 -7.89 -32.78 -14.32
C VAL G 24 -8.45 -32.83 -15.72
N GLU G 25 -9.21 -31.79 -16.10
CA GLU G 25 -9.71 -31.62 -17.46
C GLU G 25 -9.08 -30.35 -18.00
N ILE G 26 -8.22 -30.49 -19.00
CA ILE G 26 -7.66 -29.32 -19.70
C ILE G 26 -8.66 -28.95 -20.78
N ILE G 27 -9.44 -27.91 -20.53
CA ILE G 27 -10.51 -27.51 -21.43
C ILE G 27 -9.94 -27.07 -22.77
N ALA G 28 -8.87 -26.28 -22.74
CA ALA G 28 -8.31 -25.73 -23.97
C ALA G 28 -6.99 -25.06 -23.64
N ARG G 29 -6.17 -24.87 -24.68
CA ARG G 29 -4.90 -24.20 -24.57
C ARG G 29 -4.83 -23.11 -25.64
N GLU G 30 -4.10 -22.03 -25.34
CA GLU G 30 -4.01 -20.87 -26.22
C GLU G 30 -2.57 -20.37 -26.21
N THR G 31 -2.04 -20.01 -27.37
CA THR G 31 -0.70 -19.42 -27.46
C THR G 31 -0.88 -17.90 -27.49
N LEU G 32 -0.47 -17.23 -26.42
CA LEU G 32 -0.59 -15.78 -26.28
C LEU G 32 0.56 -15.04 -26.93
N TYR G 33 1.72 -15.69 -27.00
CA TYR G 33 2.92 -15.11 -27.61
C TYR G 33 3.71 -16.26 -28.19
N ARG G 34 4.19 -16.11 -29.42
CA ARG G 34 5.04 -17.11 -30.05
C ARG G 34 6.22 -16.39 -30.67
N GLY G 35 7.40 -16.71 -30.19
CA GLY G 35 8.63 -16.22 -30.76
C GLY G 35 9.64 -17.35 -30.73
N PHE G 36 10.80 -17.11 -30.14
CA PHE G 36 11.73 -18.20 -29.90
C PHE G 36 11.14 -19.18 -28.90
N PHE G 37 10.59 -18.65 -27.81
CA PHE G 37 9.82 -19.42 -26.84
C PHE G 37 8.34 -19.09 -27.03
N SER G 38 7.50 -19.70 -26.20
CA SER G 38 6.07 -19.41 -26.23
C SER G 38 5.55 -19.12 -24.83
N LEU G 39 4.50 -18.31 -24.79
CA LEU G 39 3.71 -18.15 -23.58
C LEU G 39 2.31 -18.64 -23.88
N ASP G 40 1.91 -19.70 -23.19
CA ASP G 40 0.64 -20.35 -23.40
C ASP G 40 -0.30 -20.05 -22.23
N LEU G 41 -1.59 -20.16 -22.51
CA LEU G 41 -2.63 -20.07 -21.49
C LEU G 41 -3.35 -21.41 -21.44
N TYR G 42 -3.37 -22.04 -20.27
CA TYR G 42 -4.13 -23.26 -20.07
C TYR G 42 -5.45 -22.93 -19.38
N ARG G 43 -6.55 -23.46 -19.92
CA ARG G 43 -7.86 -23.41 -19.30
C ARG G 43 -8.20 -24.82 -18.82
N PHE G 44 -8.55 -24.97 -17.53
CA PHE G 44 -8.71 -26.31 -16.98
C PHE G 44 -9.60 -26.28 -15.74
N ARG G 45 -10.09 -27.47 -15.38
CA ARG G 45 -10.83 -27.71 -14.16
C ARG G 45 -10.23 -28.96 -13.51
N HIS G 46 -10.32 -29.04 -12.17
CA HIS G 46 -9.60 -30.10 -11.48
C HIS G 46 -10.30 -30.48 -10.18
N ARG G 47 -10.06 -31.72 -9.76
CA ARG G 47 -10.66 -32.22 -8.54
C ARG G 47 -10.06 -31.53 -7.31
N LEU G 48 -10.88 -31.38 -6.28
CA LEU G 48 -10.49 -30.69 -5.06
C LEU G 48 -10.34 -31.69 -3.92
N PHE G 49 -9.52 -31.32 -2.93
CA PHE G 49 -9.20 -32.26 -1.85
C PHE G 49 -10.42 -32.56 -1.00
N ASN G 50 -11.26 -31.55 -0.76
CA ASN G 50 -12.46 -31.74 0.04
C ASN G 50 -13.54 -32.49 -0.71
N GLY G 51 -13.26 -32.94 -1.92
CA GLY G 51 -14.31 -33.42 -2.80
C GLY G 51 -14.91 -32.30 -3.61
N GLY G 52 -15.41 -32.66 -4.78
CA GLY G 52 -15.94 -31.68 -5.71
C GLY G 52 -14.89 -31.31 -6.75
N MET G 53 -15.28 -30.38 -7.62
CA MET G 53 -14.41 -29.94 -8.71
C MET G 53 -14.41 -28.43 -8.79
N SER G 54 -13.23 -27.86 -9.01
CA SER G 54 -13.09 -26.42 -9.12
C SER G 54 -13.89 -25.89 -10.31
N GLY G 55 -14.05 -24.58 -10.34
CA GLY G 55 -14.50 -23.94 -11.56
C GLY G 55 -13.38 -23.97 -12.59
N GLU G 56 -13.63 -23.29 -13.69
CA GLU G 56 -12.59 -23.14 -14.70
C GLU G 56 -11.47 -22.26 -14.16
N ILE G 57 -10.24 -22.71 -14.37
CA ILE G 57 -9.04 -22.00 -13.97
C ILE G 57 -8.27 -21.67 -15.23
N THR G 58 -7.65 -20.49 -15.28
CA THR G 58 -6.67 -20.17 -16.32
C THR G 58 -5.33 -19.89 -15.67
N ARG G 59 -4.30 -20.38 -16.35
CA ARG G 59 -2.92 -20.17 -15.87
C ARG G 59 -2.01 -19.92 -17.07
N GLU G 60 -1.15 -18.91 -16.95
CA GLU G 60 -0.13 -18.66 -17.95
C GLU G 60 1.03 -19.62 -17.74
N ILE G 61 1.59 -20.11 -18.85
CA ILE G 61 2.65 -21.12 -18.80
C ILE G 61 3.74 -20.73 -19.78
N PHE G 62 4.95 -20.57 -19.27
CA PHE G 62 6.11 -20.32 -20.13
C PHE G 62 6.56 -21.65 -20.74
N GLU G 63 6.54 -21.73 -22.07
CA GLU G 63 6.77 -22.96 -22.81
C GLU G 63 8.04 -22.81 -23.63
N ARG G 64 9.06 -23.62 -23.31
CA ARG G 64 10.33 -23.56 -24.01
C ARG G 64 10.92 -24.94 -24.32
N GLY G 65 10.11 -25.98 -24.35
CA GLY G 65 10.65 -27.31 -24.56
C GLY G 65 11.36 -27.81 -23.31
N HIS G 66 12.07 -28.92 -23.48
CA HIS G 66 12.66 -29.66 -22.38
C HIS G 66 14.09 -30.01 -22.71
N ALA G 67 14.90 -30.20 -21.68
CA ALA G 67 16.34 -30.23 -21.83
C ALA G 67 16.95 -31.53 -21.33
N ALA G 68 18.09 -31.87 -21.92
CA ALA G 68 19.00 -32.87 -21.39
C ALA G 68 20.21 -32.16 -20.81
N VAL G 69 20.71 -32.68 -19.69
CA VAL G 69 21.79 -32.05 -18.94
C VAL G 69 22.82 -33.13 -18.62
N LEU G 70 24.11 -32.80 -18.74
CA LEU G 70 25.18 -33.76 -18.47
C LEU G 70 26.15 -33.20 -17.45
N LEU G 71 26.33 -33.92 -16.34
CA LEU G 71 27.38 -33.63 -15.37
C LEU G 71 28.62 -34.42 -15.80
N PRO G 72 29.66 -33.77 -16.33
CA PRO G 72 30.84 -34.53 -16.75
C PRO G 72 31.74 -34.77 -15.55
N PHE G 73 31.89 -36.04 -15.17
CA PHE G 73 32.63 -36.44 -13.99
C PHE G 73 33.75 -37.37 -14.39
N ASP G 74 34.96 -37.05 -13.92
CA ASP G 74 36.12 -37.91 -14.14
C ASP G 74 36.35 -38.69 -12.84
N PRO G 75 35.99 -39.98 -12.78
CA PRO G 75 36.11 -40.72 -11.53
C PRO G 75 37.55 -40.99 -11.10
N VAL G 76 38.50 -40.98 -12.04
CA VAL G 76 39.88 -41.23 -11.65
C VAL G 76 40.48 -40.02 -10.96
N ARG G 77 40.20 -38.83 -11.51
CA ARG G 77 40.74 -37.58 -11.01
C ARG G 77 39.86 -36.93 -9.96
N ASP G 78 38.63 -37.44 -9.77
CA ASP G 78 37.65 -36.83 -8.89
C ASP G 78 37.47 -35.35 -9.26
N GLU G 79 37.27 -35.11 -10.57
CA GLU G 79 37.12 -33.75 -11.12
C GLU G 79 35.84 -33.66 -11.93
N VAL G 80 35.30 -32.44 -12.03
CA VAL G 80 34.13 -32.19 -12.87
C VAL G 80 34.53 -31.15 -13.91
N VAL G 81 33.85 -31.16 -15.05
CA VAL G 81 34.06 -30.16 -16.09
C VAL G 81 32.82 -29.26 -16.13
N LEU G 82 33.06 -27.96 -16.00
CA LEU G 82 32.03 -26.94 -15.99
C LEU G 82 32.19 -26.06 -17.23
N VAL G 83 31.10 -25.48 -17.67
CA VAL G 83 31.16 -24.52 -18.77
C VAL G 83 30.67 -23.18 -18.29
N GLU G 84 31.37 -22.12 -18.69
CA GLU G 84 31.04 -20.77 -18.30
C GLU G 84 30.53 -20.01 -19.53
N GLN G 85 29.37 -19.39 -19.39
CA GLN G 85 28.87 -18.51 -20.44
C GLN G 85 27.89 -17.54 -19.84
N ILE G 86 27.63 -16.45 -20.57
CA ILE G 86 26.70 -15.46 -20.07
C ILE G 86 25.27 -15.98 -20.19
N ARG G 87 24.50 -15.72 -19.13
CA ARG G 87 23.05 -15.96 -19.12
C ARG G 87 22.43 -14.65 -18.69
N ILE G 88 21.98 -13.84 -19.65
CA ILE G 88 21.61 -12.48 -19.31
C ILE G 88 20.46 -12.42 -18.30
N ALA G 89 19.61 -13.46 -18.24
CA ALA G 89 18.51 -13.45 -17.28
C ALA G 89 18.99 -13.42 -15.83
N ALA G 90 20.25 -13.81 -15.59
CA ALA G 90 20.82 -13.76 -14.26
C ALA G 90 21.22 -12.36 -13.83
N TYR G 91 21.22 -11.40 -14.75
CA TYR G 91 21.79 -10.08 -14.50
C TYR G 91 21.20 -9.43 -13.25
N ASP G 92 19.86 -9.40 -13.14
CA ASP G 92 19.24 -8.55 -12.13
C ASP G 92 19.43 -9.04 -10.70
N THR G 93 19.74 -10.32 -10.47
CA THR G 93 19.85 -10.85 -9.12
C THR G 93 21.21 -11.48 -8.83
N SER G 94 22.21 -11.29 -9.69
CA SER G 94 23.52 -11.92 -9.54
C SER G 94 24.61 -10.87 -9.64
N GLU G 95 25.77 -11.18 -9.04
CA GLU G 95 26.91 -10.28 -9.16
C GLU G 95 27.44 -10.23 -10.58
N SER G 96 27.38 -11.35 -11.30
CA SER G 96 27.76 -11.41 -12.71
C SER G 96 26.80 -12.34 -13.44
N PRO G 97 26.42 -12.00 -14.68
CA PRO G 97 25.60 -12.91 -15.48
C PRO G 97 26.38 -14.05 -16.12
N TRP G 98 27.70 -14.10 -16.01
CA TRP G 98 28.42 -15.29 -16.46
C TRP G 98 28.31 -16.37 -15.40
N LEU G 99 27.78 -17.53 -15.78
CA LEU G 99 27.49 -18.61 -14.85
C LEU G 99 28.36 -19.83 -15.18
N LEU G 100 28.70 -20.58 -14.13
CA LEU G 100 29.30 -21.91 -14.27
C LEU G 100 28.18 -22.94 -14.28
N GLU G 101 28.13 -23.76 -15.34
CA GLU G 101 26.98 -24.61 -15.58
C GLU G 101 27.37 -25.98 -16.07
N MET G 102 26.38 -26.86 -16.07
CA MET G 102 26.44 -28.15 -16.73
C MET G 102 26.22 -28.00 -18.23
N VAL G 103 26.82 -28.91 -18.99
CA VAL G 103 26.45 -29.11 -20.38
C VAL G 103 24.96 -29.39 -20.49
N ALA G 104 24.29 -28.76 -21.46
CA ALA G 104 22.86 -29.01 -21.63
C ALA G 104 22.41 -28.61 -23.04
N GLY G 105 21.26 -29.14 -23.44
CA GLY G 105 20.67 -28.76 -24.72
C GLY G 105 19.23 -29.21 -24.82
N MET G 106 18.50 -28.61 -25.77
CA MET G 106 17.09 -28.94 -25.92
C MET G 106 16.92 -30.31 -26.54
N ILE G 107 15.91 -31.04 -26.09
CA ILE G 107 15.56 -32.34 -26.64
C ILE G 107 14.55 -32.11 -27.77
N GLU G 108 14.94 -32.45 -28.99
CA GLU G 108 14.03 -32.35 -30.12
C GLU G 108 13.17 -33.60 -30.23
N ALA G 109 12.05 -33.47 -30.93
CA ALA G 109 11.12 -34.58 -31.09
C ALA G 109 11.85 -35.82 -31.61
N GLY G 110 11.68 -36.94 -30.89
CA GLY G 110 12.26 -38.20 -31.31
C GLY G 110 13.70 -38.40 -30.93
N GLU G 111 14.30 -37.49 -30.16
CA GLU G 111 15.62 -37.67 -29.60
C GLU G 111 15.51 -38.21 -28.19
N THR G 112 16.58 -38.86 -27.74
CA THR G 112 16.67 -39.33 -26.36
C THR G 112 17.53 -38.38 -25.54
N VAL G 113 17.29 -38.39 -24.23
CA VAL G 113 18.11 -37.62 -23.31
C VAL G 113 19.58 -37.98 -23.51
N GLU G 114 19.89 -39.28 -23.61
CA GLU G 114 21.29 -39.67 -23.68
C GLU G 114 21.95 -39.16 -24.96
N ASP G 115 21.24 -39.23 -26.10
CA ASP G 115 21.82 -38.76 -27.36
C ASP G 115 22.17 -37.28 -27.30
N VAL G 116 21.24 -36.48 -26.79
CA VAL G 116 21.45 -35.04 -26.68
C VAL G 116 22.59 -34.73 -25.71
N ALA G 117 22.62 -35.43 -24.57
CA ALA G 117 23.63 -35.14 -23.57
C ALA G 117 25.03 -35.40 -24.13
N ARG G 118 25.21 -36.52 -24.83
CA ARG G 118 26.52 -36.84 -25.39
C ARG G 118 26.89 -35.83 -26.47
N ARG G 119 25.92 -35.42 -27.28
CA ARG G 119 26.17 -34.44 -28.33
C ARG G 119 26.63 -33.11 -27.74
N GLU G 120 25.86 -32.59 -26.79
CA GLU G 120 26.21 -31.29 -26.21
C GLU G 120 27.56 -31.35 -25.53
N ALA G 121 27.87 -32.47 -24.87
CA ALA G 121 29.17 -32.60 -24.24
C ALA G 121 30.29 -32.47 -25.27
N LEU G 122 30.06 -32.95 -26.49
CA LEU G 122 31.03 -32.78 -27.57
C LEU G 122 31.01 -31.37 -28.12
N GLU G 123 29.82 -30.88 -28.52
CA GLU G 123 29.72 -29.56 -29.15
C GLU G 123 30.03 -28.43 -28.18
N GLU G 124 29.83 -28.65 -26.88
CA GLU G 124 29.86 -27.57 -25.91
C GLU G 124 31.13 -27.56 -25.08
N ALA G 125 31.95 -28.60 -25.12
CA ALA G 125 33.08 -28.72 -24.21
C ALA G 125 34.19 -29.61 -24.72
N GLY G 126 34.06 -30.15 -25.93
CA GLY G 126 35.10 -30.98 -26.50
C GLY G 126 35.30 -32.31 -25.81
N LEU G 127 34.26 -32.86 -25.20
CA LEU G 127 34.39 -34.04 -24.34
C LEU G 127 33.80 -35.27 -25.01
N GLU G 128 34.60 -36.33 -25.07
CA GLU G 128 34.10 -37.67 -25.39
C GLU G 128 33.57 -38.30 -24.10
N VAL G 129 32.34 -38.77 -24.13
CA VAL G 129 31.69 -39.35 -22.95
C VAL G 129 31.74 -40.86 -23.06
N GLY G 130 32.10 -41.52 -21.96
CA GLY G 130 32.04 -42.97 -21.90
C GLY G 130 30.69 -43.42 -21.37
N ARG G 131 30.69 -44.04 -20.18
CA ARG G 131 29.45 -44.50 -19.58
C ARG G 131 28.60 -43.32 -19.13
N THR G 132 27.29 -43.56 -19.01
CA THR G 132 26.38 -42.61 -18.41
C THR G 132 25.48 -43.32 -17.39
N LYS G 133 24.83 -42.53 -16.55
CA LYS G 133 23.87 -42.99 -15.57
C LYS G 133 22.90 -41.84 -15.34
N PRO G 134 21.60 -42.10 -15.24
CA PRO G 134 20.68 -41.03 -14.85
C PRO G 134 20.92 -40.55 -13.42
N ILE G 135 20.77 -39.25 -13.24
CA ILE G 135 20.81 -38.61 -11.93
C ILE G 135 19.35 -38.46 -11.50
N LEU G 136 18.68 -37.44 -12.06
CA LEU G 136 17.32 -37.04 -11.69
C LEU G 136 16.74 -36.26 -12.85
N SER G 137 15.42 -36.27 -12.95
CA SER G 137 14.70 -35.40 -13.89
C SER G 137 13.77 -34.49 -13.09
N TYR G 138 13.88 -33.18 -13.30
CA TYR G 138 13.17 -32.23 -12.45
C TYR G 138 12.47 -31.16 -13.28
N LEU G 139 11.41 -30.62 -12.68
CA LEU G 139 10.69 -29.45 -13.18
C LEU G 139 11.35 -28.18 -12.66
N ALA G 140 11.74 -27.29 -13.58
CA ALA G 140 12.54 -26.14 -13.15
C ALA G 140 11.77 -25.22 -12.23
N SER G 141 10.50 -24.99 -12.50
CA SER G 141 9.72 -24.03 -11.73
C SER G 141 8.26 -24.20 -12.16
N PRO G 142 7.60 -25.26 -11.68
CA PRO G 142 6.31 -25.65 -12.27
C PRO G 142 5.14 -24.73 -11.94
N GLY G 143 5.32 -23.70 -11.11
CA GLY G 143 4.25 -22.73 -10.95
C GLY G 143 4.09 -21.80 -12.13
N GLY G 144 5.07 -21.80 -13.04
CA GLY G 144 5.04 -20.85 -14.15
C GLY G 144 5.61 -21.35 -15.47
N THR G 145 6.39 -22.43 -15.48
CA THR G 145 6.93 -22.97 -16.72
C THR G 145 6.78 -24.48 -16.75
N SER G 146 6.56 -25.01 -17.95
CA SER G 146 6.49 -26.46 -18.14
C SER G 146 7.86 -27.14 -18.14
N GLU G 147 8.95 -26.37 -18.15
CA GLU G 147 10.25 -26.97 -18.48
C GLU G 147 10.64 -28.10 -17.55
N ARG G 148 10.99 -29.23 -18.15
CA ARG G 148 11.60 -30.37 -17.47
C ARG G 148 13.04 -30.52 -17.95
N LEU G 149 13.96 -30.79 -17.04
CA LEU G 149 15.36 -31.04 -17.37
C LEU G 149 15.77 -32.38 -16.80
N SER G 150 16.33 -33.25 -17.65
CA SER G 150 16.71 -34.61 -17.25
C SER G 150 18.24 -34.67 -17.21
N ILE G 151 18.79 -34.96 -16.03
CA ILE G 151 20.24 -34.91 -15.81
C ILE G 151 20.80 -36.32 -15.85
N LEU G 152 21.92 -36.48 -16.56
CA LEU G 152 22.74 -37.67 -16.53
C LEU G 152 24.12 -37.31 -15.99
N VAL G 153 24.80 -38.26 -15.37
CA VAL G 153 26.22 -38.11 -15.09
C VAL G 153 26.97 -38.85 -16.19
N GLY G 154 28.05 -38.27 -16.66
CA GLY G 154 28.82 -38.86 -17.75
C GLY G 154 30.29 -38.99 -17.43
N GLU G 155 30.84 -40.14 -17.79
CA GLU G 155 32.23 -40.48 -17.51
C GLU G 155 33.14 -39.82 -18.52
N VAL G 156 34.05 -38.96 -18.04
CA VAL G 156 34.95 -38.23 -18.92
C VAL G 156 36.37 -38.26 -18.36
N ASP G 157 37.33 -37.96 -19.24
CA ASP G 157 38.74 -37.75 -18.87
C ASP G 157 38.93 -36.23 -18.80
N ALA G 158 38.89 -35.68 -17.58
CA ALA G 158 38.93 -34.23 -17.42
C ALA G 158 40.20 -33.61 -17.98
N SER G 159 41.29 -34.36 -18.12
CA SER G 159 42.50 -33.75 -18.66
C SER G 159 42.40 -33.49 -20.16
N THR G 160 41.41 -34.05 -20.85
CA THR G 160 41.17 -33.75 -22.26
C THR G 160 40.30 -32.51 -22.48
N ALA G 161 39.73 -31.95 -21.42
CA ALA G 161 38.74 -30.88 -21.55
C ALA G 161 39.42 -29.58 -21.94
N LYS G 162 39.06 -29.03 -23.10
CA LYS G 162 39.72 -27.86 -23.65
C LYS G 162 38.76 -26.80 -24.15
N GLY G 163 37.68 -27.19 -24.82
CA GLY G 163 36.73 -26.23 -25.37
C GLY G 163 35.96 -26.75 -26.58
N GLU G 172 27.92 -18.08 -29.80
CA GLU G 172 27.88 -18.69 -28.47
C GLU G 172 29.30 -18.89 -27.93
N ASP G 173 29.58 -18.19 -26.83
CA ASP G 173 30.94 -17.99 -26.33
C ASP G 173 31.06 -18.70 -24.99
N ILE G 174 31.79 -19.82 -24.96
CA ILE G 174 31.82 -20.68 -23.79
C ILE G 174 33.26 -20.96 -23.41
N ARG G 175 33.53 -20.96 -22.09
CA ARG G 175 34.83 -21.31 -21.58
C ARG G 175 34.71 -22.55 -20.69
N VAL G 176 35.64 -23.48 -20.87
CA VAL G 176 35.62 -24.76 -20.17
C VAL G 176 36.52 -24.67 -18.94
N HIS G 177 36.00 -25.10 -17.79
CA HIS G 177 36.71 -25.14 -16.53
C HIS G 177 36.79 -26.59 -16.04
N VAL G 178 37.95 -26.96 -15.51
CA VAL G 178 38.07 -28.23 -14.80
C VAL G 178 38.36 -27.92 -13.34
N VAL G 179 37.60 -28.54 -12.44
CA VAL G 179 37.81 -28.32 -11.01
C VAL G 179 37.53 -29.62 -10.29
N SER G 180 38.20 -29.80 -9.16
CA SER G 180 37.90 -30.93 -8.30
C SER G 180 36.44 -30.90 -7.89
N ARG G 181 35.89 -32.10 -7.70
CA ARG G 181 34.55 -32.22 -7.14
C ARG G 181 34.44 -31.43 -5.84
N GLU G 182 35.43 -31.55 -4.95
CA GLU G 182 35.33 -30.84 -3.67
C GLU G 182 35.21 -29.33 -3.87
N GLN G 183 36.01 -28.77 -4.78
CA GLN G 183 35.92 -27.33 -5.04
C GLN G 183 34.57 -26.96 -5.64
N ALA G 184 34.10 -27.76 -6.60
CA ALA G 184 32.80 -27.45 -7.21
C ALA G 184 31.68 -27.48 -6.18
N TYR G 185 31.71 -28.47 -5.28
CA TYR G 185 30.65 -28.52 -4.28
C TYR G 185 30.80 -27.36 -3.28
N GLN G 186 32.03 -27.01 -2.90
CA GLN G 186 32.23 -25.83 -2.06
C GLN G 186 31.64 -24.59 -2.71
N TRP G 187 31.78 -24.47 -4.03
CA TRP G 187 31.21 -23.33 -4.72
C TRP G 187 29.68 -23.34 -4.70
N VAL G 188 29.05 -24.52 -4.68
CA VAL G 188 27.61 -24.56 -4.44
C VAL G 188 27.29 -24.01 -3.05
N GLU G 189 28.00 -24.53 -2.02
CA GLU G 189 27.78 -24.04 -0.66
C GLU G 189 27.94 -22.53 -0.56
N GLU G 190 28.92 -21.96 -1.27
CA GLU G 190 29.26 -20.55 -1.18
C GLU G 190 28.39 -19.66 -2.07
N GLY G 191 27.63 -20.25 -3.00
CA GLY G 191 26.77 -19.50 -3.89
C GLY G 191 27.44 -19.09 -5.19
N LYS G 192 28.66 -19.53 -5.44
CA LYS G 192 29.35 -19.26 -6.68
C LYS G 192 28.81 -20.11 -7.83
N ILE G 193 28.20 -21.25 -7.52
CA ILE G 193 27.43 -22.06 -8.46
C ILE G 193 26.01 -22.08 -7.91
N ASP G 194 25.08 -21.45 -8.65
CA ASP G 194 23.74 -21.25 -8.09
C ASP G 194 22.65 -21.31 -9.16
N ASN G 195 22.82 -22.15 -10.18
CA ASN G 195 21.75 -22.48 -11.10
C ASN G 195 21.26 -23.88 -10.79
N ALA G 196 19.95 -24.09 -10.94
CA ALA G 196 19.32 -25.32 -10.48
C ALA G 196 20.02 -26.56 -11.02
N ALA G 197 20.26 -26.61 -12.33
CA ALA G 197 20.79 -27.85 -12.90
C ALA G 197 22.12 -28.22 -12.25
N SER G 198 23.01 -27.25 -12.06
CA SER G 198 24.32 -27.54 -11.50
C SER G 198 24.25 -27.83 -10.01
N VAL G 199 23.38 -27.11 -9.31
CA VAL G 199 23.20 -27.37 -7.88
C VAL G 199 22.70 -28.79 -7.67
N ILE G 200 21.66 -29.17 -8.40
CA ILE G 200 21.09 -30.50 -8.23
C ILE G 200 22.11 -31.57 -8.59
N ALA G 201 22.80 -31.39 -9.71
CA ALA G 201 23.77 -32.41 -10.14
C ALA G 201 24.93 -32.54 -9.16
N LEU G 202 25.44 -31.42 -8.65
CA LEU G 202 26.59 -31.48 -7.76
C LEU G 202 26.19 -31.93 -6.35
N GLN G 203 25.00 -31.59 -5.87
CA GLN G 203 24.56 -32.18 -4.61
CA GLN G 203 24.50 -32.18 -4.63
C GLN G 203 24.41 -33.69 -4.75
N TRP G 204 23.83 -34.16 -5.86
CA TRP G 204 23.73 -35.59 -6.09
C TRP G 204 25.12 -36.22 -6.12
N LEU G 205 26.07 -35.58 -6.80
CA LEU G 205 27.42 -36.14 -6.82
C LEU G 205 28.01 -36.22 -5.43
N GLN G 206 27.74 -35.22 -4.58
CA GLN G 206 28.29 -35.25 -3.24
C GLN G 206 27.70 -36.39 -2.42
N LEU G 207 26.46 -36.80 -2.74
CA LEU G 207 25.80 -37.89 -2.07
C LEU G 207 26.18 -39.26 -2.64
N HIS G 208 26.69 -39.31 -3.87
CA HIS G 208 26.89 -40.57 -4.56
C HIS G 208 28.29 -40.81 -5.13
N TYR G 209 29.24 -39.89 -4.93
CA TYR G 209 30.52 -40.05 -5.63
C TYR G 209 31.30 -41.28 -5.17
N HIS G 210 31.20 -41.66 -3.90
CA HIS G 210 31.92 -42.85 -3.44
C HIS G 210 31.50 -44.08 -4.25
N ASN G 211 30.19 -44.31 -4.35
CA ASN G 211 29.71 -45.48 -5.10
C ASN G 211 30.04 -45.34 -6.58
N LEU G 212 29.93 -44.13 -7.12
CA LEU G 212 30.15 -43.92 -8.54
C LEU G 212 31.62 -44.15 -8.91
N ARG G 213 32.55 -43.66 -8.10
CA ARG G 213 33.96 -43.91 -8.37
C ARG G 213 34.25 -45.40 -8.34
N ASN G 214 33.60 -46.13 -7.45
CA ASN G 214 33.83 -47.56 -7.39
C ASN G 214 33.20 -48.27 -8.60
N GLU G 215 32.00 -47.88 -9.00
CA GLU G 215 31.39 -48.55 -10.15
C GLU G 215 32.22 -48.32 -11.41
N TRP G 216 32.80 -47.12 -11.56
CA TRP G 216 33.44 -46.73 -12.80
C TRP G 216 34.95 -46.93 -12.82
N THR G 217 35.57 -47.34 -11.71
CA THR G 217 36.96 -47.73 -11.71
C THR G 217 37.13 -49.21 -11.41
N LYS G 218 36.05 -49.92 -11.12
CA LYS G 218 36.05 -51.37 -11.02
C LYS G 218 35.94 -51.96 -12.42
N GLN H 15 26.85 20.59 -2.28
CA GLN H 15 26.45 20.57 -0.88
C GLN H 15 25.65 19.31 -0.55
N GLY H 16 25.85 18.79 0.65
CA GLY H 16 25.14 17.61 1.08
C GLY H 16 25.77 16.33 0.55
N ILE H 17 25.06 15.22 0.75
CA ILE H 17 25.61 13.91 0.38
C ILE H 17 25.72 13.81 -1.14
N THR H 18 26.60 12.90 -1.58
CA THR H 18 26.87 12.72 -3.00
C THR H 18 26.28 11.46 -3.60
N PHE H 19 26.00 10.43 -2.80
CA PHE H 19 25.66 9.11 -3.30
C PHE H 19 24.22 8.74 -2.99
N SER H 20 23.64 7.91 -3.86
CA SER H 20 22.26 7.43 -3.77
C SER H 20 22.25 5.91 -3.59
N LYS H 21 21.05 5.32 -3.66
CA LYS H 21 20.95 3.86 -3.62
C LYS H 21 21.56 3.20 -4.85
N ASN H 22 21.64 3.91 -5.98
CA ASN H 22 22.34 3.38 -7.15
C ASN H 22 23.79 3.07 -6.83
N ASP H 23 24.33 3.63 -5.75
CA ASP H 23 25.74 3.54 -5.42
C ASP H 23 26.00 2.46 -4.38
N VAL H 24 24.96 1.71 -3.98
CA VAL H 24 25.06 0.61 -3.04
C VAL H 24 24.55 -0.66 -3.71
N GLU H 25 25.26 -1.76 -3.50
CA GLU H 25 24.84 -3.08 -3.93
C GLU H 25 24.69 -3.94 -2.68
N ILE H 26 23.46 -4.25 -2.30
CA ILE H 26 23.21 -5.18 -1.21
C ILE H 26 23.23 -6.59 -1.81
N ILE H 27 24.17 -7.40 -1.34
CA ILE H 27 24.43 -8.70 -1.95
C ILE H 27 23.56 -9.78 -1.33
N ALA H 28 23.40 -9.75 -0.02
CA ALA H 28 22.61 -10.76 0.69
C ALA H 28 22.17 -10.18 2.01
N ARG H 29 21.05 -10.69 2.52
CA ARG H 29 20.60 -10.44 3.89
C ARG H 29 20.29 -11.78 4.55
N GLU H 30 20.68 -11.91 5.81
CA GLU H 30 20.48 -13.16 6.54
C GLU H 30 20.02 -12.82 7.94
N THR H 31 19.10 -13.61 8.47
CA THR H 31 18.62 -13.38 9.83
C THR H 31 19.48 -14.22 10.78
N LEU H 32 20.19 -13.55 11.68
CA LEU H 32 21.05 -14.20 12.67
C LEU H 32 20.28 -14.65 13.89
N TYR H 33 19.28 -13.88 14.28
CA TYR H 33 18.40 -14.20 15.39
C TYR H 33 17.02 -13.68 15.04
N ARG H 34 15.99 -14.50 15.24
CA ARG H 34 14.62 -14.05 15.08
C ARG H 34 13.80 -14.48 16.31
N GLY H 35 13.18 -13.50 16.96
CA GLY H 35 12.18 -13.76 17.96
C GLY H 35 11.01 -12.83 17.77
N PHE H 36 10.75 -11.98 18.76
CA PHE H 36 9.83 -10.87 18.54
C PHE H 36 10.43 -9.88 17.57
N PHE H 37 11.70 -9.59 17.76
CA PHE H 37 12.49 -8.76 16.88
C PHE H 37 13.47 -9.65 16.11
N SER H 38 14.24 -9.02 15.24
CA SER H 38 15.22 -9.70 14.40
C SER H 38 16.56 -8.99 14.45
N LEU H 39 17.62 -9.79 14.39
CA LEU H 39 18.97 -9.30 14.12
C LEU H 39 19.38 -9.85 12.77
N ASP H 40 19.65 -8.96 11.83
CA ASP H 40 19.98 -9.35 10.46
C ASP H 40 21.40 -8.97 10.12
N LEU H 41 21.98 -9.70 9.19
CA LEU H 41 23.31 -9.41 8.65
C LEU H 41 23.13 -8.95 7.22
N TYR H 42 23.59 -7.73 6.93
CA TYR H 42 23.61 -7.20 5.57
C TYR H 42 25.00 -7.45 4.99
N ARG H 43 25.05 -7.98 3.77
CA ARG H 43 26.29 -8.13 3.00
C ARG H 43 26.18 -7.18 1.81
N PHE H 44 27.13 -6.27 1.67
CA PHE H 44 26.97 -5.22 0.66
C PHE H 44 28.31 -4.66 0.22
N ARG H 45 28.26 -3.98 -0.92
CA ARG H 45 29.39 -3.24 -1.46
C ARG H 45 28.91 -1.82 -1.79
N HIS H 46 29.80 -0.84 -1.70
CA HIS H 46 29.36 0.53 -1.88
C HIS H 46 30.51 1.37 -2.43
N ARG H 47 30.13 2.47 -3.06
CA ARG H 47 31.14 3.39 -3.63
C ARG H 47 31.90 4.16 -2.56
N LEU H 48 33.14 4.50 -2.83
CA LEU H 48 34.00 5.27 -1.95
C LEU H 48 34.05 6.71 -2.46
N PHE H 49 34.27 7.65 -1.53
CA PHE H 49 34.30 9.06 -1.91
C PHE H 49 35.43 9.35 -2.90
N ASN H 50 36.60 8.72 -2.71
CA ASN H 50 37.73 8.96 -3.61
C ASN H 50 37.57 8.27 -4.96
N GLY H 51 36.39 7.75 -5.22
CA GLY H 51 36.18 6.84 -6.30
C GLY H 51 36.56 5.43 -5.92
N GLY H 52 36.10 4.48 -6.72
CA GLY H 52 36.29 3.08 -6.43
C GLY H 52 35.10 2.48 -5.71
N MET H 53 35.13 1.15 -5.61
CA MET H 53 34.14 0.38 -4.88
C MET H 53 34.80 -0.29 -3.69
N SER H 54 34.07 -0.33 -2.57
CA SER H 54 34.55 -1.05 -1.41
C SER H 54 34.65 -2.54 -1.71
N GLY H 55 35.33 -3.26 -0.83
CA GLY H 55 35.20 -4.70 -0.80
C GLY H 55 33.85 -5.07 -0.20
N GLU H 56 33.63 -6.37 -0.08
CA GLU H 56 32.40 -6.82 0.56
C GLU H 56 32.43 -6.47 2.04
N ILE H 57 31.37 -5.80 2.50
CA ILE H 57 31.20 -5.36 3.87
C ILE H 57 30.06 -6.17 4.48
N THR H 58 30.17 -6.50 5.75
CA THR H 58 29.03 -7.04 6.49
C THR H 58 28.74 -6.16 7.70
N ARG H 59 27.46 -5.99 7.99
CA ARG H 59 27.01 -5.27 9.16
C ARG H 59 25.82 -5.97 9.80
N GLU H 60 25.79 -5.97 11.12
CA GLU H 60 24.64 -6.46 11.86
C GLU H 60 23.65 -5.31 12.06
N ILE H 61 22.37 -5.60 11.89
CA ILE H 61 21.32 -4.58 11.97
C ILE H 61 20.16 -5.10 12.83
N PHE H 62 19.83 -4.36 13.89
CA PHE H 62 18.68 -4.67 14.72
C PHE H 62 17.43 -4.23 13.99
N GLU H 63 16.54 -5.18 13.70
CA GLU H 63 15.32 -4.95 12.94
CA GLU H 63 15.32 -4.94 12.93
C GLU H 63 14.12 -5.09 13.86
N ARG H 64 13.39 -4.00 14.07
CA ARG H 64 12.20 -4.04 14.92
C ARG H 64 11.04 -3.26 14.29
N GLY H 65 11.05 -3.07 12.99
CA GLY H 65 10.00 -2.31 12.36
C GLY H 65 10.16 -0.82 12.66
N HIS H 66 9.09 -0.08 12.39
CA HIS H 66 9.11 1.39 12.42
C HIS H 66 7.88 1.90 13.14
N ALA H 67 7.99 3.13 13.64
CA ALA H 67 7.04 3.64 14.62
C ALA H 67 6.44 4.98 14.20
N ALA H 68 5.21 5.18 14.68
CA ALA H 68 4.54 6.48 14.66
C ALA H 68 4.54 7.03 16.06
N VAL H 69 4.84 8.33 16.21
CA VAL H 69 4.91 9.00 17.51
C VAL H 69 4.02 10.22 17.47
N LEU H 70 3.30 10.48 18.58
CA LEU H 70 2.43 11.66 18.66
C LEU H 70 2.78 12.47 19.89
N LEU H 71 3.11 13.76 19.67
CA LEU H 71 3.23 14.73 20.75
C LEU H 71 1.85 15.32 21.00
N PRO H 72 1.15 14.98 22.08
CA PRO H 72 -0.16 15.58 22.35
C PRO H 72 0.00 16.96 22.96
N PHE H 73 -0.42 17.98 22.21
CA PHE H 73 -0.22 19.36 22.60
C PHE H 73 -1.57 20.06 22.63
N ASP H 74 -1.85 20.72 23.75
CA ASP H 74 -3.04 21.56 23.92
C ASP H 74 -2.61 23.01 23.73
N PRO H 75 -2.87 23.62 22.58
CA PRO H 75 -2.35 24.97 22.35
C PRO H 75 -3.00 26.04 23.22
N VAL H 76 -4.25 25.84 23.66
CA VAL H 76 -4.91 26.85 24.49
C VAL H 76 -4.32 26.86 25.89
N ARG H 77 -4.16 25.69 26.48
CA ARG H 77 -3.59 25.60 27.81
C ARG H 77 -2.06 25.59 27.81
N ASP H 78 -1.43 25.46 26.64
CA ASP H 78 0.03 25.35 26.54
C ASP H 78 0.54 24.19 27.40
N GLU H 79 -0.08 23.03 27.23
CA GLU H 79 0.23 21.84 28.00
C GLU H 79 0.51 20.68 27.06
N VAL H 80 1.26 19.71 27.56
CA VAL H 80 1.54 18.48 26.85
C VAL H 80 1.06 17.34 27.72
N VAL H 81 0.69 16.26 27.07
CA VAL H 81 0.30 15.03 27.74
C VAL H 81 1.44 14.03 27.56
N LEU H 82 1.94 13.49 28.67
CA LEU H 82 3.02 12.50 28.68
C LEU H 82 2.46 11.19 29.21
N VAL H 83 3.07 10.08 28.79
CA VAL H 83 2.69 8.78 29.31
C VAL H 83 3.89 8.18 30.01
N GLU H 84 3.65 7.56 31.15
CA GLU H 84 4.70 6.95 31.95
C GLU H 84 4.52 5.44 31.96
N GLN H 85 5.59 4.71 31.64
CA GLN H 85 5.58 3.26 31.77
C GLN H 85 7.01 2.75 31.83
N ILE H 86 7.15 1.49 32.20
CA ILE H 86 8.50 0.97 32.36
C ILE H 86 9.05 0.60 31.00
N ARG H 87 10.33 0.92 30.79
CA ARG H 87 11.10 0.52 29.60
C ARG H 87 12.35 -0.13 30.16
N ILE H 88 12.34 -1.46 30.27
CA ILE H 88 13.39 -2.12 31.04
C ILE H 88 14.79 -1.87 30.46
N ALA H 89 14.92 -1.62 29.15
CA ALA H 89 16.25 -1.38 28.57
C ALA H 89 16.92 -0.13 29.13
N ALA H 90 16.14 0.78 29.74
CA ALA H 90 16.71 1.95 30.39
C ALA H 90 17.42 1.64 31.70
N TYR H 91 17.23 0.43 32.23
CA TYR H 91 17.65 0.10 33.59
C TYR H 91 19.12 0.40 33.84
N ASP H 92 20.01 -0.06 32.96
CA ASP H 92 21.43 -0.03 33.29
C ASP H 92 22.03 1.38 33.30
N THR H 93 21.38 2.38 32.70
CA THR H 93 22.00 3.69 32.58
C THR H 93 21.11 4.81 33.13
N SER H 94 20.03 4.47 33.82
CA SER H 94 19.06 5.46 34.31
C SER H 94 18.81 5.21 35.80
N GLU H 95 18.43 6.26 36.50
CA GLU H 95 18.06 6.10 37.91
C GLU H 95 16.79 5.26 38.05
N SER H 96 15.86 5.38 37.10
CA SER H 96 14.64 4.56 37.07
C SER H 96 14.31 4.14 35.65
N PRO H 97 13.82 2.91 35.45
CA PRO H 97 13.40 2.51 34.10
C PRO H 97 11.99 2.96 33.72
N TRP H 98 11.26 3.62 34.61
CA TRP H 98 9.99 4.23 34.24
C TRP H 98 10.29 5.56 33.57
N LEU H 99 9.83 5.70 32.34
CA LEU H 99 10.13 6.87 31.52
C LEU H 99 8.87 7.66 31.23
N LEU H 100 9.04 8.97 31.04
CA LEU H 100 7.99 9.85 30.54
C LEU H 100 8.17 10.00 29.03
N GLU H 101 7.13 9.66 28.27
CA GLU H 101 7.27 9.47 26.83
C GLU H 101 6.08 10.04 26.06
N MET H 102 6.32 10.22 24.76
CA MET H 102 5.26 10.44 23.80
C MET H 102 4.49 9.17 23.51
N VAL H 103 3.22 9.33 23.15
CA VAL H 103 2.45 8.23 22.60
C VAL H 103 3.14 7.68 21.36
N ALA H 104 3.15 6.37 21.21
CA ALA H 104 3.83 5.78 20.06
C ALA H 104 3.31 4.36 19.80
N GLY H 105 3.42 3.95 18.54
CA GLY H 105 3.00 2.62 18.16
C GLY H 105 3.70 2.17 16.92
N MET H 106 3.81 0.84 16.77
CA MET H 106 4.35 0.23 15.57
C MET H 106 3.43 0.46 14.37
N ILE H 107 4.03 0.73 13.21
CA ILE H 107 3.29 0.88 11.95
C ILE H 107 3.22 -0.48 11.27
N GLU H 108 2.00 -0.99 11.06
CA GLU H 108 1.81 -2.23 10.32
C GLU H 108 1.73 -1.94 8.82
N ALA H 109 1.76 -3.01 8.03
CA ALA H 109 1.75 -2.86 6.58
C ALA H 109 0.47 -2.18 6.12
N GLY H 110 0.62 -1.12 5.32
CA GLY H 110 -0.50 -0.41 4.77
C GLY H 110 -1.01 0.74 5.63
N GLU H 111 -0.74 0.72 6.93
CA GLU H 111 -1.20 1.80 7.80
C GLU H 111 -0.37 3.05 7.57
N THR H 112 -1.00 4.19 7.76
CA THR H 112 -0.31 5.46 7.68
C THR H 112 0.13 5.91 9.08
N VAL H 113 1.13 6.78 9.10
CA VAL H 113 1.60 7.31 10.38
C VAL H 113 0.44 7.94 11.13
N GLU H 114 -0.38 8.72 10.44
CA GLU H 114 -1.46 9.43 11.11
C GLU H 114 -2.47 8.46 11.70
N ASP H 115 -2.83 7.41 10.94
CA ASP H 115 -3.74 6.39 11.48
C ASP H 115 -3.23 5.86 12.81
N VAL H 116 -1.97 5.42 12.84
CA VAL H 116 -1.43 4.81 14.04
C VAL H 116 -1.35 5.82 15.18
N ALA H 117 -0.90 7.04 14.87
CA ALA H 117 -0.73 8.04 15.92
C ALA H 117 -2.05 8.38 16.60
N ARG H 118 -3.12 8.52 15.82
CA ARG H 118 -4.43 8.80 16.42
C ARG H 118 -4.94 7.62 17.24
N ARG H 119 -4.73 6.41 16.75
CA ARG H 119 -5.20 5.23 17.48
C ARG H 119 -4.46 5.08 18.80
N GLU H 120 -3.14 5.24 18.79
CA GLU H 120 -2.37 5.04 20.01
C GLU H 120 -2.65 6.13 21.03
N ALA H 121 -2.98 7.34 20.57
CA ALA H 121 -3.32 8.38 21.52
C ALA H 121 -4.60 8.03 22.26
N LEU H 122 -5.54 7.37 21.59
CA LEU H 122 -6.77 6.93 22.24
C LEU H 122 -6.53 5.73 23.14
N GLU H 123 -5.85 4.70 22.62
CA GLU H 123 -5.56 3.51 23.43
C GLU H 123 -4.59 3.84 24.56
N GLU H 124 -3.45 4.47 24.21
CA GLU H 124 -2.36 4.59 25.18
C GLU H 124 -2.66 5.63 26.26
N ALA H 125 -3.53 6.60 25.95
CA ALA H 125 -3.77 7.68 26.91
C ALA H 125 -5.19 8.21 26.89
N GLY H 126 -6.12 7.55 26.22
CA GLY H 126 -7.50 7.99 26.19
C GLY H 126 -7.71 9.41 25.71
N LEU H 127 -7.01 9.79 24.63
CA LEU H 127 -7.07 11.14 24.09
C LEU H 127 -7.70 11.12 22.70
N GLU H 128 -8.70 11.99 22.51
CA GLU H 128 -9.18 12.29 21.17
C GLU H 128 -8.27 13.37 20.57
N VAL H 129 -7.91 13.18 19.31
CA VAL H 129 -6.97 14.08 18.62
C VAL H 129 -7.72 14.86 17.55
N GLY H 130 -7.44 16.17 17.49
CA GLY H 130 -8.02 17.00 16.46
C GLY H 130 -7.12 17.05 15.24
N ARG H 131 -6.59 18.22 14.93
CA ARG H 131 -5.65 18.33 13.81
C ARG H 131 -4.30 17.72 14.19
N THR H 132 -3.56 17.32 13.17
CA THR H 132 -2.19 16.87 13.32
C THR H 132 -1.30 17.60 12.32
N LYS H 133 -0.02 17.68 12.64
CA LYS H 133 0.97 18.28 11.77
C LYS H 133 2.23 17.43 11.90
N PRO H 134 2.92 17.14 10.79
CA PRO H 134 4.21 16.45 10.90
C PRO H 134 5.22 17.33 11.64
N ILE H 135 6.03 16.68 12.48
CA ILE H 135 7.16 17.31 13.14
C ILE H 135 8.42 16.94 12.34
N LEU H 136 8.88 15.71 12.52
CA LEU H 136 10.13 15.21 11.96
C LEU H 136 10.04 13.70 11.95
N SER H 137 10.74 13.08 11.01
CA SER H 137 10.93 11.63 10.97
C SER H 137 12.41 11.34 11.10
N TYR H 138 12.79 10.47 12.04
CA TYR H 138 14.20 10.27 12.33
C TYR H 138 14.57 8.80 12.49
N LEU H 139 15.84 8.53 12.23
CA LEU H 139 16.44 7.23 12.49
C LEU H 139 16.98 7.23 13.91
N ALA H 140 16.54 6.26 14.71
CA ALA H 140 16.89 6.26 16.13
C ALA H 140 18.39 6.12 16.36
N SER H 141 19.02 5.22 15.62
CA SER H 141 20.44 4.95 15.84
C SER H 141 20.98 4.12 14.68
N PRO H 142 21.21 4.76 13.53
CA PRO H 142 21.39 3.99 12.29
C PRO H 142 22.73 3.29 12.13
N GLY H 143 23.64 3.42 13.09
CA GLY H 143 24.81 2.57 13.05
C GLY H 143 24.53 1.14 13.44
N GLY H 144 23.35 0.89 14.01
CA GLY H 144 23.06 -0.42 14.54
C GLY H 144 21.64 -0.90 14.36
N THR H 145 20.68 0.00 14.16
CA THR H 145 19.28 -0.39 13.97
C THR H 145 18.68 0.37 12.80
N SER H 146 17.76 -0.29 12.11
CA SER H 146 17.05 0.31 10.99
C SER H 146 15.90 1.21 11.44
N GLU H 147 15.61 1.24 12.73
CA GLU H 147 14.33 1.80 13.19
C GLU H 147 14.19 3.27 12.84
N ARG H 148 13.06 3.60 12.23
CA ARG H 148 12.67 4.97 11.94
C ARG H 148 11.40 5.27 12.71
N LEU H 149 11.32 6.50 13.25
CA LEU H 149 10.17 6.96 14.01
C LEU H 149 9.70 8.27 13.39
N SER H 150 8.42 8.34 13.06
CA SER H 150 7.86 9.54 12.45
C SER H 150 6.96 10.22 13.46
N ILE H 151 7.29 11.47 13.80
CA ILE H 151 6.60 12.20 14.85
C ILE H 151 5.61 13.17 14.22
N LEU H 152 4.39 13.17 14.76
CA LEU H 152 3.40 14.20 14.51
C LEU H 152 3.13 14.93 15.82
N VAL H 153 2.68 16.16 15.72
CA VAL H 153 2.08 16.85 16.85
C VAL H 153 0.56 16.78 16.67
N GLY H 154 -0.14 16.50 17.75
CA GLY H 154 -1.58 16.33 17.71
C GLY H 154 -2.29 17.27 18.66
N GLU H 155 -3.34 17.90 18.15
CA GLU H 155 -4.12 18.86 18.92
C GLU H 155 -5.03 18.12 19.91
N VAL H 156 -4.86 18.41 21.20
CA VAL H 156 -5.67 17.74 22.21
C VAL H 156 -6.21 18.75 23.21
N ASP H 157 -7.29 18.35 23.89
CA ASP H 157 -7.79 19.04 25.07
C ASP H 157 -7.18 18.34 26.28
N ALA H 158 -6.15 18.94 26.87
CA ALA H 158 -5.44 18.25 27.94
C ALA H 158 -6.29 18.07 29.19
N SER H 159 -7.34 18.87 29.36
CA SER H 159 -8.21 18.70 30.52
C SER H 159 -8.95 17.36 30.50
N THR H 160 -8.96 16.65 29.37
CA THR H 160 -9.62 15.36 29.26
C THR H 160 -8.68 14.17 29.49
N ALA H 161 -7.41 14.40 29.85
CA ALA H 161 -6.41 13.35 29.90
C ALA H 161 -6.19 12.86 31.33
N LYS H 162 -6.42 11.57 31.57
CA LYS H 162 -6.20 10.98 32.89
C LYS H 162 -6.20 9.47 32.74
N GLY H 163 -5.93 8.79 33.86
CA GLY H 163 -6.17 7.37 33.99
C GLY H 163 -4.90 6.53 33.85
N ILE H 164 -5.08 5.26 34.22
CA ILE H 164 -4.12 4.19 33.92
C ILE H 164 -4.58 3.51 32.62
N HIS H 165 -3.63 3.27 31.73
CA HIS H 165 -3.95 2.67 30.43
C HIS H 165 -2.95 1.59 30.06
N GLU H 172 0.64 -4.21 29.61
CA GLU H 172 1.08 -2.82 29.66
C GLU H 172 0.38 -2.02 30.77
N ASP H 173 1.16 -1.21 31.48
CA ASP H 173 0.72 -0.48 32.68
C ASP H 173 1.19 0.96 32.51
N ILE H 174 0.26 1.86 32.18
CA ILE H 174 0.60 3.21 31.71
C ILE H 174 -0.12 4.23 32.59
N ARG H 175 0.57 5.30 32.93
CA ARG H 175 -0.01 6.43 33.65
C ARG H 175 0.13 7.70 32.83
N VAL H 176 -0.95 8.47 32.78
CA VAL H 176 -1.00 9.69 32.00
C VAL H 176 -0.68 10.88 32.91
N HIS H 177 0.19 11.76 32.42
CA HIS H 177 0.57 13.00 33.07
C HIS H 177 0.24 14.18 32.16
N VAL H 178 -0.24 15.26 32.75
CA VAL H 178 -0.41 16.54 32.05
C VAL H 178 0.54 17.52 32.72
N VAL H 179 1.38 18.19 31.92
CA VAL H 179 2.27 19.20 32.44
C VAL H 179 2.32 20.34 31.44
N SER H 180 2.68 21.50 31.94
CA SER H 180 2.86 22.65 31.06
C SER H 180 3.96 22.36 30.06
N ARG H 181 3.86 22.98 28.88
CA ARG H 181 4.97 22.88 27.94
C ARG H 181 6.28 23.32 28.60
N GLU H 182 6.26 24.42 29.34
CA GLU H 182 7.50 24.92 29.92
C GLU H 182 8.09 23.90 30.89
N GLN H 183 7.25 23.26 31.72
CA GLN H 183 7.77 22.23 32.63
C GLN H 183 8.34 21.05 31.85
N ALA H 184 7.64 20.61 30.81
CA ALA H 184 8.15 19.47 30.04
C ALA H 184 9.51 19.78 29.42
N TYR H 185 9.69 20.99 28.88
CA TYR H 185 10.96 21.33 28.27
C TYR H 185 12.05 21.45 29.33
N GLN H 186 11.73 22.02 30.50
CA GLN H 186 12.73 22.06 31.58
C GLN H 186 13.14 20.66 32.00
N TRP H 187 12.24 19.69 31.91
CA TRP H 187 12.61 18.32 32.24
C TRP H 187 13.54 17.72 31.20
N VAL H 188 13.43 18.15 29.94
CA VAL H 188 14.43 17.76 28.95
C VAL H 188 15.78 18.34 29.31
N GLU H 189 15.79 19.65 29.67
CA GLU H 189 17.05 20.29 30.03
C GLU H 189 17.69 19.62 31.23
N GLU H 190 16.89 19.18 32.19
CA GLU H 190 17.39 18.57 33.42
C GLU H 190 17.69 17.09 33.29
N GLY H 191 17.35 16.46 32.17
CA GLY H 191 17.57 15.05 31.99
C GLY H 191 16.47 14.16 32.52
N LYS H 192 15.38 14.73 33.03
CA LYS H 192 14.27 13.91 33.52
C LYS H 192 13.45 13.32 32.39
N ILE H 193 13.43 13.96 31.23
CA ILE H 193 12.94 13.36 29.99
C ILE H 193 14.16 13.20 29.11
N ASP H 194 14.50 11.96 28.76
CA ASP H 194 15.75 11.71 28.05
C ASP H 194 15.66 10.52 27.10
N ASN H 195 14.49 10.29 26.50
CA ASN H 195 14.37 9.35 25.40
C ASN H 195 14.26 10.16 24.12
N ALA H 196 14.84 9.63 23.05
CA ALA H 196 15.01 10.40 21.81
C ALA H 196 13.70 11.00 21.30
N ALA H 197 12.64 10.19 21.24
CA ALA H 197 11.39 10.68 20.64
C ALA H 197 10.85 11.89 21.38
N SER H 198 10.90 11.84 22.72
CA SER H 198 10.38 12.94 23.54
C SER H 198 11.27 14.16 23.48
N VAL H 199 12.58 13.95 23.51
CA VAL H 199 13.52 15.07 23.41
C VAL H 199 13.34 15.79 22.09
N ILE H 200 13.29 15.04 20.98
CA ILE H 200 13.16 15.65 19.67
C ILE H 200 11.85 16.39 19.54
N ALA H 201 10.76 15.76 20.03
CA ALA H 201 9.45 16.38 19.93
C ALA H 201 9.36 17.65 20.76
N LEU H 202 9.88 17.63 21.98
CA LEU H 202 9.77 18.79 22.85
C LEU H 202 10.73 19.90 22.46
N GLN H 203 11.91 19.58 21.92
CA GLN H 203 12.75 20.64 21.37
CA GLN H 203 12.77 20.61 21.34
C GLN H 203 12.06 21.29 20.17
N TRP H 204 11.45 20.47 19.30
CA TRP H 204 10.74 21.05 18.17
C TRP H 204 9.61 21.95 18.66
N LEU H 205 8.90 21.51 19.70
CA LEU H 205 7.80 22.32 20.21
C LEU H 205 8.32 23.63 20.79
N GLN H 206 9.49 23.59 21.44
CA GLN H 206 10.04 24.81 22.00
C GLN H 206 10.42 25.80 20.90
N LEU H 207 10.82 25.29 19.73
CA LEU H 207 11.16 26.12 18.59
C LEU H 207 9.97 26.60 17.79
N HIS H 208 8.81 25.94 17.87
CA HIS H 208 7.68 26.19 16.99
C HIS H 208 6.37 26.51 17.67
N TYR H 209 6.31 26.58 18.99
CA TYR H 209 5.00 26.66 19.63
C TYR H 209 4.30 27.99 19.34
N HIS H 210 5.03 29.08 19.10
CA HIS H 210 4.35 30.33 18.79
C HIS H 210 3.54 30.21 17.51
N ASN H 211 4.16 29.66 16.45
CA ASN H 211 3.46 29.54 15.17
C ASN H 211 2.34 28.52 15.27
N LEU H 212 2.57 27.45 16.03
CA LEU H 212 1.58 26.40 16.14
C LEU H 212 0.37 26.87 16.92
N ARG H 213 0.60 27.63 17.99
CA ARG H 213 -0.53 28.17 18.73
C ARG H 213 -1.40 29.06 17.83
N ASN H 214 -0.79 29.83 16.92
CA ASN H 214 -1.56 30.65 15.97
C ASN H 214 -2.34 29.79 14.99
N GLU H 215 -1.68 28.78 14.41
CA GLU H 215 -2.34 27.96 13.39
C GLU H 215 -3.55 27.24 13.96
N TRP H 216 -3.51 26.87 15.24
CA TRP H 216 -4.54 26.03 15.83
C TRP H 216 -5.53 26.75 16.73
N THR H 217 -5.27 27.99 17.15
CA THR H 217 -6.34 28.75 17.78
C THR H 217 -7.15 29.49 16.73
N LYS H 218 -6.47 30.12 15.78
CA LYS H 218 -7.12 30.72 14.63
C LYS H 218 -7.97 29.67 13.93
C1 PEG I . -42.12 -18.57 14.39
O1 PEG I . -43.29 -18.34 13.61
C2 PEG I . -40.91 -17.81 13.91
O2 PEG I . -40.93 -17.78 12.50
C3 PEG I . -39.71 -17.35 11.95
C4 PEG I . -39.89 -16.03 11.28
O4 PEG I . -38.69 -15.70 10.62
C1 PEG J . -12.02 -26.10 30.70
O1 PEG J . -10.94 -25.23 30.46
C2 PEG J . -12.17 -27.06 29.54
O2 PEG J . -13.36 -26.80 28.84
C3 PEG J . -13.76 -27.85 27.99
C4 PEG J . -13.66 -27.46 26.54
O4 PEG J . -13.08 -28.52 25.78
C1 PEG K . 18.49 8.48 -8.72
O1 PEG K . 19.81 8.48 -8.24
C2 PEG K . 17.66 7.40 -8.08
O2 PEG K . 16.43 7.22 -8.75
C3 PEG K . 16.59 6.49 -9.95
C4 PEG K . 15.29 6.03 -10.53
O4 PEG K . 15.55 5.54 -11.83
C1 PEG L . 40.59 25.06 19.49
O1 PEG L . 41.20 24.40 20.58
C2 PEG L . 39.84 26.28 19.96
O2 PEG L . 39.89 27.27 18.98
C3 PEG L . 39.58 28.56 19.43
C4 PEG L . 40.62 29.55 18.95
O4 PEG L . 40.66 29.57 17.53
#